data_4JZO
#
_entry.id   4JZO
#
_cell.length_a   75.940
_cell.length_b   77.330
_cell.length_c   85.820
_cell.angle_alpha   92.10
_cell.angle_beta   107.62
_cell.angle_gamma   90.24
#
_symmetry.space_group_name_H-M   'P 1'
#
loop_
_entity.id
_entity.type
_entity.pdbx_description
1 polymer 'Anti-HCV E2 Fab HC84-27 heavy chain'
2 polymer 'Anti-HCV E2 Fab HC84-27 light chain'
3 polymer 'Envelope glycoprotein E2'
4 water water
#
loop_
_entity_poly.entity_id
_entity_poly.type
_entity_poly.pdbx_seq_one_letter_code
_entity_poly.pdbx_strand_id
1 'polypeptide(L)'
;QVTLKESGAEVKKPGSSVKVSCEASGGTLSNYVITWVRQAPGQGLEWMGGFIPTFRTAMYAQGFQGRVTITADESTSIAY
MELTNLRSEDTAVYYCARGPLSRGYYDYWGQGTLVTVSSASTKGPSVFPLAPSSKSTSGGTAALGCLVKDYFPEPVTVSW
NSGALTSGVHTFPAVLQSSGLYSLSSVVTVPSSSLGTQTYICNVNHKPSNTKVDKKAEPKSCDKLEDDDDKAGWSHPQFE
KGGGSGGGSGGGSWSHPQFEK
;
A,C,D,G
2 'polypeptide(L)'
;RSSYVLTQPPSVSVSPGQTARITCSGDKLGDKYASWYQQKPGQSPVLVIYQDNKRPSEIPARFSGSNSGNTATLTISGAQ
AMDEADYYCQAWDSNTGVFGTGTKLTVLRTVAAPSVFIFPPSDEQLKSGTASVVCLLNNFYPREAKVQWKVDNALQSGNS
QESVTEQDSKDSTYSLSSTLTLSKADYEKHKVYACEVTHQGLSSPVTKSFNRGEC
;
B,E,F,H
3 'polypeptide(L)' NTGWLAGLFYQHK I,J,K,L
#
# COMPACT_ATOMS: atom_id res chain seq x y z
N GLN A 1 -22.00 -3.44 -24.50
CA GLN A 1 -21.32 -2.26 -24.98
C GLN A 1 -21.10 -2.36 -26.49
N VAL A 2 -21.31 -1.23 -27.22
CA VAL A 2 -20.98 -1.16 -28.66
C VAL A 2 -19.46 -1.44 -28.78
N THR A 3 -19.05 -2.30 -29.73
CA THR A 3 -17.63 -2.61 -29.94
C THR A 3 -17.18 -1.99 -31.26
N LEU A 4 -16.11 -1.21 -31.20
CA LEU A 4 -15.52 -0.58 -32.37
C LEU A 4 -14.30 -1.38 -32.74
N LYS A 5 -14.31 -2.02 -33.93
CA LYS A 5 -13.20 -2.83 -34.40
C LYS A 5 -12.44 -2.10 -35.48
N GLU A 6 -11.13 -1.94 -35.28
CA GLU A 6 -10.28 -1.24 -36.26
C GLU A 6 -9.40 -2.22 -37.05
N SER A 7 -9.04 -1.84 -38.29
CA SER A 7 -8.19 -2.63 -39.18
C SER A 7 -6.78 -2.85 -38.59
N GLY A 8 -6.06 -3.82 -39.14
CA GLY A 8 -4.73 -4.24 -38.67
C GLY A 8 -3.63 -3.22 -38.81
N ALA A 9 -2.55 -3.40 -38.01
CA ALA A 9 -1.36 -2.55 -38.00
C ALA A 9 -0.72 -2.50 -39.40
N GLU A 10 -0.22 -1.34 -39.81
CA GLU A 10 0.38 -1.22 -41.14
C GLU A 10 1.65 -0.39 -41.21
N VAL A 11 2.53 -0.75 -42.17
CA VAL A 11 3.75 -0.01 -42.47
C VAL A 11 3.50 0.72 -43.79
N LYS A 12 3.79 2.01 -43.80
CA LYS A 12 3.56 2.88 -44.96
C LYS A 12 4.79 3.72 -45.25
N LYS A 13 5.04 3.99 -46.53
CA LYS A 13 6.19 4.80 -46.96
C LYS A 13 5.90 6.28 -46.78
N PRO A 14 6.91 7.12 -46.47
CA PRO A 14 6.62 8.55 -46.33
C PRO A 14 6.17 9.13 -47.68
N GLY A 15 5.19 10.02 -47.63
CA GLY A 15 4.60 10.62 -48.83
C GLY A 15 3.38 9.88 -49.31
N SER A 16 3.19 8.63 -48.88
CA SER A 16 2.03 7.84 -49.26
C SER A 16 0.74 8.17 -48.44
N SER A 17 -0.28 7.32 -48.57
CA SER A 17 -1.58 7.52 -47.91
C SER A 17 -1.99 6.25 -47.17
N VAL A 18 -2.68 6.41 -46.02
CA VAL A 18 -3.18 5.27 -45.22
C VAL A 18 -4.70 5.41 -45.04
N LYS A 19 -5.43 4.28 -45.06
CA LYS A 19 -6.87 4.30 -44.79
C LYS A 19 -7.18 3.29 -43.65
N VAL A 20 -7.70 3.80 -42.53
CA VAL A 20 -8.04 2.95 -41.36
C VAL A 20 -9.55 2.80 -41.27
N SER A 21 -10.04 1.56 -41.13
CA SER A 21 -11.48 1.30 -40.97
C SER A 21 -11.83 1.15 -39.49
N CYS A 22 -13.09 1.48 -39.15
CA CYS A 22 -13.64 1.38 -37.80
CA CYS A 22 -13.66 1.46 -37.80
C CYS A 22 -15.08 0.85 -37.86
N GLU A 23 -15.19 -0.46 -37.65
CA GLU A 23 -16.46 -1.19 -37.70
C GLU A 23 -17.19 -1.19 -36.34
N ALA A 24 -18.44 -0.67 -36.33
CA ALA A 24 -19.25 -0.69 -35.14
C ALA A 24 -20.01 -2.03 -35.14
N SER A 25 -19.68 -2.93 -34.17
CA SER A 25 -20.32 -4.23 -33.99
C SER A 25 -21.16 -4.23 -32.73
N GLY A 26 -22.47 -4.34 -32.92
CA GLY A 26 -23.45 -4.32 -31.83
C GLY A 26 -23.95 -2.91 -31.56
N GLY A 27 -23.96 -2.09 -32.60
CA GLY A 27 -24.39 -0.71 -32.52
C GLY A 27 -24.36 0.01 -33.85
N THR A 28 -24.72 1.29 -33.82
CA THR A 28 -24.79 2.15 -34.98
C THR A 28 -23.88 3.38 -34.83
N LEU A 29 -23.55 3.99 -35.98
CA LEU A 29 -22.78 5.23 -36.07
C LEU A 29 -23.71 6.40 -36.44
N SER A 30 -25.00 6.09 -36.69
CA SER A 30 -26.06 7.05 -37.06
C SER A 30 -26.58 7.73 -35.81
N ASN A 31 -26.73 9.07 -35.88
CA ASN A 31 -27.14 9.99 -34.81
C ASN A 31 -26.04 10.12 -33.74
N TYR A 32 -24.79 9.84 -34.14
CA TYR A 32 -23.59 9.90 -33.30
C TYR A 32 -22.43 10.63 -33.98
N VAL A 33 -21.43 11.04 -33.18
CA VAL A 33 -20.22 11.67 -33.68
C VAL A 33 -19.11 10.61 -33.72
N ILE A 34 -18.50 10.40 -34.89
CA ILE A 34 -17.38 9.48 -35.00
C ILE A 34 -16.08 10.32 -35.08
N THR A 35 -15.17 10.11 -34.15
CA THR A 35 -13.94 10.90 -34.09
C THR A 35 -12.69 10.04 -34.14
N TRP A 36 -11.61 10.61 -34.66
CA TRP A 36 -10.33 9.93 -34.77
C TRP A 36 -9.34 10.65 -33.90
N VAL A 37 -8.59 9.90 -33.12
CA VAL A 37 -7.61 10.41 -32.15
C VAL A 37 -6.33 9.59 -32.36
N ARG A 38 -5.16 10.23 -32.32
CA ARG A 38 -3.93 9.45 -32.48
C ARG A 38 -2.99 9.59 -31.32
N GLN A 39 -2.10 8.61 -31.17
CA GLN A 39 -1.12 8.63 -30.09
C GLN A 39 0.21 8.08 -30.58
N ALA A 40 1.22 8.96 -30.65
CA ALA A 40 2.59 8.60 -31.03
C ALA A 40 3.19 7.86 -29.83
N PRO A 41 4.08 6.85 -30.08
CA PRO A 41 4.63 6.05 -28.96
C PRO A 41 5.21 6.87 -27.83
N GLY A 42 4.80 6.55 -26.60
CA GLY A 42 5.22 7.25 -25.40
C GLY A 42 4.71 8.69 -25.31
N GLN A 43 3.77 9.07 -26.18
CA GLN A 43 3.25 10.45 -26.19
C GLN A 43 1.78 10.50 -25.81
N GLY A 44 1.20 11.69 -25.87
CA GLY A 44 -0.20 11.93 -25.53
C GLY A 44 -1.19 11.74 -26.66
N LEU A 45 -2.47 11.92 -26.31
CA LEU A 45 -3.62 11.83 -27.23
C LEU A 45 -3.75 13.14 -28.00
N GLU A 46 -4.03 13.04 -29.29
CA GLU A 46 -4.19 14.16 -30.19
C GLU A 46 -5.43 13.97 -31.03
N TRP A 47 -6.40 14.91 -30.90
CA TRP A 47 -7.68 14.90 -31.62
C TRP A 47 -7.43 15.31 -33.07
N MET A 48 -7.90 14.49 -34.01
CA MET A 48 -7.71 14.74 -35.42
C MET A 48 -8.91 15.40 -36.06
N GLY A 49 -10.09 14.87 -35.72
CA GLY A 49 -11.34 15.39 -36.26
C GLY A 49 -12.52 14.50 -35.94
N GLY A 50 -13.68 14.96 -36.33
CA GLY A 50 -14.96 14.27 -36.12
C GLY A 50 -15.86 14.31 -37.33
N PHE A 51 -16.80 13.39 -37.38
CA PHE A 51 -17.75 13.32 -38.46
C PHE A 51 -19.09 12.84 -37.96
N ILE A 52 -20.16 13.46 -38.43
CA ILE A 52 -21.52 13.02 -38.11
C ILE A 52 -22.09 12.36 -39.39
N PRO A 53 -22.19 11.00 -39.45
CA PRO A 53 -22.71 10.37 -40.68
C PRO A 53 -24.08 10.89 -41.13
N THR A 54 -25.06 10.97 -40.22
CA THR A 54 -26.42 11.45 -40.48
C THR A 54 -26.50 12.86 -41.09
N PHE A 55 -25.74 13.83 -40.55
CA PHE A 55 -25.72 15.20 -41.07
C PHE A 55 -24.62 15.44 -42.12
N ARG A 56 -23.86 14.37 -42.49
CA ARG A 56 -22.77 14.36 -43.46
C ARG A 56 -21.75 15.53 -43.32
N THR A 57 -21.48 15.92 -42.07
CA THR A 57 -20.60 17.04 -41.73
C THR A 57 -19.40 16.63 -40.91
N ALA A 58 -18.20 16.96 -41.38
CA ALA A 58 -16.95 16.71 -40.64
C ALA A 58 -16.37 18.03 -40.06
N MET A 59 -15.51 17.93 -39.04
CA MET A 59 -14.80 19.06 -38.44
C MET A 59 -13.39 18.53 -38.10
N TYR A 60 -12.38 19.10 -38.79
CA TYR A 60 -11.00 18.65 -38.65
C TYR A 60 -10.15 19.62 -37.89
N ALA A 61 -9.19 19.12 -37.10
CA ALA A 61 -8.24 19.96 -36.39
C ALA A 61 -7.49 20.77 -37.45
N GLN A 62 -7.38 22.10 -37.24
CA GLN A 62 -6.76 23.06 -38.15
C GLN A 62 -5.42 22.58 -38.73
N GLY A 63 -4.68 21.79 -37.95
CA GLY A 63 -3.40 21.21 -38.34
C GLY A 63 -3.48 19.99 -39.22
N PHE A 64 -4.65 19.33 -39.33
CA PHE A 64 -4.86 18.14 -40.17
C PHE A 64 -5.69 18.46 -41.42
N GLN A 65 -6.34 19.65 -41.43
CA GLN A 65 -7.20 20.17 -42.50
C GLN A 65 -6.47 20.14 -43.86
N GLY A 66 -7.07 19.46 -44.83
CA GLY A 66 -6.54 19.29 -46.18
C GLY A 66 -5.69 18.05 -46.36
N ARG A 67 -5.41 17.33 -45.26
CA ARG A 67 -4.58 16.11 -45.26
C ARG A 67 -5.37 14.88 -44.74
N VAL A 68 -6.48 15.11 -44.01
CA VAL A 68 -7.27 14.04 -43.45
C VAL A 68 -8.70 14.04 -44.03
N THR A 69 -9.33 12.85 -44.10
CA THR A 69 -10.69 12.63 -44.59
C THR A 69 -11.35 11.57 -43.71
N ILE A 70 -12.51 11.89 -43.12
CA ILE A 70 -13.32 10.98 -42.30
C ILE A 70 -14.60 10.70 -43.05
N THR A 71 -14.86 9.43 -43.36
CA THR A 71 -16.05 9.00 -44.11
C THR A 71 -16.77 7.85 -43.38
N ALA A 72 -17.99 7.47 -43.85
CA ALA A 72 -18.76 6.36 -43.26
C ALA A 72 -19.66 5.69 -44.28
N ASP A 73 -19.86 4.37 -44.16
CA ASP A 73 -20.78 3.63 -45.05
C ASP A 73 -21.98 3.14 -44.24
N GLU A 74 -23.17 3.70 -44.56
CA GLU A 74 -24.46 3.46 -43.91
C GLU A 74 -24.94 2.01 -43.75
N SER A 75 -24.79 1.22 -44.81
CA SER A 75 -25.20 -0.19 -44.84
C SER A 75 -24.29 -1.11 -44.01
N THR A 76 -23.03 -0.73 -43.83
CA THR A 76 -22.08 -1.56 -43.11
C THR A 76 -21.79 -1.09 -41.67
N SER A 77 -22.20 0.16 -41.30
CA SER A 77 -21.93 0.85 -40.02
C SER A 77 -20.41 0.88 -39.72
N ILE A 78 -19.64 1.22 -40.78
CA ILE A 78 -18.17 1.30 -40.75
C ILE A 78 -17.74 2.72 -41.11
N ALA A 79 -16.88 3.30 -40.24
CA ALA A 79 -16.28 4.61 -40.43
C ALA A 79 -14.87 4.39 -40.96
N TYR A 80 -14.38 5.35 -41.73
CA TYR A 80 -13.05 5.31 -42.31
C TYR A 80 -12.31 6.64 -42.10
N MET A 81 -11.00 6.57 -41.91
CA MET A 81 -10.15 7.74 -41.82
C MET A 81 -9.07 7.56 -42.87
N GLU A 82 -8.83 8.58 -43.67
CA GLU A 82 -7.72 8.59 -44.64
C GLU A 82 -6.79 9.75 -44.32
N LEU A 83 -5.52 9.43 -44.11
CA LEU A 83 -4.47 10.43 -43.86
C LEU A 83 -3.50 10.33 -45.07
N THR A 84 -3.35 11.43 -45.82
CA THR A 84 -2.46 11.46 -46.98
C THR A 84 -1.13 12.15 -46.64
N ASN A 85 -0.19 12.19 -47.62
CA ASN A 85 1.12 12.83 -47.52
C ASN A 85 1.80 12.49 -46.19
N LEU A 86 1.93 11.19 -45.91
CA LEU A 86 2.48 10.66 -44.66
C LEU A 86 3.93 11.11 -44.36
N ARG A 87 4.20 11.50 -43.12
CA ARG A 87 5.55 11.88 -42.65
C ARG A 87 5.95 10.99 -41.45
N SER A 88 7.28 10.85 -41.16
CA SER A 88 7.74 10.02 -40.06
C SER A 88 6.97 10.26 -38.76
N GLU A 89 6.63 11.55 -38.49
CA GLU A 89 5.89 12.02 -37.32
C GLU A 89 4.42 11.52 -37.26
N ASP A 90 3.90 10.92 -38.36
CA ASP A 90 2.57 10.31 -38.43
C ASP A 90 2.56 8.91 -37.84
N THR A 91 3.75 8.33 -37.48
CA THR A 91 3.87 7.02 -36.80
C THR A 91 3.13 7.15 -35.45
N ALA A 92 2.02 6.39 -35.32
CA ALA A 92 1.18 6.48 -34.14
C ALA A 92 0.15 5.39 -34.11
N VAL A 93 -0.52 5.25 -32.94
CA VAL A 93 -1.69 4.40 -32.77
C VAL A 93 -2.92 5.31 -33.12
N TYR A 94 -3.73 4.88 -34.07
CA TYR A 94 -4.89 5.65 -34.50
C TYR A 94 -6.13 5.04 -33.87
N TYR A 95 -6.86 5.82 -33.09
CA TYR A 95 -8.08 5.37 -32.42
C TYR A 95 -9.31 6.00 -33.02
N CYS A 96 -10.34 5.19 -33.11
CA CYS A 96 -11.65 5.68 -33.49
CA CYS A 96 -11.67 5.59 -33.52
C CYS A 96 -12.47 5.69 -32.21
N ALA A 97 -13.35 6.68 -32.05
CA ALA A 97 -14.17 6.81 -30.86
C ALA A 97 -15.54 7.38 -31.23
N ARG A 98 -16.57 6.94 -30.50
CA ARG A 98 -17.94 7.39 -30.70
C ARG A 98 -18.39 8.16 -29.47
N GLY A 99 -19.19 9.19 -29.71
CA GLY A 99 -19.74 10.04 -28.67
C GLY A 99 -21.09 10.58 -29.06
N PRO A 100 -21.87 11.12 -28.09
CA PRO A 100 -23.19 11.66 -28.44
C PRO A 100 -23.11 12.97 -29.23
N LEU A 101 -24.20 13.29 -29.96
CA LEU A 101 -24.34 14.56 -30.69
C LEU A 101 -24.43 15.69 -29.69
N SER A 102 -23.82 16.84 -30.03
CA SER A 102 -23.82 18.06 -29.20
C SER A 102 -23.25 17.86 -27.79
N ARG A 103 -22.33 16.89 -27.66
CA ARG A 103 -21.64 16.51 -26.43
C ARG A 103 -20.23 16.07 -26.88
N GLY A 104 -19.23 16.87 -26.54
CA GLY A 104 -17.85 16.64 -27.00
C GLY A 104 -16.99 15.68 -26.21
N TYR A 105 -17.58 14.59 -25.70
CA TYR A 105 -16.93 13.51 -24.99
C TYR A 105 -17.12 12.19 -25.76
N TYR A 106 -16.23 11.21 -25.50
CA TYR A 106 -16.21 9.91 -26.18
C TYR A 106 -16.29 8.76 -25.22
N ASP A 107 -17.43 8.06 -25.28
CA ASP A 107 -17.74 6.95 -24.37
C ASP A 107 -17.35 5.58 -24.89
N TYR A 108 -17.11 5.44 -26.21
CA TYR A 108 -16.71 4.16 -26.79
C TYR A 108 -15.52 4.34 -27.69
N TRP A 109 -14.47 3.53 -27.48
CA TRP A 109 -13.23 3.60 -28.25
C TRP A 109 -12.89 2.25 -28.83
N GLY A 110 -12.25 2.26 -29.99
CA GLY A 110 -11.75 1.07 -30.64
C GLY A 110 -10.44 0.66 -29.98
N GLN A 111 -9.87 -0.47 -30.42
CA GLN A 111 -8.63 -0.99 -29.88
C GLN A 111 -7.34 -0.24 -30.35
N GLY A 112 -7.47 0.56 -31.40
CA GLY A 112 -6.37 1.32 -31.98
C GLY A 112 -5.68 0.53 -33.07
N THR A 113 -5.07 1.24 -34.03
CA THR A 113 -4.30 0.69 -35.17
C THR A 113 -2.94 1.37 -35.18
N LEU A 114 -1.85 0.59 -35.10
CA LEU A 114 -0.52 1.16 -35.16
C LEU A 114 -0.14 1.31 -36.65
N VAL A 115 0.09 2.56 -37.11
CA VAL A 115 0.50 2.89 -38.47
C VAL A 115 1.92 3.39 -38.34
N THR A 116 2.89 2.64 -38.89
CA THR A 116 4.29 3.01 -38.91
C THR A 116 4.60 3.63 -40.29
N VAL A 117 5.25 4.80 -40.27
CA VAL A 117 5.61 5.51 -41.51
C VAL A 117 7.11 5.41 -41.63
N SER A 118 7.58 4.55 -42.54
CA SER A 118 9.00 4.25 -42.74
C SER A 118 9.36 3.84 -44.17
N SER A 119 10.60 4.13 -44.55
CA SER A 119 11.22 3.77 -45.84
C SER A 119 11.87 2.40 -45.66
N ALA A 120 12.12 1.99 -44.39
CA ALA A 120 12.79 0.74 -44.06
C ALA A 120 11.99 -0.49 -44.40
N SER A 121 12.72 -1.57 -44.71
CA SER A 121 12.16 -2.85 -45.10
C SER A 121 11.56 -3.63 -43.94
N THR A 122 10.46 -4.37 -44.17
CA THR A 122 9.85 -5.26 -43.18
C THR A 122 10.80 -6.43 -42.97
N LYS A 123 10.97 -6.85 -41.71
CA LYS A 123 11.86 -7.95 -41.33
C LYS A 123 11.26 -8.69 -40.13
N GLY A 124 11.19 -10.01 -40.27
CA GLY A 124 10.67 -10.92 -39.26
C GLY A 124 11.70 -11.14 -38.18
N PRO A 125 11.26 -11.38 -36.92
CA PRO A 125 12.25 -11.57 -35.85
C PRO A 125 12.94 -12.92 -35.82
N SER A 126 14.11 -12.97 -35.18
CA SER A 126 14.78 -14.22 -34.88
C SER A 126 14.39 -14.48 -33.41
N VAL A 127 13.91 -15.69 -33.08
CA VAL A 127 13.44 -15.99 -31.72
C VAL A 127 14.41 -16.93 -31.00
N PHE A 128 15.02 -16.46 -29.90
CA PHE A 128 15.97 -17.29 -29.16
C PHE A 128 15.48 -17.55 -27.73
N PRO A 129 15.68 -18.78 -27.21
CA PRO A 129 15.23 -19.04 -25.83
C PRO A 129 16.18 -18.45 -24.79
N LEU A 130 15.62 -18.04 -23.64
CA LEU A 130 16.36 -17.55 -22.50
C LEU A 130 16.11 -18.61 -21.46
N ALA A 131 17.14 -19.39 -21.16
CA ALA A 131 17.06 -20.45 -20.16
C ALA A 131 18.22 -20.25 -19.16
N PRO A 132 18.07 -20.55 -17.85
CA PRO A 132 19.22 -20.41 -16.94
C PRO A 132 20.35 -21.39 -17.28
N SER A 133 21.55 -21.11 -16.76
CA SER A 133 22.76 -21.91 -16.90
C SER A 133 22.89 -22.85 -15.70
N SER A 138 19.88 -19.79 -8.72
CA SER A 138 18.44 -19.66 -8.45
C SER A 138 17.94 -20.76 -7.51
N GLY A 139 17.18 -20.35 -6.49
CA GLY A 139 16.60 -21.21 -5.45
C GLY A 139 15.33 -21.91 -5.84
N GLY A 140 14.19 -21.40 -5.37
CA GLY A 140 12.86 -21.95 -5.61
C GLY A 140 12.17 -21.44 -6.85
N THR A 141 12.63 -20.31 -7.37
CA THR A 141 12.03 -19.70 -8.57
C THR A 141 13.06 -19.59 -9.68
N ALA A 142 12.64 -19.92 -10.88
CA ALA A 142 13.50 -19.80 -12.06
C ALA A 142 12.78 -18.93 -13.07
N ALA A 143 13.53 -18.35 -13.97
CA ALA A 143 13.00 -17.53 -15.02
C ALA A 143 13.38 -18.15 -16.35
N LEU A 144 12.43 -18.20 -17.27
CA LEU A 144 12.61 -18.65 -18.65
C LEU A 144 12.11 -17.50 -19.50
N GLY A 145 12.48 -17.48 -20.75
CA GLY A 145 12.03 -16.40 -21.61
C GLY A 145 12.44 -16.56 -23.04
N CYS A 146 12.00 -15.63 -23.86
CA CYS A 146 12.30 -15.63 -25.28
CA CYS A 146 12.35 -15.64 -25.26
C CYS A 146 12.77 -14.27 -25.75
N LEU A 147 13.91 -14.25 -26.44
CA LEU A 147 14.53 -13.04 -26.98
C LEU A 147 14.08 -12.93 -28.45
N VAL A 148 13.26 -11.90 -28.76
CA VAL A 148 12.68 -11.61 -30.07
C VAL A 148 13.53 -10.47 -30.66
N LYS A 149 14.54 -10.82 -31.46
CA LYS A 149 15.56 -9.92 -31.98
C LYS A 149 15.44 -9.57 -33.46
N ASP A 150 15.90 -8.35 -33.80
CA ASP A 150 16.05 -7.83 -35.17
C ASP A 150 14.78 -7.90 -36.04
N TYR A 151 13.70 -7.20 -35.61
CA TYR A 151 12.46 -7.13 -36.38
C TYR A 151 12.05 -5.68 -36.71
N PHE A 152 11.26 -5.54 -37.75
CA PHE A 152 10.75 -4.24 -38.17
C PHE A 152 9.51 -4.40 -39.03
N PRO A 153 8.46 -3.58 -38.85
CA PRO A 153 8.25 -2.59 -37.78
C PRO A 153 7.66 -3.25 -36.53
N GLU A 154 7.15 -2.41 -35.64
CA GLU A 154 6.37 -2.82 -34.49
C GLU A 154 4.91 -3.01 -35.04
N PRO A 155 4.08 -3.89 -34.46
CA PRO A 155 4.30 -4.68 -33.24
C PRO A 155 4.60 -6.17 -33.47
N VAL A 156 4.98 -6.80 -32.39
CA VAL A 156 5.22 -8.23 -32.23
C VAL A 156 4.34 -8.66 -31.02
N THR A 157 3.58 -9.77 -31.14
CA THR A 157 2.81 -10.29 -30.00
C THR A 157 3.49 -11.57 -29.56
N VAL A 158 3.57 -11.78 -28.24
CA VAL A 158 4.20 -12.93 -27.61
C VAL A 158 3.22 -13.57 -26.65
N SER A 159 3.04 -14.89 -26.74
CA SER A 159 2.19 -15.61 -25.79
C SER A 159 2.93 -16.84 -25.31
N TRP A 160 2.47 -17.41 -24.18
CA TRP A 160 3.12 -18.59 -23.62
C TRP A 160 2.11 -19.71 -23.57
N ASN A 161 2.46 -20.86 -24.16
CA ASN A 161 1.61 -22.06 -24.23
C ASN A 161 0.26 -21.77 -24.89
N SER A 162 0.32 -21.07 -26.04
CA SER A 162 -0.80 -20.60 -26.88
C SER A 162 -1.81 -19.70 -26.13
N GLY A 163 -1.33 -19.01 -25.10
CA GLY A 163 -2.16 -18.11 -24.31
C GLY A 163 -2.66 -18.69 -23.00
N ALA A 164 -2.44 -20.00 -22.77
CA ALA A 164 -2.87 -20.67 -21.51
C ALA A 164 -2.05 -20.14 -20.32
N LEU A 165 -0.77 -19.81 -20.54
CA LEU A 165 0.08 -19.29 -19.48
C LEU A 165 0.13 -17.74 -19.53
N THR A 166 -0.40 -17.09 -18.49
CA THR A 166 -0.48 -15.63 -18.41
C THR A 166 0.11 -15.09 -17.12
N SER A 167 -0.05 -15.83 -16.01
CA SER A 167 0.45 -15.41 -14.71
C SER A 167 1.99 -15.52 -14.64
N GLY A 168 2.64 -14.49 -14.10
CA GLY A 168 4.11 -14.44 -14.01
C GLY A 168 4.78 -14.00 -15.30
N VAL A 169 4.00 -13.65 -16.34
CA VAL A 169 4.49 -13.21 -17.65
C VAL A 169 4.80 -11.70 -17.68
N HIS A 170 6.01 -11.36 -18.19
CA HIS A 170 6.43 -9.98 -18.43
C HIS A 170 6.96 -9.87 -19.86
N THR A 171 6.25 -9.15 -20.72
CA THR A 171 6.70 -8.85 -22.06
C THR A 171 7.19 -7.40 -22.04
N PHE A 172 8.48 -7.20 -22.21
CA PHE A 172 9.10 -5.88 -22.11
C PHE A 172 8.87 -5.01 -23.33
N PRO A 173 8.77 -3.66 -23.15
CA PRO A 173 8.66 -2.78 -24.32
C PRO A 173 9.86 -3.01 -25.27
N ALA A 174 9.63 -3.00 -26.59
CA ALA A 174 10.72 -3.21 -27.55
C ALA A 174 11.74 -2.08 -27.46
N VAL A 175 13.03 -2.41 -27.65
CA VAL A 175 14.07 -1.40 -27.68
C VAL A 175 14.55 -1.24 -29.12
N LEU A 176 14.83 0.01 -29.55
CA LEU A 176 15.34 0.26 -30.89
C LEU A 176 16.86 0.12 -30.87
N GLN A 177 17.38 -0.83 -31.65
CA GLN A 177 18.81 -1.07 -31.73
C GLN A 177 19.47 -0.04 -32.64
N SER A 178 20.81 0.08 -32.55
CA SER A 178 21.59 1.03 -33.36
C SER A 178 21.47 0.74 -34.87
N SER A 179 21.08 -0.50 -35.23
CA SER A 179 20.85 -0.97 -36.60
C SER A 179 19.50 -0.47 -37.14
N GLY A 180 18.63 0.02 -36.26
CA GLY A 180 17.31 0.50 -36.65
C GLY A 180 16.24 -0.57 -36.56
N LEU A 181 16.65 -1.78 -36.10
CA LEU A 181 15.76 -2.92 -35.91
C LEU A 181 15.32 -3.03 -34.43
N TYR A 182 14.15 -3.60 -34.20
CA TYR A 182 13.60 -3.76 -32.85
C TYR A 182 14.01 -5.09 -32.22
N SER A 183 14.09 -5.08 -30.91
CA SER A 183 14.45 -6.22 -30.11
C SER A 183 13.59 -6.11 -28.85
N LEU A 184 13.12 -7.27 -28.39
CA LEU A 184 12.19 -7.38 -27.30
C LEU A 184 12.50 -8.67 -26.55
N SER A 185 12.17 -8.73 -25.27
CA SER A 185 12.25 -9.96 -24.50
C SER A 185 10.91 -10.21 -23.78
N SER A 186 10.60 -11.48 -23.54
CA SER A 186 9.37 -11.89 -22.83
C SER A 186 9.77 -12.96 -21.88
N VAL A 187 9.52 -12.75 -20.58
CA VAL A 187 9.91 -13.69 -19.53
C VAL A 187 8.74 -14.25 -18.70
N VAL A 188 8.94 -15.41 -18.12
CA VAL A 188 7.99 -16.04 -17.22
C VAL A 188 8.76 -16.59 -16.01
N THR A 189 8.26 -16.35 -14.81
CA THR A 189 8.89 -16.92 -13.63
C THR A 189 8.06 -18.13 -13.25
N VAL A 190 8.76 -19.25 -13.01
CA VAL A 190 8.15 -20.54 -12.68
C VAL A 190 8.86 -21.19 -11.51
N PRO A 191 8.22 -22.19 -10.84
CA PRO A 191 8.96 -22.94 -9.79
C PRO A 191 10.12 -23.71 -10.41
N SER A 192 11.30 -23.67 -9.79
CA SER A 192 12.49 -24.39 -10.25
C SER A 192 12.24 -25.90 -10.53
N SER A 193 11.41 -26.55 -9.70
CA SER A 193 11.02 -27.97 -9.84
C SER A 193 10.26 -28.30 -11.14
N SER A 194 9.57 -27.31 -11.69
CA SER A 194 8.79 -27.44 -12.91
C SER A 194 9.66 -27.62 -14.18
N LEU A 195 10.97 -27.26 -14.09
CA LEU A 195 11.96 -27.40 -15.18
C LEU A 195 12.40 -28.87 -15.24
N GLY A 196 11.50 -29.71 -15.70
CA GLY A 196 11.72 -31.14 -15.78
C GLY A 196 10.43 -31.91 -15.71
N THR A 197 9.32 -31.20 -15.45
CA THR A 197 7.98 -31.76 -15.38
C THR A 197 7.00 -31.02 -16.30
N GLN A 198 7.38 -29.77 -16.72
CA GLN A 198 6.50 -28.95 -17.57
C GLN A 198 7.15 -28.32 -18.79
N THR A 199 6.32 -28.07 -19.83
CA THR A 199 6.74 -27.46 -21.09
C THR A 199 6.33 -25.99 -21.17
N TYR A 200 7.30 -25.14 -21.53
CA TYR A 200 7.11 -23.71 -21.69
C TYR A 200 7.50 -23.34 -23.10
N ILE A 201 6.50 -22.96 -23.90
CA ILE A 201 6.65 -22.57 -25.29
C ILE A 201 6.20 -21.15 -25.49
N CYS A 202 7.10 -20.29 -26.02
CA CYS A 202 6.75 -18.91 -26.34
CA CYS A 202 6.76 -18.90 -26.32
C CYS A 202 6.31 -18.84 -27.80
N ASN A 203 5.14 -18.27 -28.04
CA ASN A 203 4.58 -18.14 -29.40
C ASN A 203 4.74 -16.68 -29.83
N VAL A 204 5.46 -16.43 -30.92
CA VAL A 204 5.73 -15.10 -31.44
C VAL A 204 5.04 -14.92 -32.78
N ASN A 205 4.29 -13.83 -32.91
CA ASN A 205 3.61 -13.50 -34.16
C ASN A 205 3.95 -12.07 -34.56
N HIS A 206 4.43 -11.91 -35.79
CA HIS A 206 4.78 -10.62 -36.37
C HIS A 206 3.97 -10.48 -37.66
N LYS A 207 2.76 -9.93 -37.54
CA LYS A 207 1.82 -9.73 -38.66
C LYS A 207 2.43 -8.98 -39.87
N PRO A 208 3.18 -7.85 -39.72
CA PRO A 208 3.75 -7.18 -40.92
C PRO A 208 4.58 -8.04 -41.87
N SER A 209 5.27 -9.08 -41.35
CA SER A 209 6.07 -10.00 -42.16
C SER A 209 5.40 -11.37 -42.23
N ASN A 210 4.17 -11.49 -41.67
CA ASN A 210 3.38 -12.73 -41.57
C ASN A 210 4.20 -13.93 -41.05
N THR A 211 5.02 -13.66 -40.00
CA THR A 211 5.90 -14.59 -39.29
C THR A 211 5.19 -15.09 -38.02
N LYS A 212 5.29 -16.41 -37.76
CA LYS A 212 4.74 -17.10 -36.60
C LYS A 212 5.80 -18.10 -36.17
N VAL A 213 6.37 -17.91 -34.95
CA VAL A 213 7.42 -18.78 -34.40
C VAL A 213 7.00 -19.31 -33.02
N ASP A 214 7.13 -20.62 -32.79
CA ASP A 214 6.88 -21.23 -31.48
C ASP A 214 8.24 -21.72 -31.00
N LYS A 215 8.68 -21.30 -29.80
CA LYS A 215 10.01 -21.69 -29.31
C LYS A 215 9.94 -22.19 -27.87
N LYS A 216 10.48 -23.41 -27.63
CA LYS A 216 10.56 -24.03 -26.31
C LYS A 216 11.77 -23.49 -25.54
N ALA A 217 11.55 -23.05 -24.29
CA ALA A 217 12.66 -22.55 -23.46
C ALA A 217 12.99 -23.64 -22.43
N GLU A 218 14.08 -24.39 -22.68
CA GLU A 218 14.48 -25.50 -21.80
C GLU A 218 15.86 -25.25 -21.16
N PRO A 219 16.09 -25.69 -19.90
CA PRO A 219 17.39 -25.44 -19.26
C PRO A 219 18.43 -26.48 -19.66
N SER B 3 -2.62 28.66 -30.24
CA SER B 3 -2.80 27.28 -29.76
C SER B 3 -3.25 27.23 -28.31
N TYR B 4 -4.18 26.31 -28.00
CA TYR B 4 -4.64 26.13 -26.62
C TYR B 4 -3.86 25.00 -25.99
N VAL B 5 -3.31 25.25 -24.79
CA VAL B 5 -2.55 24.26 -24.05
C VAL B 5 -3.26 23.91 -22.74
N LEU B 6 -3.43 22.61 -22.51
CA LEU B 6 -4.00 22.11 -21.26
C LEU B 6 -2.84 21.43 -20.49
N THR B 7 -2.38 22.08 -19.43
CA THR B 7 -1.25 21.62 -18.66
C THR B 7 -1.65 20.72 -17.49
N GLN B 8 -1.00 19.55 -17.38
CA GLN B 8 -1.18 18.54 -16.34
C GLN B 8 0.22 18.19 -15.77
N PRO B 9 0.34 17.89 -14.46
CA PRO B 9 1.65 17.47 -13.93
C PRO B 9 2.09 16.13 -14.56
N PRO B 10 3.36 15.98 -15.01
CA PRO B 10 3.73 14.68 -15.66
C PRO B 10 3.52 13.42 -14.79
N SER B 11 3.71 13.55 -13.48
CA SER B 11 3.53 12.44 -12.58
C SER B 11 2.93 12.84 -11.25
N VAL B 12 2.10 11.94 -10.71
CA VAL B 12 1.42 12.06 -9.44
C VAL B 12 1.54 10.70 -8.77
N SER B 13 1.89 10.70 -7.50
CA SER B 13 2.01 9.51 -6.66
C SER B 13 0.93 9.53 -5.59
N VAL B 14 0.43 8.36 -5.21
CA VAL B 14 -0.57 8.19 -4.16
C VAL B 14 -0.24 6.98 -3.33
N SER B 15 -0.37 7.11 -2.01
CA SER B 15 -0.23 5.96 -1.12
C SER B 15 -1.58 5.24 -1.24
N PRO B 16 -1.66 3.90 -1.15
CA PRO B 16 -2.98 3.23 -1.22
C PRO B 16 -3.97 3.73 -0.14
N GLY B 17 -5.21 3.91 -0.53
CA GLY B 17 -6.25 4.38 0.37
C GLY B 17 -6.37 5.89 0.44
N GLN B 18 -5.34 6.61 -0.04
CA GLN B 18 -5.34 8.07 0.03
C GLN B 18 -6.00 8.69 -1.20
N THR B 19 -5.99 10.01 -1.29
CA THR B 19 -6.68 10.74 -2.34
C THR B 19 -5.74 11.30 -3.38
N ALA B 20 -5.95 10.92 -4.64
CA ALA B 20 -5.18 11.46 -5.74
C ALA B 20 -5.97 12.59 -6.36
N ARG B 21 -5.29 13.72 -6.59
CA ARG B 21 -5.86 14.89 -7.25
C ARG B 21 -4.99 15.20 -8.47
N ILE B 22 -5.58 15.09 -9.67
CA ILE B 22 -4.87 15.36 -10.91
C ILE B 22 -5.46 16.61 -11.49
N THR B 23 -4.62 17.64 -11.63
CA THR B 23 -5.05 18.93 -12.17
C THR B 23 -4.79 19.04 -13.66
N CYS B 24 -5.62 19.92 -14.25
CA CYS B 24 -5.54 20.29 -15.64
CA CYS B 24 -5.67 20.25 -15.68
C CYS B 24 -5.73 21.77 -15.69
N SER B 25 -4.72 22.45 -16.20
CA SER B 25 -4.70 23.92 -16.23
C SER B 25 -4.84 24.49 -17.63
N GLY B 26 -5.81 25.36 -17.80
CA GLY B 26 -6.09 26.00 -19.09
C GLY B 26 -6.62 27.39 -18.89
N ASP B 27 -6.53 28.23 -19.93
CA ASP B 27 -6.95 29.62 -19.86
C ASP B 27 -8.39 29.95 -19.46
N LYS B 28 -9.40 29.50 -20.22
CA LYS B 28 -10.77 29.83 -19.82
C LYS B 28 -11.51 28.55 -19.39
N LEU B 29 -10.76 27.62 -18.77
CA LEU B 29 -11.20 26.28 -18.39
C LEU B 29 -12.54 26.17 -17.68
N GLY B 30 -12.75 26.99 -16.64
CA GLY B 30 -14.00 27.03 -15.91
C GLY B 30 -15.21 27.29 -16.80
N ASP B 31 -15.01 28.00 -17.95
CA ASP B 31 -16.05 28.32 -18.94
C ASP B 31 -16.31 27.19 -19.94
N LYS B 32 -15.51 26.12 -19.88
CA LYS B 32 -15.59 24.95 -20.76
C LYS B 32 -16.00 23.72 -19.97
N TYR B 33 -16.64 22.74 -20.64
CA TYR B 33 -16.97 21.48 -20.01
C TYR B 33 -15.74 20.59 -20.20
N ALA B 34 -15.17 20.10 -19.07
CA ALA B 34 -13.98 19.23 -19.05
C ALA B 34 -14.40 17.75 -18.99
N SER B 35 -13.60 16.90 -19.67
CA SER B 35 -13.76 15.45 -19.71
C SER B 35 -12.44 14.83 -19.24
N TRP B 36 -12.50 13.60 -18.76
CA TRP B 36 -11.33 12.90 -18.27
C TRP B 36 -11.33 11.49 -18.77
N TYR B 37 -10.13 11.04 -19.24
CA TYR B 37 -9.92 9.71 -19.76
C TYR B 37 -8.81 8.99 -19.02
N GLN B 38 -9.00 7.68 -18.80
CA GLN B 38 -8.06 6.81 -18.13
C GLN B 38 -7.51 5.87 -19.17
N GLN B 39 -6.17 5.79 -19.27
CA GLN B 39 -5.56 4.87 -20.20
C GLN B 39 -4.49 4.00 -19.52
N LYS B 40 -4.79 2.70 -19.43
CA LYS B 40 -3.85 1.73 -18.82
C LYS B 40 -2.80 1.30 -19.86
N PRO B 41 -1.56 0.94 -19.43
CA PRO B 41 -0.52 0.55 -20.43
C PRO B 41 -1.00 -0.48 -21.48
N GLY B 42 -0.81 -0.13 -22.76
CA GLY B 42 -1.22 -0.96 -23.89
C GLY B 42 -2.72 -1.11 -24.12
N GLN B 43 -3.55 -0.24 -23.52
CA GLN B 43 -5.01 -0.30 -23.66
C GLN B 43 -5.56 1.01 -24.27
N SER B 44 -6.82 0.99 -24.71
CA SER B 44 -7.55 2.16 -25.23
C SER B 44 -7.96 3.07 -24.05
N PRO B 45 -8.18 4.40 -24.29
CA PRO B 45 -8.69 5.27 -23.23
C PRO B 45 -10.10 4.88 -22.82
N VAL B 46 -10.44 5.18 -21.55
CA VAL B 46 -11.74 4.94 -20.94
C VAL B 46 -12.24 6.30 -20.39
N LEU B 47 -13.48 6.71 -20.73
CA LEU B 47 -14.12 7.92 -20.22
C LEU B 47 -14.42 7.70 -18.73
N VAL B 48 -13.95 8.60 -17.85
CA VAL B 48 -14.13 8.45 -16.41
C VAL B 48 -14.99 9.54 -15.80
N ILE B 49 -14.99 10.71 -16.44
CA ILE B 49 -15.72 11.93 -16.13
C ILE B 49 -16.03 12.70 -17.41
N TYR B 50 -17.25 13.25 -17.47
CA TYR B 50 -17.69 14.10 -18.56
C TYR B 50 -18.48 15.26 -17.94
N GLN B 51 -18.61 16.38 -18.69
CA GLN B 51 -19.32 17.60 -18.24
C GLN B 51 -18.86 18.03 -16.83
N ASP B 52 -17.53 18.11 -16.64
CA ASP B 52 -16.80 18.47 -15.41
C ASP B 52 -16.91 17.48 -14.24
N ASN B 53 -18.11 16.94 -13.94
CA ASN B 53 -18.31 16.09 -12.75
C ASN B 53 -19.26 14.91 -12.90
N LYS B 54 -19.73 14.64 -14.13
CA LYS B 54 -20.62 13.49 -14.34
C LYS B 54 -19.81 12.24 -14.53
N ARG B 55 -20.31 11.13 -14.04
CA ARG B 55 -19.64 9.84 -14.07
C ARG B 55 -20.41 8.82 -14.93
N PRO B 56 -19.76 8.14 -15.90
CA PRO B 56 -20.45 7.06 -16.65
C PRO B 56 -20.80 5.89 -15.73
N SER B 57 -21.86 5.13 -16.09
CA SER B 57 -22.41 4.01 -15.30
C SER B 57 -21.38 3.06 -14.67
N GLU B 58 -20.42 2.60 -15.49
CA GLU B 58 -19.40 1.64 -15.12
C GLU B 58 -18.23 2.22 -14.29
N ILE B 59 -18.31 3.52 -13.91
CA ILE B 59 -17.22 4.20 -13.16
C ILE B 59 -17.41 4.33 -11.64
N PRO B 60 -16.53 3.69 -10.80
CA PRO B 60 -16.69 3.78 -9.32
C PRO B 60 -16.88 5.20 -8.78
N ALA B 61 -17.72 5.32 -7.75
CA ALA B 61 -18.06 6.63 -7.14
C ALA B 61 -16.87 7.36 -6.50
N ARG B 62 -15.73 6.66 -6.35
CA ARG B 62 -14.49 7.23 -5.82
C ARG B 62 -13.82 8.20 -6.83
N PHE B 63 -14.30 8.21 -8.08
CA PHE B 63 -13.84 9.12 -9.13
C PHE B 63 -14.76 10.32 -9.14
N SER B 64 -14.19 11.51 -9.01
CA SER B 64 -14.98 12.74 -9.05
C SER B 64 -14.24 13.84 -9.81
N GLY B 65 -15.00 14.80 -10.32
CA GLY B 65 -14.46 15.92 -11.06
C GLY B 65 -15.00 17.24 -10.59
N SER B 66 -14.27 18.30 -10.94
CA SER B 66 -14.62 19.68 -10.62
C SER B 66 -13.86 20.53 -11.62
N ASN B 67 -14.43 21.67 -11.99
CA ASN B 67 -13.82 22.62 -12.90
C ASN B 67 -14.20 24.06 -12.48
N SER B 68 -13.19 24.88 -12.11
CA SER B 68 -13.39 26.27 -11.67
C SER B 68 -12.21 27.14 -12.06
N GLY B 69 -12.54 28.34 -12.54
CA GLY B 69 -11.56 29.34 -12.96
C GLY B 69 -10.71 28.85 -14.12
N ASN B 70 -9.45 28.52 -13.83
CA ASN B 70 -8.50 28.05 -14.85
C ASN B 70 -8.10 26.58 -14.65
N THR B 71 -8.77 25.85 -13.73
CA THR B 71 -8.37 24.50 -13.38
C THR B 71 -9.51 23.48 -13.24
N ALA B 72 -9.35 22.33 -13.87
CA ALA B 72 -10.26 21.20 -13.67
C ALA B 72 -9.46 20.23 -12.84
N THR B 73 -10.11 19.42 -12.01
CA THR B 73 -9.45 18.46 -11.15
C THR B 73 -10.16 17.14 -11.22
N LEU B 74 -9.39 16.06 -11.33
CA LEU B 74 -9.91 14.72 -11.24
C LEU B 74 -9.48 14.23 -9.86
N THR B 75 -10.43 13.80 -9.06
CA THR B 75 -10.21 13.29 -7.72
C THR B 75 -10.48 11.79 -7.67
N ILE B 76 -9.50 11.04 -7.13
CA ILE B 76 -9.63 9.61 -6.94
C ILE B 76 -9.44 9.36 -5.45
N SER B 77 -10.56 9.17 -4.74
CA SER B 77 -10.58 8.86 -3.31
C SER B 77 -10.24 7.40 -3.17
N GLY B 78 -9.60 7.02 -2.06
CA GLY B 78 -9.21 5.64 -1.78
C GLY B 78 -8.54 4.98 -2.97
N ALA B 79 -7.42 5.59 -3.47
CA ALA B 79 -6.68 5.10 -4.61
C ALA B 79 -6.17 3.68 -4.36
N GLN B 80 -6.29 2.84 -5.40
CA GLN B 80 -5.90 1.43 -5.43
C GLN B 80 -4.96 1.20 -6.60
N ALA B 81 -4.27 0.04 -6.59
CA ALA B 81 -3.38 -0.45 -7.66
C ALA B 81 -4.12 -0.46 -9.02
N MET B 82 -5.42 -0.73 -8.97
CA MET B 82 -6.41 -0.75 -10.05
C MET B 82 -6.42 0.61 -10.80
N ASP B 83 -5.99 1.68 -10.12
CA ASP B 83 -6.06 3.04 -10.67
C ASP B 83 -4.79 3.50 -11.38
N GLU B 84 -3.76 2.66 -11.45
CA GLU B 84 -2.47 2.94 -12.11
C GLU B 84 -2.71 3.07 -13.59
N ALA B 85 -2.48 4.26 -14.14
CA ALA B 85 -2.75 4.59 -15.52
C ALA B 85 -2.26 6.00 -15.83
N ASP B 86 -2.40 6.39 -17.10
CA ASP B 86 -2.19 7.72 -17.57
C ASP B 86 -3.62 8.32 -17.62
N TYR B 87 -3.77 9.59 -17.20
CA TYR B 87 -5.06 10.31 -17.16
C TYR B 87 -4.94 11.54 -18.02
N TYR B 88 -5.93 11.75 -18.88
CA TYR B 88 -5.95 12.88 -19.79
C TYR B 88 -7.21 13.70 -19.60
N CYS B 89 -7.04 15.02 -19.45
CA CYS B 89 -8.16 15.97 -19.37
CA CYS B 89 -8.10 16.02 -19.35
C CYS B 89 -8.45 16.35 -20.81
N GLN B 90 -9.67 16.80 -21.08
CA GLN B 90 -10.07 17.14 -22.46
C GLN B 90 -11.17 18.22 -22.43
N ALA B 91 -10.98 19.30 -23.20
CA ALA B 91 -11.95 20.38 -23.35
C ALA B 91 -11.83 20.94 -24.76
N TRP B 92 -12.90 21.61 -25.20
CA TRP B 92 -12.98 22.22 -26.52
C TRP B 92 -12.58 23.70 -26.53
N ASP B 93 -11.84 24.09 -27.55
CA ASP B 93 -11.40 25.46 -27.76
C ASP B 93 -11.27 25.68 -29.26
N SER B 94 -11.85 26.82 -29.77
CA SER B 94 -11.80 27.24 -31.19
C SER B 94 -12.24 26.09 -32.12
N ASN B 95 -13.31 25.37 -31.73
CA ASN B 95 -13.88 24.23 -32.46
C ASN B 95 -12.95 23.01 -32.55
N THR B 96 -12.03 22.86 -31.60
CA THR B 96 -11.11 21.70 -31.60
C THR B 96 -11.05 21.01 -30.23
N GLY B 97 -11.14 19.68 -30.27
CA GLY B 97 -10.96 18.85 -29.09
C GLY B 97 -9.51 18.96 -28.70
N VAL B 98 -9.26 19.31 -27.45
CA VAL B 98 -7.91 19.48 -26.94
C VAL B 98 -7.72 18.53 -25.77
N PHE B 99 -6.74 17.64 -25.88
CA PHE B 99 -6.40 16.78 -24.76
C PHE B 99 -5.29 17.44 -23.97
N GLY B 100 -5.31 17.23 -22.68
CA GLY B 100 -4.27 17.74 -21.80
C GLY B 100 -2.97 16.97 -21.97
N THR B 101 -1.92 17.46 -21.30
CA THR B 101 -0.56 16.95 -21.31
C THR B 101 -0.39 15.47 -20.86
N GLY B 102 -1.32 14.99 -20.01
CA GLY B 102 -1.27 13.63 -19.48
C GLY B 102 -0.46 13.50 -18.20
N THR B 103 -0.98 12.70 -17.29
CA THR B 103 -0.35 12.47 -15.99
C THR B 103 -0.30 10.97 -15.83
N LYS B 104 0.86 10.45 -15.44
CA LYS B 104 1.01 9.06 -15.04
C LYS B 104 0.74 9.02 -13.51
N LEU B 105 -0.22 8.22 -13.10
CA LEU B 105 -0.50 8.07 -11.69
C LEU B 105 0.20 6.81 -11.19
N THR B 106 1.17 6.97 -10.26
CA THR B 106 1.89 5.88 -9.61
C THR B 106 1.25 5.62 -8.25
N VAL B 107 0.91 4.35 -7.96
CA VAL B 107 0.32 3.94 -6.66
C VAL B 107 1.41 3.22 -5.91
N LEU B 108 1.87 3.84 -4.79
CA LEU B 108 2.94 3.40 -3.90
C LEU B 108 2.61 2.09 -3.25
N ARG B 109 3.64 1.37 -2.87
CA ARG B 109 3.59 0.10 -2.14
C ARG B 109 4.89 0.02 -1.32
N THR B 110 5.08 -1.07 -0.57
CA THR B 110 6.30 -1.27 0.21
C THR B 110 7.46 -1.61 -0.72
N VAL B 111 8.67 -1.27 -0.30
CA VAL B 111 9.89 -1.58 -1.02
C VAL B 111 10.00 -3.10 -1.24
N ALA B 112 10.31 -3.51 -2.48
CA ALA B 112 10.52 -4.91 -2.85
C ALA B 112 11.83 -4.95 -3.63
N ALA B 113 12.80 -5.71 -3.12
CA ALA B 113 14.08 -5.89 -3.79
C ALA B 113 13.86 -6.77 -5.04
N PRO B 114 14.59 -6.55 -6.18
CA PRO B 114 14.38 -7.41 -7.34
C PRO B 114 14.96 -8.80 -7.17
N SER B 115 14.37 -9.77 -7.85
CA SER B 115 14.89 -11.12 -8.00
C SER B 115 15.75 -10.98 -9.28
N VAL B 116 17.02 -11.39 -9.23
CA VAL B 116 17.96 -11.24 -10.35
C VAL B 116 18.24 -12.56 -11.05
N PHE B 117 18.17 -12.56 -12.40
CA PHE B 117 18.45 -13.73 -13.25
C PHE B 117 19.36 -13.33 -14.42
N ILE B 118 20.32 -14.18 -14.77
CA ILE B 118 21.20 -13.96 -15.90
C ILE B 118 20.98 -15.09 -16.93
N PHE B 119 20.88 -14.75 -18.21
CA PHE B 119 20.66 -15.73 -19.31
C PHE B 119 21.81 -15.66 -20.30
N PRO B 120 22.55 -16.78 -20.46
CA PRO B 120 23.61 -16.80 -21.48
C PRO B 120 23.00 -16.81 -22.90
N PRO B 121 23.76 -16.40 -23.95
CA PRO B 121 23.20 -16.51 -25.31
C PRO B 121 22.92 -17.96 -25.72
N SER B 122 21.88 -18.19 -26.51
CA SER B 122 21.54 -19.52 -27.02
C SER B 122 22.60 -19.97 -28.07
N ASP B 123 22.72 -21.30 -28.29
CA ASP B 123 23.65 -21.87 -29.30
C ASP B 123 23.24 -21.36 -30.70
N GLU B 124 21.91 -21.37 -30.97
CA GLU B 124 21.27 -20.91 -32.20
C GLU B 124 21.73 -19.48 -32.53
N GLN B 125 21.82 -18.58 -31.53
CA GLN B 125 22.27 -17.20 -31.79
C GLN B 125 23.79 -17.14 -32.07
N LEU B 126 24.61 -17.96 -31.36
CA LEU B 126 26.06 -18.00 -31.59
C LEU B 126 26.43 -18.42 -33.03
N LYS B 127 25.59 -19.26 -33.65
CA LYS B 127 25.71 -19.71 -35.05
C LYS B 127 25.42 -18.55 -36.03
N SER B 128 24.74 -17.48 -35.55
CA SER B 128 24.38 -16.33 -36.38
C SER B 128 25.48 -15.28 -36.47
N GLY B 129 26.37 -15.23 -35.47
CA GLY B 129 27.47 -14.28 -35.44
C GLY B 129 27.51 -13.30 -34.28
N THR B 130 26.44 -13.27 -33.47
CA THR B 130 26.26 -12.34 -32.34
C THR B 130 25.94 -13.08 -31.04
N ALA B 131 26.19 -12.43 -29.92
CA ALA B 131 25.90 -12.97 -28.60
C ALA B 131 25.17 -11.93 -27.78
N SER B 132 23.94 -12.25 -27.35
CA SER B 132 23.15 -11.37 -26.50
C SER B 132 23.05 -11.99 -25.11
N VAL B 133 23.57 -11.29 -24.10
CA VAL B 133 23.50 -11.77 -22.72
C VAL B 133 22.37 -10.96 -22.08
N VAL B 134 21.44 -11.64 -21.41
CA VAL B 134 20.27 -10.98 -20.85
C VAL B 134 20.22 -11.05 -19.32
N CYS B 135 19.98 -9.89 -18.70
CA CYS B 135 19.77 -9.81 -17.27
C CYS B 135 18.35 -9.37 -16.96
N LEU B 136 17.65 -10.16 -16.14
CA LEU B 136 16.30 -9.83 -15.68
C LEU B 136 16.28 -9.44 -14.19
N LEU B 137 15.62 -8.30 -13.89
CA LEU B 137 15.36 -7.79 -12.55
C LEU B 137 13.84 -7.88 -12.41
N ASN B 138 13.35 -8.86 -11.66
CA ASN B 138 11.93 -9.09 -11.56
C ASN B 138 11.27 -8.57 -10.29
N ASN B 139 10.05 -8.05 -10.43
CA ASN B 139 9.16 -7.61 -9.31
C ASN B 139 9.81 -6.75 -8.21
N PHE B 140 10.26 -5.54 -8.55
CA PHE B 140 10.84 -4.59 -7.60
C PHE B 140 9.99 -3.30 -7.48
N TYR B 141 10.23 -2.59 -6.39
CA TYR B 141 9.65 -1.30 -6.10
C TYR B 141 10.59 -0.58 -5.10
N PRO B 142 10.88 0.74 -5.31
CA PRO B 142 10.47 1.62 -6.43
C PRO B 142 11.20 1.30 -7.75
N ARG B 143 10.89 2.06 -8.81
CA ARG B 143 11.43 1.94 -10.17
C ARG B 143 12.97 2.10 -10.30
N GLU B 144 13.59 2.88 -9.42
CA GLU B 144 15.02 3.20 -9.45
C GLU B 144 15.90 2.00 -9.15
N ALA B 145 16.71 1.60 -10.13
CA ALA B 145 17.61 0.45 -10.07
C ALA B 145 18.75 0.66 -11.03
N LYS B 146 19.94 0.15 -10.69
CA LYS B 146 21.14 0.25 -11.53
C LYS B 146 21.65 -1.15 -11.87
N VAL B 147 21.85 -1.39 -13.16
CA VAL B 147 22.36 -2.65 -13.72
C VAL B 147 23.72 -2.30 -14.30
N GLN B 148 24.75 -3.01 -13.85
CA GLN B 148 26.12 -2.80 -14.30
C GLN B 148 26.64 -4.12 -14.88
N TRP B 149 26.99 -4.13 -16.18
CA TRP B 149 27.54 -5.32 -16.83
C TRP B 149 29.06 -5.38 -16.62
N LYS B 150 29.58 -6.57 -16.28
CA LYS B 150 31.02 -6.81 -16.08
C LYS B 150 31.42 -8.08 -16.81
N VAL B 151 32.36 -7.95 -17.74
CA VAL B 151 32.91 -9.05 -18.53
C VAL B 151 34.37 -9.21 -18.09
N ASP B 152 34.71 -10.33 -17.42
CA ASP B 152 36.04 -10.61 -16.85
C ASP B 152 36.48 -9.47 -15.91
N ASN B 153 35.56 -9.06 -15.01
CA ASN B 153 35.70 -7.98 -14.01
C ASN B 153 35.87 -6.58 -14.65
N ALA B 154 35.60 -6.45 -15.97
CA ALA B 154 35.72 -5.18 -16.68
C ALA B 154 34.33 -4.56 -16.95
N LEU B 155 34.11 -3.35 -16.39
CA LEU B 155 32.91 -2.51 -16.49
C LEU B 155 32.59 -2.23 -17.97
N GLN B 156 31.40 -2.68 -18.42
CA GLN B 156 30.97 -2.47 -19.81
C GLN B 156 30.27 -1.15 -19.96
N SER B 157 30.33 -0.56 -21.16
CA SER B 157 29.70 0.72 -21.48
C SER B 157 29.45 0.82 -23.00
N GLY B 158 28.24 1.26 -23.36
CA GLY B 158 27.82 1.46 -24.73
C GLY B 158 27.36 0.23 -25.48
N ASN B 159 27.44 -0.96 -24.86
CA ASN B 159 27.06 -2.20 -25.52
C ASN B 159 25.80 -2.87 -24.90
N SER B 160 25.02 -2.10 -24.12
CA SER B 160 23.80 -2.60 -23.51
C SER B 160 22.61 -1.66 -23.65
N GLN B 161 21.41 -2.24 -23.68
CA GLN B 161 20.15 -1.51 -23.71
C GLN B 161 19.21 -2.11 -22.69
N GLU B 162 18.35 -1.30 -22.09
CA GLU B 162 17.39 -1.75 -21.10
C GLU B 162 15.99 -1.30 -21.38
N SER B 163 15.03 -1.98 -20.76
CA SER B 163 13.61 -1.75 -20.93
C SER B 163 12.95 -2.06 -19.58
N VAL B 164 12.03 -1.18 -19.13
CA VAL B 164 11.29 -1.35 -17.87
C VAL B 164 9.79 -1.44 -18.17
N THR B 165 9.09 -2.39 -17.51
CA THR B 165 7.64 -2.56 -17.63
C THR B 165 6.99 -1.44 -16.84
N GLU B 166 5.68 -1.22 -17.05
CA GLU B 166 4.91 -0.27 -16.23
C GLU B 166 4.56 -1.04 -14.97
N GLN B 167 4.12 -0.38 -13.92
CA GLN B 167 3.68 -1.02 -12.67
C GLN B 167 2.64 -2.14 -12.95
N ASP B 168 2.81 -3.29 -12.26
CA ASP B 168 1.88 -4.41 -12.35
C ASP B 168 0.51 -4.05 -11.73
N SER B 169 -0.60 -4.43 -12.42
CA SER B 169 -2.00 -4.09 -12.07
C SER B 169 -2.50 -4.60 -10.72
N LYS B 170 -1.91 -5.70 -10.26
CA LYS B 170 -2.18 -6.34 -8.99
C LYS B 170 -1.11 -6.02 -7.91
N ASP B 171 0.19 -6.42 -8.12
CA ASP B 171 1.19 -6.13 -7.09
C ASP B 171 1.94 -4.77 -7.12
N SER B 172 1.72 -3.92 -8.12
CA SER B 172 2.31 -2.57 -8.19
C SER B 172 3.85 -2.49 -8.31
N THR B 173 4.46 -3.57 -8.79
CA THR B 173 5.90 -3.66 -9.01
C THR B 173 6.28 -3.40 -10.45
N TYR B 174 7.61 -3.32 -10.71
CA TYR B 174 8.24 -3.13 -12.01
C TYR B 174 9.13 -4.31 -12.23
N SER B 175 9.52 -4.52 -13.48
CA SER B 175 10.51 -5.51 -13.89
C SER B 175 11.33 -4.83 -14.91
N LEU B 176 12.61 -5.20 -14.98
CA LEU B 176 13.56 -4.60 -15.91
C LEU B 176 14.32 -5.71 -16.64
N SER B 177 14.57 -5.51 -17.94
CA SER B 177 15.35 -6.40 -18.78
C SER B 177 16.45 -5.61 -19.39
N SER B 178 17.69 -6.09 -19.29
CA SER B 178 18.88 -5.45 -19.87
C SER B 178 19.61 -6.47 -20.73
N THR B 179 19.98 -6.07 -21.96
CA THR B 179 20.66 -6.93 -22.92
C THR B 179 22.04 -6.37 -23.27
N LEU B 180 23.08 -7.19 -23.09
CA LEU B 180 24.45 -6.89 -23.46
C LEU B 180 24.72 -7.62 -24.79
N THR B 181 24.96 -6.85 -25.88
CA THR B 181 25.24 -7.43 -27.19
C THR B 181 26.71 -7.32 -27.58
N LEU B 182 27.31 -8.46 -27.88
CA LEU B 182 28.71 -8.63 -28.28
C LEU B 182 28.75 -9.44 -29.58
N SER B 183 29.86 -9.34 -30.31
CA SER B 183 30.06 -10.18 -31.50
C SER B 183 30.46 -11.55 -30.93
N LYS B 184 30.20 -12.64 -31.69
CA LYS B 184 30.59 -13.99 -31.29
C LYS B 184 32.10 -14.04 -30.94
N ALA B 185 32.94 -13.33 -31.75
CA ALA B 185 34.39 -13.24 -31.59
C ALA B 185 34.79 -12.60 -30.25
N ASP B 186 34.15 -11.48 -29.86
CA ASP B 186 34.47 -10.82 -28.59
C ASP B 186 33.94 -11.64 -27.45
N TYR B 187 32.81 -12.35 -27.67
CA TYR B 187 32.19 -13.18 -26.66
C TYR B 187 33.06 -14.37 -26.24
N GLU B 188 33.74 -14.98 -27.21
CA GLU B 188 34.59 -16.15 -27.03
C GLU B 188 35.98 -15.83 -26.51
N LYS B 189 36.34 -14.55 -26.43
CA LYS B 189 37.62 -14.09 -25.88
C LYS B 189 37.52 -13.95 -24.35
N HIS B 190 36.33 -14.16 -23.76
CA HIS B 190 36.12 -13.95 -22.32
C HIS B 190 35.45 -15.08 -21.58
N LYS B 191 35.71 -15.17 -20.26
CA LYS B 191 35.13 -16.23 -19.41
C LYS B 191 33.90 -15.79 -18.58
N VAL B 192 34.10 -14.84 -17.63
CA VAL B 192 33.09 -14.39 -16.66
C VAL B 192 32.19 -13.27 -17.17
N TYR B 193 30.89 -13.56 -17.22
CA TYR B 193 29.85 -12.63 -17.64
C TYR B 193 28.99 -12.38 -16.42
N ALA B 194 28.98 -11.13 -15.97
CA ALA B 194 28.30 -10.74 -14.75
C ALA B 194 27.39 -9.52 -14.91
N CYS B 195 26.27 -9.61 -14.22
CA CYS B 195 25.21 -8.61 -14.11
C CYS B 195 25.22 -8.16 -12.62
N GLU B 196 25.62 -6.91 -12.31
CA GLU B 196 25.70 -6.38 -10.93
C GLU B 196 24.54 -5.39 -10.69
N VAL B 197 23.70 -5.69 -9.71
CA VAL B 197 22.45 -4.96 -9.43
C VAL B 197 22.42 -4.22 -8.09
N THR B 198 22.06 -2.93 -8.17
CA THR B 198 21.88 -1.99 -7.07
C THR B 198 20.41 -1.49 -7.07
N HIS B 199 19.80 -1.45 -5.88
CA HIS B 199 18.41 -1.03 -5.64
C HIS B 199 18.33 -0.73 -4.16
N GLN B 200 17.37 0.11 -3.76
CA GLN B 200 17.05 0.56 -2.39
C GLN B 200 16.89 -0.61 -1.43
N GLY B 201 16.24 -1.68 -1.90
CA GLY B 201 15.96 -2.87 -1.12
C GLY B 201 17.12 -3.83 -0.96
N LEU B 202 18.29 -3.51 -1.53
CA LEU B 202 19.49 -4.33 -1.45
C LEU B 202 20.57 -3.67 -0.60
N SER B 203 20.91 -4.32 0.52
CA SER B 203 21.94 -3.89 1.49
C SER B 203 23.32 -3.84 0.83
N SER B 204 23.57 -4.79 -0.08
CA SER B 204 24.79 -4.92 -0.87
C SER B 204 24.42 -5.17 -2.34
N PRO B 205 25.32 -4.88 -3.33
CA PRO B 205 24.99 -5.19 -4.73
C PRO B 205 24.85 -6.69 -4.97
N VAL B 206 23.87 -7.08 -5.79
CA VAL B 206 23.62 -8.49 -6.12
C VAL B 206 24.26 -8.77 -7.47
N THR B 207 25.20 -9.75 -7.51
CA THR B 207 25.85 -10.13 -8.75
C THR B 207 25.37 -11.51 -9.17
N LYS B 208 24.94 -11.62 -10.43
CA LYS B 208 24.58 -12.89 -11.05
C LYS B 208 25.55 -13.08 -12.20
N SER B 209 26.24 -14.22 -12.20
CA SER B 209 27.21 -14.50 -13.25
C SER B 209 27.18 -15.92 -13.79
N PHE B 210 27.91 -16.14 -14.88
CA PHE B 210 28.12 -17.47 -15.47
C PHE B 210 29.45 -17.42 -16.17
N ASN B 211 30.06 -18.59 -16.36
CA ASN B 211 31.31 -18.77 -17.09
C ASN B 211 30.93 -19.36 -18.44
N ARG B 212 31.39 -18.72 -19.52
CA ARG B 212 31.15 -19.16 -20.91
C ARG B 212 31.68 -20.61 -21.08
N GLY B 213 30.81 -21.48 -21.59
CA GLY B 213 31.09 -22.90 -21.77
C GLY B 213 30.44 -23.74 -20.70
N VAL C 2 -40.56 -26.51 -12.67
CA VAL C 2 -40.02 -26.26 -14.01
C VAL C 2 -38.50 -26.51 -13.98
N THR C 3 -37.95 -27.20 -15.00
CA THR C 3 -36.51 -27.45 -15.09
C THR C 3 -35.94 -26.64 -16.25
N LEU C 4 -34.88 -25.87 -15.99
CA LEU C 4 -34.19 -25.09 -17.02
C LEU C 4 -32.89 -25.82 -17.36
N LYS C 5 -32.77 -26.26 -18.62
CA LYS C 5 -31.59 -26.99 -19.07
C LYS C 5 -30.77 -26.11 -20.00
N GLU C 6 -29.48 -25.94 -19.68
CA GLU C 6 -28.54 -25.14 -20.49
C GLU C 6 -27.57 -25.98 -21.30
N SER C 7 -27.08 -25.44 -22.42
CA SER C 7 -26.11 -26.12 -23.30
C SER C 7 -24.75 -26.38 -22.63
N GLY C 8 -23.95 -27.26 -23.20
CA GLY C 8 -22.65 -27.67 -22.66
C GLY C 8 -21.56 -26.62 -22.60
N ALA C 9 -20.54 -26.87 -21.74
CA ALA C 9 -19.39 -25.99 -21.58
C ALA C 9 -18.62 -25.80 -22.89
N GLU C 10 -18.13 -24.58 -23.14
CA GLU C 10 -17.43 -24.28 -24.38
C GLU C 10 -16.23 -23.40 -24.26
N VAL C 11 -15.24 -23.62 -25.16
CA VAL C 11 -14.05 -22.79 -25.25
C VAL C 11 -14.23 -21.95 -26.52
N LYS C 12 -14.01 -20.65 -26.39
CA LYS C 12 -14.19 -19.71 -27.49
C LYS C 12 -12.97 -18.82 -27.62
N LYS C 13 -12.64 -18.46 -28.86
CA LYS C 13 -11.50 -17.62 -29.16
C LYS C 13 -11.84 -16.14 -28.92
N PRO C 14 -10.87 -15.31 -28.51
CA PRO C 14 -11.19 -13.88 -28.31
C PRO C 14 -11.65 -13.25 -29.63
N GLY C 15 -12.64 -12.37 -29.55
CA GLY C 15 -13.22 -11.69 -30.69
C GLY C 15 -14.39 -12.45 -31.29
N SER C 16 -14.57 -13.72 -30.92
CA SER C 16 -15.67 -14.51 -31.45
C SER C 16 -17.00 -14.29 -30.70
N SER C 17 -17.99 -15.12 -30.96
CA SER C 17 -19.31 -15.03 -30.37
C SER C 17 -19.73 -16.37 -29.76
N VAL C 18 -20.51 -16.34 -28.67
CA VAL C 18 -21.02 -17.55 -28.04
C VAL C 18 -22.55 -17.46 -27.97
N LYS C 19 -23.24 -18.59 -28.17
CA LYS C 19 -24.69 -18.64 -28.03
C LYS C 19 -25.05 -19.77 -27.05
N VAL C 20 -25.65 -19.41 -25.92
CA VAL C 20 -26.05 -20.38 -24.89
C VAL C 20 -27.57 -20.60 -24.96
N SER C 21 -28.01 -21.86 -24.93
CA SER C 21 -29.42 -22.19 -24.95
C SER C 21 -29.92 -22.43 -23.52
N CYS C 22 -31.23 -22.17 -23.28
CA CYS C 22 -31.91 -22.38 -22.01
C CYS C 22 -33.30 -22.98 -22.27
N GLU C 23 -33.38 -24.31 -22.22
CA GLU C 23 -34.60 -25.07 -22.46
C GLU C 23 -35.45 -25.24 -21.19
N ALA C 24 -36.71 -24.75 -21.23
CA ALA C 24 -37.67 -24.93 -20.14
C ALA C 24 -38.37 -26.28 -20.38
N SER C 25 -38.11 -27.25 -19.50
CA SER C 25 -38.72 -28.58 -19.57
C SER C 25 -39.70 -28.77 -18.42
N GLY C 26 -40.98 -28.88 -18.75
CA GLY C 26 -42.06 -29.03 -17.78
C GLY C 26 -42.65 -27.69 -17.37
N GLY C 27 -42.57 -26.73 -18.29
CA GLY C 27 -43.07 -25.38 -18.08
C GLY C 27 -42.94 -24.52 -19.32
N THR C 28 -43.33 -23.25 -19.17
CA THR C 28 -43.31 -22.26 -20.24
C THR C 28 -42.46 -21.03 -19.89
N LEU C 29 -42.07 -20.29 -20.93
CA LEU C 29 -41.32 -19.04 -20.80
C LEU C 29 -42.26 -17.85 -21.16
N SER C 30 -43.51 -18.18 -21.55
CA SER C 30 -44.55 -17.21 -21.90
C SER C 30 -45.21 -16.66 -20.62
N ASN C 31 -45.37 -15.33 -20.58
CA ASN C 31 -45.89 -14.53 -19.46
C ASN C 31 -44.89 -14.52 -18.28
N TYR C 32 -43.60 -14.72 -18.58
CA TYR C 32 -42.49 -14.74 -17.63
C TYR C 32 -41.30 -13.94 -18.12
N VAL C 33 -40.38 -13.61 -17.20
CA VAL C 33 -39.15 -12.90 -17.50
C VAL C 33 -38.03 -13.92 -17.52
N ILE C 34 -37.26 -13.96 -18.61
CA ILE C 34 -36.07 -14.81 -18.71
C ILE C 34 -34.85 -13.93 -18.55
N THR C 35 -34.04 -14.23 -17.52
CA THR C 35 -32.84 -13.48 -17.20
C THR C 35 -31.55 -14.30 -17.40
N TRP C 36 -30.46 -13.59 -17.76
CA TRP C 36 -29.13 -14.19 -17.87
C TRP C 36 -28.24 -13.53 -16.84
N VAL C 37 -27.59 -14.35 -16.02
CA VAL C 37 -26.69 -13.90 -14.96
C VAL C 37 -25.36 -14.66 -15.14
N ARG C 38 -24.22 -14.01 -14.98
CA ARG C 38 -22.95 -14.71 -15.11
C ARG C 38 -22.11 -14.66 -13.85
N GLN C 39 -21.19 -15.63 -13.72
CA GLN C 39 -20.29 -15.69 -12.58
C GLN C 39 -18.91 -16.12 -13.03
N ALA C 40 -17.94 -15.22 -12.92
CA ALA C 40 -16.53 -15.49 -13.22
C ALA C 40 -15.99 -16.36 -12.06
N PRO C 41 -15.06 -17.31 -12.33
CA PRO C 41 -14.57 -18.21 -11.26
C PRO C 41 -14.12 -17.49 -9.98
N GLY C 42 -14.64 -17.97 -8.85
CA GLY C 42 -14.39 -17.40 -7.53
C GLY C 42 -14.92 -15.99 -7.34
N GLN C 43 -15.77 -15.52 -8.26
CA GLN C 43 -16.32 -14.16 -8.18
C GLN C 43 -17.83 -14.18 -7.93
N GLY C 44 -18.45 -13.01 -7.95
CA GLY C 44 -19.87 -12.84 -7.67
C GLY C 44 -20.76 -12.94 -8.88
N LEU C 45 -22.07 -12.89 -8.62
CA LEU C 45 -23.15 -12.89 -9.62
C LEU C 45 -23.27 -11.52 -10.27
N GLU C 46 -23.40 -11.49 -11.60
CA GLU C 46 -23.52 -10.27 -12.39
C GLU C 46 -24.71 -10.42 -13.35
N TRP C 47 -25.72 -9.54 -13.21
CA TRP C 47 -26.93 -9.50 -14.01
C TRP C 47 -26.60 -8.94 -15.37
N MET C 48 -26.96 -9.68 -16.42
CA MET C 48 -26.67 -9.28 -17.79
C MET C 48 -27.83 -8.59 -18.48
N GLY C 49 -29.02 -9.03 -18.18
CA GLY C 49 -30.22 -8.49 -18.80
C GLY C 49 -31.37 -9.45 -18.66
N GLY C 50 -32.54 -8.93 -18.97
CA GLY C 50 -33.75 -9.72 -18.94
C GLY C 50 -34.47 -9.60 -20.26
N PHE C 51 -35.43 -10.49 -20.48
CA PHE C 51 -36.23 -10.50 -21.68
C PHE C 51 -37.58 -11.12 -21.38
N ILE C 52 -38.70 -10.53 -21.92
CA ILE C 52 -40.05 -11.11 -21.81
C ILE C 52 -40.48 -11.67 -23.19
N PRO C 53 -40.51 -13.02 -23.40
CA PRO C 53 -40.87 -13.57 -24.75
C PRO C 53 -42.24 -13.15 -25.26
N THR C 54 -43.25 -13.27 -24.41
CA THR C 54 -44.64 -12.88 -24.62
C THR C 54 -44.79 -11.48 -25.24
N PHE C 55 -43.93 -10.55 -24.83
CA PHE C 55 -43.95 -9.16 -25.27
C PHE C 55 -42.70 -8.74 -26.02
N ARG C 56 -41.81 -9.71 -26.37
CA ARG C 56 -40.53 -9.48 -27.09
C ARG C 56 -39.80 -8.16 -26.65
N THR C 57 -39.79 -7.88 -25.35
CA THR C 57 -39.09 -6.73 -24.79
C THR C 57 -37.94 -7.26 -23.97
N ALA C 58 -36.79 -6.61 -24.10
CA ALA C 58 -35.56 -6.96 -23.41
C ALA C 58 -34.97 -5.75 -22.72
N MET C 59 -34.30 -5.98 -21.60
CA MET C 59 -33.63 -4.89 -20.88
C MET C 59 -32.21 -5.35 -20.50
N TYR C 60 -31.21 -4.64 -21.00
CA TYR C 60 -29.83 -5.03 -20.78
C TYR C 60 -29.08 -4.08 -19.91
N ALA C 61 -28.17 -4.63 -19.09
CA ALA C 61 -27.29 -3.85 -18.24
C ALA C 61 -26.60 -2.82 -19.17
N GLN C 62 -26.62 -1.50 -18.81
CA GLN C 62 -25.97 -0.49 -19.67
C GLN C 62 -24.58 -0.96 -20.14
N GLY C 63 -23.85 -1.64 -19.25
CA GLY C 63 -22.52 -2.20 -19.51
C GLY C 63 -22.50 -3.43 -20.40
N PHE C 64 -23.68 -3.96 -20.78
CA PHE C 64 -23.79 -5.12 -21.69
C PHE C 64 -24.52 -4.80 -22.99
N GLN C 65 -25.29 -3.69 -23.01
CA GLN C 65 -26.09 -3.14 -24.11
C GLN C 65 -25.35 -3.20 -25.45
N GLY C 66 -25.92 -3.92 -26.43
CA GLY C 66 -25.32 -4.09 -27.75
C GLY C 66 -24.54 -5.39 -27.95
N ARG C 67 -23.67 -5.73 -26.96
CA ARG C 67 -22.86 -6.96 -26.99
C ARG C 67 -23.68 -8.22 -26.72
N VAL C 68 -24.74 -8.08 -25.91
CA VAL C 68 -25.63 -9.17 -25.50
C VAL C 68 -27.00 -9.11 -26.19
N THR C 69 -27.53 -10.29 -26.56
CA THR C 69 -28.82 -10.45 -27.22
C THR C 69 -29.51 -11.64 -26.57
N ILE C 70 -30.75 -11.47 -26.13
CA ILE C 70 -31.57 -12.54 -25.56
C ILE C 70 -32.74 -12.74 -26.48
N THR C 71 -32.90 -13.98 -26.97
CA THR C 71 -34.00 -14.34 -27.86
C THR C 71 -34.70 -15.58 -27.32
N ALA C 72 -35.84 -15.92 -27.91
CA ALA C 72 -36.60 -17.11 -27.52
C ALA C 72 -37.27 -17.74 -28.74
N ASP C 73 -37.34 -19.07 -28.73
CA ASP C 73 -38.00 -19.90 -29.74
C ASP C 73 -39.31 -20.31 -29.07
N GLU C 74 -40.39 -19.54 -29.33
CA GLU C 74 -41.75 -19.68 -28.76
C GLU C 74 -42.31 -21.10 -28.80
N SER C 75 -42.17 -21.78 -29.96
CA SER C 75 -42.66 -23.15 -30.20
C SER C 75 -41.90 -24.24 -29.41
N THR C 76 -40.63 -23.97 -29.07
CA THR C 76 -39.80 -24.94 -28.36
C THR C 76 -39.62 -24.63 -26.85
N SER C 77 -40.06 -23.41 -26.41
CA SER C 77 -39.93 -22.88 -25.04
C SER C 77 -38.43 -22.87 -24.60
N ILE C 78 -37.57 -22.41 -25.54
CA ILE C 78 -36.13 -22.32 -25.37
C ILE C 78 -35.71 -20.86 -25.54
N ALA C 79 -34.98 -20.34 -24.54
CA ALA C 79 -34.41 -19.00 -24.54
C ALA C 79 -32.94 -19.13 -24.95
N TYR C 80 -32.39 -18.08 -25.56
CA TYR C 80 -31.02 -18.03 -26.06
C TYR C 80 -30.36 -16.72 -25.66
N MET C 81 -29.10 -16.78 -25.34
CA MET C 81 -28.34 -15.60 -25.02
C MET C 81 -27.11 -15.63 -25.89
N GLU C 82 -26.90 -14.55 -26.64
CA GLU C 82 -25.73 -14.43 -27.48
C GLU C 82 -24.87 -13.29 -26.97
N LEU C 83 -23.58 -13.57 -26.73
CA LEU C 83 -22.60 -12.58 -26.32
C LEU C 83 -21.54 -12.56 -27.43
N THR C 84 -21.38 -11.41 -28.09
CA THR C 84 -20.41 -11.22 -29.18
C THR C 84 -19.13 -10.54 -28.69
N ASN C 85 -18.13 -10.38 -29.59
CA ASN C 85 -16.85 -9.72 -29.35
C ASN C 85 -16.24 -10.17 -28.02
N LEU C 86 -16.05 -11.48 -27.87
CA LEU C 86 -15.55 -12.10 -26.65
C LEU C 86 -14.14 -11.67 -26.24
N ARG C 87 -13.96 -11.39 -24.95
CA ARG C 87 -12.66 -11.09 -24.36
C ARG C 87 -12.40 -12.05 -23.17
N SER C 88 -11.12 -12.18 -22.76
CA SER C 88 -10.70 -13.07 -21.65
C SER C 88 -11.55 -12.91 -20.38
N GLU C 89 -11.97 -11.68 -20.07
CA GLU C 89 -12.82 -11.29 -18.93
C GLU C 89 -14.27 -11.89 -19.00
N ASP C 90 -14.68 -12.42 -20.19
CA ASP C 90 -15.98 -13.05 -20.41
C ASP C 90 -16.00 -14.49 -19.92
N THR C 91 -14.81 -15.04 -19.51
CA THR C 91 -14.71 -16.40 -18.96
C THR C 91 -15.57 -16.44 -17.70
N ALA C 92 -16.64 -17.24 -17.74
CA ALA C 92 -17.59 -17.30 -16.63
C ALA C 92 -18.59 -18.41 -16.80
N VAL C 93 -19.34 -18.72 -15.72
CA VAL C 93 -20.48 -19.62 -15.74
C VAL C 93 -21.71 -18.73 -16.08
N TYR C 94 -22.44 -19.06 -17.15
CA TYR C 94 -23.61 -18.29 -17.58
C TYR C 94 -24.86 -19.02 -17.13
N TYR C 95 -25.67 -18.36 -16.32
CA TYR C 95 -26.92 -18.91 -15.81
C TYR C 95 -28.13 -18.26 -16.46
N CYS C 96 -29.14 -19.07 -16.74
CA CYS C 96 -30.41 -18.53 -17.14
C CYS C 96 -31.35 -18.71 -15.93
N ALA C 97 -32.28 -17.80 -15.76
CA ALA C 97 -33.21 -17.87 -14.66
C ALA C 97 -34.55 -17.31 -15.08
N ARG C 98 -35.64 -17.84 -14.51
CA ARG C 98 -36.99 -17.42 -14.78
C ARG C 98 -37.58 -16.81 -13.53
N GLY C 99 -38.39 -15.80 -13.73
CA GLY C 99 -39.07 -15.09 -12.66
C GLY C 99 -40.40 -14.54 -13.12
N PRO C 100 -41.27 -14.09 -12.16
CA PRO C 100 -42.58 -13.55 -12.57
C PRO C 100 -42.48 -12.19 -13.22
N LEU C 101 -43.56 -11.81 -13.95
CA LEU C 101 -43.76 -10.53 -14.61
C LEU C 101 -43.88 -9.44 -13.55
N SER C 102 -43.21 -8.28 -13.76
CA SER C 102 -43.19 -7.11 -12.86
C SER C 102 -42.69 -7.37 -11.40
N ARG C 103 -41.91 -8.45 -11.24
CA ARG C 103 -41.32 -8.92 -9.98
C ARG C 103 -39.86 -9.28 -10.30
N GLY C 104 -38.93 -8.45 -9.82
CA GLY C 104 -37.52 -8.58 -10.16
C GLY C 104 -36.70 -9.63 -9.42
N TYR C 105 -37.33 -10.78 -9.12
CA TYR C 105 -36.69 -11.92 -8.44
C TYR C 105 -36.77 -13.16 -9.34
N TYR C 106 -35.87 -14.15 -9.11
CA TYR C 106 -35.76 -15.36 -9.92
C TYR C 106 -35.89 -16.63 -9.10
N ASP C 107 -37.01 -17.34 -9.29
CA ASP C 107 -37.34 -18.57 -8.56
C ASP C 107 -36.88 -19.88 -9.21
N TYR C 108 -36.51 -19.85 -10.49
CA TYR C 108 -36.02 -21.05 -11.18
C TYR C 108 -34.74 -20.73 -11.94
N TRP C 109 -33.69 -21.53 -11.73
CA TRP C 109 -32.37 -21.33 -12.34
C TRP C 109 -31.91 -22.58 -13.04
N GLY C 110 -31.18 -22.38 -14.14
CA GLY C 110 -30.57 -23.49 -14.85
C GLY C 110 -29.31 -23.94 -14.14
N GLN C 111 -28.66 -24.99 -14.63
CA GLN C 111 -27.44 -25.53 -14.03
C GLN C 111 -26.16 -24.69 -14.31
N GLY C 112 -26.23 -23.79 -15.27
CA GLY C 112 -25.10 -22.95 -15.68
C GLY C 112 -24.29 -23.59 -16.77
N THR C 113 -23.62 -22.76 -17.59
CA THR C 113 -22.74 -23.15 -18.69
C THR C 113 -21.40 -22.43 -18.52
N LEU C 114 -20.30 -23.17 -18.40
CA LEU C 114 -18.98 -22.53 -18.30
C LEU C 114 -18.46 -22.23 -19.73
N VAL C 115 -18.26 -20.94 -20.05
CA VAL C 115 -17.74 -20.46 -21.34
C VAL C 115 -16.36 -19.90 -21.03
N THR C 116 -15.28 -20.52 -21.54
CA THR C 116 -13.91 -20.03 -21.37
C THR C 116 -13.55 -19.30 -22.66
N VAL C 117 -12.89 -18.14 -22.53
CA VAL C 117 -12.44 -17.34 -23.66
C VAL C 117 -10.92 -17.37 -23.68
N SER C 118 -10.37 -18.12 -24.65
CA SER C 118 -8.92 -18.36 -24.77
C SER C 118 -8.49 -18.65 -26.20
N SER C 119 -7.22 -18.33 -26.50
CA SER C 119 -6.53 -18.57 -27.76
C SER C 119 -5.88 -19.94 -27.69
N ALA C 120 -5.72 -20.49 -26.46
CA ALA C 120 -5.09 -21.80 -26.29
C ALA C 120 -5.94 -22.94 -26.78
N SER C 121 -5.26 -23.98 -27.22
CA SER C 121 -5.86 -25.21 -27.72
C SER C 121 -6.35 -26.10 -26.56
N THR C 122 -7.49 -26.73 -26.81
CA THR C 122 -8.12 -27.69 -25.96
C THR C 122 -7.22 -28.92 -25.84
N LYS C 123 -7.13 -29.44 -24.61
CA LYS C 123 -6.33 -30.61 -24.28
C LYS C 123 -7.10 -31.46 -23.26
N GLY C 124 -7.28 -32.73 -23.62
CA GLY C 124 -7.97 -33.71 -22.81
C GLY C 124 -7.05 -34.18 -21.69
N PRO C 125 -7.64 -34.61 -20.55
CA PRO C 125 -6.77 -35.03 -19.44
C PRO C 125 -6.12 -36.41 -19.56
N SER C 126 -5.08 -36.62 -18.79
CA SER C 126 -4.45 -37.92 -18.59
C SER C 126 -5.02 -38.37 -17.22
N VAL C 127 -5.59 -39.56 -17.14
CA VAL C 127 -6.22 -40.03 -15.90
C VAL C 127 -5.38 -41.15 -15.27
N PHE C 128 -4.92 -40.94 -14.04
CA PHE C 128 -4.09 -41.94 -13.36
C PHE C 128 -4.76 -42.44 -12.08
N PRO C 129 -4.67 -43.74 -11.78
CA PRO C 129 -5.25 -44.24 -10.53
C PRO C 129 -4.43 -43.87 -9.29
N LEU C 130 -5.12 -43.70 -8.14
CA LEU C 130 -4.54 -43.46 -6.80
C LEU C 130 -5.04 -44.70 -6.08
N ALA C 131 -4.16 -45.66 -5.93
CA ALA C 131 -4.58 -46.97 -5.42
C ALA C 131 -4.51 -47.20 -3.93
N PRO C 132 -5.54 -47.88 -3.37
CA PRO C 132 -5.52 -48.21 -1.93
C PRO C 132 -4.32 -49.08 -1.62
N SER C 133 -3.45 -48.57 -0.75
CA SER C 133 -2.18 -49.16 -0.32
C SER C 133 -2.15 -49.36 1.21
N SER C 138 -7.18 -46.42 6.87
CA SER C 138 -7.07 -46.66 8.31
C SER C 138 -8.31 -47.31 8.89
N GLY C 139 -8.10 -48.16 9.88
CA GLY C 139 -9.14 -48.94 10.52
C GLY C 139 -9.73 -49.91 9.51
N GLY C 140 -11.05 -49.78 9.33
CA GLY C 140 -11.80 -50.55 8.35
C GLY C 140 -12.18 -49.72 7.15
N THR C 141 -11.45 -48.62 6.92
CA THR C 141 -11.68 -47.72 5.79
C THR C 141 -10.42 -47.65 4.95
N ALA C 142 -10.60 -47.66 3.63
CA ALA C 142 -9.53 -47.46 2.65
C ALA C 142 -9.91 -46.26 1.76
N ALA C 143 -8.94 -45.56 1.22
CA ALA C 143 -9.15 -44.47 0.27
C ALA C 143 -8.55 -44.86 -1.11
N LEU C 144 -9.29 -44.59 -2.20
CA LEU C 144 -8.89 -44.82 -3.59
C LEU C 144 -9.14 -43.52 -4.30
N GLY C 145 -8.49 -43.34 -5.42
CA GLY C 145 -8.63 -42.13 -6.17
C GLY C 145 -8.35 -42.19 -7.65
N CYS C 146 -8.39 -40.98 -8.19
CA CYS C 146 -8.11 -40.70 -9.60
CA CYS C 146 -8.30 -40.65 -9.59
C CYS C 146 -7.52 -39.32 -9.74
N LEU C 147 -6.33 -39.30 -10.33
CA LEU C 147 -5.59 -38.09 -10.57
C LEU C 147 -5.83 -37.67 -12.04
N VAL C 148 -6.50 -36.52 -12.21
CA VAL C 148 -6.91 -36.00 -13.52
C VAL C 148 -5.92 -34.87 -13.90
N LYS C 149 -4.94 -35.18 -14.72
CA LYS C 149 -3.86 -34.26 -14.97
C LYS C 149 -3.78 -33.62 -16.34
N ASP C 150 -3.49 -32.31 -16.34
CA ASP C 150 -3.10 -31.53 -17.51
C ASP C 150 -4.11 -31.47 -18.61
N TYR C 151 -5.25 -30.82 -18.32
CA TYR C 151 -6.31 -30.57 -19.26
C TYR C 151 -6.48 -29.07 -19.39
N PHE C 152 -7.15 -28.66 -20.47
CA PHE C 152 -7.48 -27.26 -20.78
C PHE C 152 -8.69 -27.26 -21.74
N PRO C 153 -9.69 -26.40 -21.50
CA PRO C 153 -9.90 -25.54 -20.32
C PRO C 153 -10.64 -26.33 -19.22
N GLU C 154 -11.22 -25.61 -18.27
CA GLU C 154 -12.12 -26.15 -17.26
C GLU C 154 -13.51 -26.21 -17.96
N PRO C 155 -14.44 -27.11 -17.58
CA PRO C 155 -14.40 -28.06 -16.47
C PRO C 155 -14.20 -29.50 -16.89
N VAL C 156 -13.97 -30.32 -15.89
CA VAL C 156 -13.86 -31.77 -15.97
C VAL C 156 -14.92 -32.31 -14.96
N THR C 157 -15.74 -33.28 -15.38
CA THR C 157 -16.69 -33.91 -14.45
C THR C 157 -16.17 -35.31 -14.17
N VAL C 158 -16.33 -35.75 -12.92
CA VAL C 158 -15.91 -37.06 -12.46
C VAL C 158 -17.10 -37.73 -11.75
N SER C 159 -17.42 -38.97 -12.11
CA SER C 159 -18.40 -39.81 -11.42
C SER C 159 -17.64 -41.10 -11.09
N TRP C 160 -18.19 -41.93 -10.20
CA TRP C 160 -17.60 -43.19 -9.83
C TRP C 160 -18.64 -44.24 -10.09
N ASN C 161 -18.25 -45.30 -10.81
CA ASN C 161 -19.09 -46.44 -11.21
C ASN C 161 -20.35 -45.99 -11.94
N SER C 162 -20.19 -45.07 -12.94
CA SER C 162 -21.25 -44.46 -13.75
C SER C 162 -22.37 -43.81 -12.92
N GLY C 163 -22.00 -43.26 -11.77
CA GLY C 163 -22.92 -42.56 -10.88
C GLY C 163 -23.51 -43.39 -9.76
N ALA C 164 -23.24 -44.72 -9.74
CA ALA C 164 -23.74 -45.61 -8.67
C ALA C 164 -23.07 -45.29 -7.33
N LEU C 165 -21.78 -44.89 -7.39
CA LEU C 165 -21.03 -44.53 -6.20
C LEU C 165 -20.98 -42.99 -6.00
N THR C 166 -21.62 -42.52 -4.93
CA THR C 166 -21.72 -41.09 -4.61
C THR C 166 -21.25 -40.79 -3.19
N SER C 167 -21.54 -41.71 -2.26
CA SER C 167 -21.20 -41.57 -0.84
C SER C 167 -19.69 -41.66 -0.60
N GLY C 168 -19.16 -40.69 0.15
CA GLY C 168 -17.75 -40.62 0.48
C GLY C 168 -16.84 -40.07 -0.61
N VAL C 169 -17.46 -39.53 -1.70
CA VAL C 169 -16.77 -38.93 -2.83
C VAL C 169 -16.38 -37.48 -2.56
N HIS C 170 -15.10 -37.16 -2.83
CA HIS C 170 -14.55 -35.80 -2.78
C HIS C 170 -13.82 -35.53 -4.08
N THR C 171 -14.38 -34.64 -4.88
CA THR C 171 -13.77 -34.17 -6.12
C THR C 171 -13.23 -32.77 -5.79
N PHE C 172 -11.90 -32.65 -5.70
CA PHE C 172 -11.23 -31.40 -5.32
C PHE C 172 -11.30 -30.33 -6.37
N PRO C 173 -11.36 -29.03 -5.96
CA PRO C 173 -11.34 -27.94 -6.97
C PRO C 173 -10.07 -28.07 -7.83
N ALA C 174 -10.16 -27.80 -9.15
CA ALA C 174 -8.98 -27.90 -9.99
C ALA C 174 -7.91 -26.90 -9.60
N VAL C 175 -6.64 -27.28 -9.73
CA VAL C 175 -5.51 -26.40 -9.43
C VAL C 175 -4.89 -25.98 -10.78
N LEU C 176 -4.48 -24.70 -10.90
CA LEU C 176 -3.83 -24.20 -12.11
C LEU C 176 -2.34 -24.44 -12.01
N GLN C 177 -1.79 -25.23 -12.94
CA GLN C 177 -0.36 -25.57 -12.99
C GLN C 177 0.41 -24.39 -13.57
N SER C 178 1.74 -24.39 -13.39
CA SER C 178 2.62 -23.30 -13.88
C SER C 178 2.63 -23.20 -15.38
N SER C 179 2.23 -24.29 -16.09
CA SER C 179 2.14 -24.38 -17.54
C SER C 179 0.85 -23.73 -18.05
N GLY C 180 -0.11 -23.50 -17.15
CA GLY C 180 -1.39 -22.92 -17.53
C GLY C 180 -2.47 -23.94 -17.79
N LEU C 181 -2.12 -25.23 -17.58
CA LEU C 181 -3.01 -26.39 -17.69
C LEU C 181 -3.62 -26.64 -16.30
N TYR C 182 -4.62 -27.50 -16.22
CA TYR C 182 -5.32 -27.79 -14.97
C TYR C 182 -5.11 -29.18 -14.53
N SER C 183 -5.26 -29.39 -13.24
CA SER C 183 -5.15 -30.71 -12.68
C SER C 183 -6.11 -30.82 -11.48
N LEU C 184 -6.62 -32.01 -11.27
CA LEU C 184 -7.65 -32.26 -10.29
C LEU C 184 -7.56 -33.70 -9.79
N SER C 185 -8.02 -33.96 -8.56
CA SER C 185 -8.10 -35.29 -8.02
C SER C 185 -9.51 -35.55 -7.50
N SER C 186 -9.92 -36.79 -7.51
CA SER C 186 -11.19 -37.27 -6.97
C SER C 186 -10.82 -38.43 -6.10
N VAL C 187 -11.36 -38.45 -4.90
CA VAL C 187 -11.12 -39.55 -3.94
C VAL C 187 -12.41 -40.10 -3.39
N VAL C 188 -12.33 -41.32 -2.94
CA VAL C 188 -13.49 -41.96 -2.35
C VAL C 188 -13.00 -42.86 -1.23
N THR C 189 -13.66 -42.76 -0.08
CA THR C 189 -13.36 -43.61 1.07
C THR C 189 -14.38 -44.72 1.07
N VAL C 190 -13.87 -45.95 1.12
CA VAL C 190 -14.70 -47.15 1.03
C VAL C 190 -14.35 -48.12 2.15
N PRO C 191 -15.25 -49.07 2.50
CA PRO C 191 -14.88 -50.11 3.48
C PRO C 191 -13.72 -50.95 2.92
N SER C 192 -12.72 -51.24 3.74
CA SER C 192 -11.55 -52.05 3.33
C SER C 192 -11.95 -53.40 2.71
N SER C 193 -13.00 -54.03 3.24
CA SER C 193 -13.55 -55.32 2.79
C SER C 193 -14.13 -55.25 1.39
N SER C 194 -14.51 -54.05 0.94
CA SER C 194 -15.04 -53.74 -0.38
C SER C 194 -14.01 -54.02 -1.51
N LEU C 195 -12.70 -53.88 -1.21
CA LEU C 195 -11.57 -54.11 -2.12
C LEU C 195 -11.34 -55.63 -2.28
N GLY C 196 -12.30 -56.29 -2.91
CA GLY C 196 -12.35 -57.73 -3.12
C GLY C 196 -13.75 -58.19 -3.46
N THR C 197 -14.73 -57.27 -3.34
CA THR C 197 -16.14 -57.50 -3.63
C THR C 197 -16.69 -56.47 -4.64
N GLN C 198 -15.93 -55.37 -4.85
CA GLN C 198 -16.31 -54.29 -5.73
C GLN C 198 -15.18 -53.77 -6.60
N THR C 199 -15.54 -53.27 -7.77
CA THR C 199 -14.63 -52.63 -8.73
C THR C 199 -14.91 -51.13 -8.60
N TYR C 200 -13.86 -50.34 -8.66
CA TYR C 200 -13.92 -48.90 -8.50
C TYR C 200 -13.39 -48.21 -9.75
N ILE C 201 -14.32 -47.64 -10.53
CA ILE C 201 -14.02 -47.01 -11.81
C ILE C 201 -14.38 -45.56 -11.77
N CYS C 202 -13.41 -44.75 -12.05
CA CYS C 202 -13.65 -43.31 -12.11
CA CYS C 202 -13.52 -43.30 -12.11
C CYS C 202 -13.87 -42.95 -13.59
N ASN C 203 -15.05 -42.34 -13.83
CA ASN C 203 -15.49 -41.94 -15.18
C ASN C 203 -15.25 -40.44 -15.32
N VAL C 204 -14.27 -40.08 -16.14
CA VAL C 204 -13.91 -38.68 -16.37
C VAL C 204 -14.44 -38.21 -17.71
N ASN C 205 -15.13 -37.07 -17.72
CA ASN C 205 -15.64 -36.49 -18.95
C ASN C 205 -15.18 -35.04 -19.06
N HIS C 206 -14.60 -34.70 -20.21
CA HIS C 206 -14.11 -33.37 -20.50
C HIS C 206 -14.78 -32.93 -21.80
N LYS C 207 -15.96 -32.32 -21.69
CA LYS C 207 -16.78 -31.85 -22.81
C LYS C 207 -16.03 -30.94 -23.81
N PRO C 208 -15.22 -29.93 -23.39
CA PRO C 208 -14.50 -29.11 -24.39
C PRO C 208 -13.65 -29.86 -25.42
N SER C 209 -13.07 -31.03 -25.05
CA SER C 209 -12.26 -31.84 -25.95
C SER C 209 -13.02 -33.10 -26.36
N ASN C 210 -14.31 -33.21 -25.92
CA ASN C 210 -15.17 -34.39 -26.10
C ASN C 210 -14.47 -35.73 -25.75
N THR C 211 -13.75 -35.72 -24.59
CA THR C 211 -12.97 -36.83 -24.01
C THR C 211 -13.80 -37.49 -22.90
N LYS C 212 -13.76 -38.83 -22.84
CA LYS C 212 -14.44 -39.68 -21.87
C LYS C 212 -13.45 -40.80 -21.53
N VAL C 213 -12.99 -40.85 -20.28
CA VAL C 213 -12.00 -41.83 -19.80
C VAL C 213 -12.59 -42.58 -18.59
N ASP C 214 -12.53 -43.91 -18.62
CA ASP C 214 -12.96 -44.74 -17.51
C ASP C 214 -11.69 -45.38 -16.96
N LYS C 215 -11.36 -45.15 -15.68
CA LYS C 215 -10.13 -45.73 -15.10
C LYS C 215 -10.41 -46.44 -13.79
N LYS C 216 -9.94 -47.70 -13.70
CA LYS C 216 -10.08 -48.58 -12.57
C LYS C 216 -8.99 -48.31 -11.52
N ALA C 217 -9.41 -48.15 -10.25
CA ALA C 217 -8.43 -47.98 -9.18
C ALA C 217 -8.42 -49.28 -8.39
N GLU C 218 -7.32 -50.03 -8.50
CA GLU C 218 -7.26 -51.33 -7.83
C GLU C 218 -6.16 -51.44 -6.80
N PRO C 219 -6.33 -52.21 -5.68
CA PRO C 219 -5.23 -52.30 -4.70
C PRO C 219 -4.14 -53.26 -5.11
N GLN D 1 12.72 -13.48 42.48
CA GLN D 1 12.92 -13.00 41.13
C GLN D 1 13.34 -11.55 41.14
N VAL D 2 14.39 -11.20 40.35
CA VAL D 2 14.85 -9.82 40.21
C VAL D 2 13.64 -8.97 39.71
N THR D 3 13.43 -7.80 40.31
CA THR D 3 12.34 -6.90 39.90
C THR D 3 12.96 -5.66 39.24
N LEU D 4 12.51 -5.35 38.02
CA LEU D 4 12.96 -4.18 37.29
C LEU D 4 11.87 -3.12 37.41
N LYS D 5 12.19 -1.99 38.05
CA LYS D 5 11.23 -0.90 38.25
C LYS D 5 11.56 0.25 37.34
N GLU D 6 10.60 0.65 36.53
CA GLU D 6 10.77 1.76 35.60
C GLU D 6 10.09 3.04 36.11
N SER D 7 10.64 4.22 35.74
CA SER D 7 10.10 5.53 36.10
C SER D 7 8.67 5.72 35.56
N GLY D 8 7.95 6.72 36.07
CA GLY D 8 6.56 7.00 35.69
C GLY D 8 6.30 7.42 34.25
N ALA D 9 5.03 7.30 33.82
CA ALA D 9 4.55 7.71 32.50
C ALA D 9 4.82 9.21 32.29
N GLU D 10 5.20 9.61 31.05
CA GLU D 10 5.48 11.02 30.76
C GLU D 10 4.98 11.54 29.44
N VAL D 11 4.65 12.86 29.41
CA VAL D 11 4.26 13.58 28.21
C VAL D 11 5.44 14.47 27.83
N LYS D 12 5.85 14.39 26.57
CA LYS D 12 7.00 15.14 26.05
C LYS D 12 6.67 15.81 24.74
N LYS D 13 7.27 17.00 24.50
CA LYS D 13 7.04 17.76 23.27
C LYS D 13 7.86 17.19 22.12
N PRO D 14 7.37 17.23 20.86
CA PRO D 14 8.21 16.74 19.74
C PRO D 14 9.48 17.59 19.62
N GLY D 15 10.59 16.93 19.33
CA GLY D 15 11.89 17.58 19.21
C GLY D 15 12.67 17.56 20.50
N SER D 16 11.98 17.31 21.64
CA SER D 16 12.64 17.24 22.95
C SER D 16 13.30 15.84 23.22
N SER D 17 13.66 15.58 24.47
CA SER D 17 14.35 14.36 24.85
C SER D 17 13.69 13.73 26.08
N VAL D 18 13.68 12.40 26.16
CA VAL D 18 13.12 11.68 27.32
C VAL D 18 14.21 10.78 27.92
N LYS D 19 14.22 10.66 29.26
CA LYS D 19 15.15 9.77 29.94
C LYS D 19 14.35 8.82 30.86
N VAL D 20 14.41 7.51 30.57
CA VAL D 20 13.66 6.51 31.35
C VAL D 20 14.64 5.75 32.23
N SER D 21 14.34 5.61 33.53
CA SER D 21 15.20 4.83 34.42
C SER D 21 14.64 3.40 34.56
N CYS D 22 15.54 2.43 34.86
CA CYS D 22 15.26 1.01 35.07
C CYS D 22 16.06 0.51 36.27
N GLU D 23 15.42 0.52 37.44
CA GLU D 23 16.03 0.09 38.71
C GLU D 23 15.88 -1.42 38.96
N ALA D 24 17.01 -2.12 39.12
CA ALA D 24 17.00 -3.53 39.46
C ALA D 24 16.94 -3.65 40.98
N SER D 25 15.82 -4.15 41.51
CA SER D 25 15.60 -4.35 42.95
C SER D 25 15.58 -5.84 43.26
N GLY D 26 16.59 -6.27 44.03
CA GLY D 26 16.78 -7.66 44.41
C GLY D 26 17.66 -8.40 43.43
N GLY D 27 18.57 -7.67 42.81
CA GLY D 27 19.49 -8.20 41.83
C GLY D 27 20.45 -7.16 41.30
N THR D 28 21.27 -7.57 40.35
CA THR D 28 22.29 -6.74 39.74
C THR D 28 22.14 -6.65 38.21
N LEU D 29 22.74 -5.61 37.62
CA LEU D 29 22.78 -5.43 36.18
C LEU D 29 24.19 -5.73 35.67
N SER D 30 25.12 -6.04 36.61
CA SER D 30 26.52 -6.34 36.32
C SER D 30 26.63 -7.79 35.87
N ASN D 31 27.42 -8.01 34.79
CA ASN D 31 27.64 -9.31 34.11
C ASN D 31 26.37 -9.78 33.38
N TYR D 32 25.51 -8.82 33.02
CA TYR D 32 24.24 -9.03 32.32
C TYR D 32 24.06 -8.04 31.17
N VAL D 33 23.12 -8.37 30.25
CA VAL D 33 22.77 -7.44 29.16
C VAL D 33 21.49 -6.70 29.57
N ILE D 34 21.50 -5.35 29.52
CA ILE D 34 20.30 -4.55 29.76
C ILE D 34 19.80 -4.02 28.39
N THR D 35 18.58 -4.40 28.05
CA THR D 35 17.96 -4.10 26.76
C THR D 35 16.71 -3.24 26.89
N TRP D 36 16.47 -2.37 25.89
CA TRP D 36 15.28 -1.52 25.84
C TRP D 36 14.46 -1.95 24.64
N VAL D 37 13.18 -2.17 24.87
CA VAL D 37 12.23 -2.62 23.85
C VAL D 37 11.02 -1.69 23.94
N ARG D 38 10.44 -1.29 22.81
CA ARG D 38 9.26 -0.41 22.88
C ARG D 38 8.04 -0.99 22.19
N GLN D 39 6.87 -0.52 22.58
CA GLN D 39 5.63 -1.00 22.00
C GLN D 39 4.66 0.15 21.85
N ALA D 40 4.37 0.52 20.61
CA ALA D 40 3.40 1.56 20.28
C ALA D 40 2.01 0.95 20.53
N PRO D 41 1.02 1.76 20.99
CA PRO D 41 -0.32 1.22 21.29
C PRO D 41 -0.91 0.34 20.20
N GLY D 42 -1.38 -0.83 20.59
CA GLY D 42 -1.94 -1.83 19.66
C GLY D 42 -0.94 -2.40 18.66
N GLN D 43 0.36 -2.16 18.87
CA GLN D 43 1.39 -2.64 17.93
C GLN D 43 2.29 -3.68 18.60
N GLY D 44 3.30 -4.14 17.88
CA GLY D 44 4.21 -5.15 18.36
C GLY D 44 5.44 -4.58 19.07
N LEU D 45 6.29 -5.52 19.50
CA LEU D 45 7.54 -5.24 20.19
C LEU D 45 8.64 -4.85 19.20
N GLU D 46 9.42 -3.84 19.53
CA GLU D 46 10.52 -3.35 18.71
C GLU D 46 11.76 -3.18 19.59
N TRP D 47 12.84 -3.93 19.24
CA TRP D 47 14.12 -3.90 19.95
C TRP D 47 14.86 -2.60 19.61
N MET D 48 15.28 -1.87 20.64
CA MET D 48 15.96 -0.60 20.44
C MET D 48 17.47 -0.74 20.53
N GLY D 49 17.91 -1.53 21.51
CA GLY D 49 19.33 -1.74 21.71
C GLY D 49 19.65 -2.43 23.00
N GLY D 50 20.92 -2.79 23.14
CA GLY D 50 21.44 -3.46 24.31
C GLY D 50 22.64 -2.76 24.93
N PHE D 51 22.85 -3.02 26.19
CA PHE D 51 23.96 -2.48 26.92
C PHE D 51 24.47 -3.45 27.96
N ILE D 52 25.80 -3.57 28.07
CA ILE D 52 26.47 -4.41 29.07
C ILE D 52 27.21 -3.43 29.99
N PRO D 53 26.67 -3.21 31.21
CA PRO D 53 27.27 -2.24 32.13
C PRO D 53 28.73 -2.45 32.48
N THR D 54 29.11 -3.71 32.82
CA THR D 54 30.49 -4.09 33.19
C THR D 54 31.55 -3.68 32.18
N PHE D 55 31.30 -3.92 30.87
CA PHE D 55 32.22 -3.59 29.80
C PHE D 55 31.86 -2.25 29.11
N ARG D 56 30.86 -1.51 29.63
CA ARG D 56 30.38 -0.23 29.07
C ARG D 56 30.23 -0.26 27.53
N THR D 57 29.69 -1.37 27.00
CA THR D 57 29.47 -1.51 25.57
C THR D 57 28.01 -1.62 25.19
N ALA D 58 27.63 -0.84 24.18
CA ALA D 58 26.29 -0.75 23.64
C ALA D 58 26.18 -1.30 22.19
N MET D 59 24.99 -1.77 21.83
CA MET D 59 24.67 -2.18 20.48
C MET D 59 23.24 -1.71 20.23
N TYR D 60 23.09 -0.75 19.33
CA TYR D 60 21.82 -0.12 19.03
C TYR D 60 21.28 -0.52 17.69
N ALA D 61 19.94 -0.63 17.58
CA ALA D 61 19.31 -0.93 16.30
C ALA D 61 19.69 0.22 15.34
N GLN D 62 20.12 -0.13 14.12
CA GLN D 62 20.57 0.77 13.06
C GLN D 62 19.64 2.01 12.90
N GLY D 63 18.35 1.80 13.14
CA GLY D 63 17.33 2.85 13.05
C GLY D 63 17.26 3.79 14.24
N PHE D 64 17.88 3.44 15.39
CA PHE D 64 17.89 4.27 16.60
C PHE D 64 19.27 4.90 16.86
N GLN D 65 20.31 4.39 16.14
CA GLN D 65 21.72 4.82 16.21
C GLN D 65 21.85 6.34 15.99
N GLY D 66 22.47 7.01 16.96
CA GLY D 66 22.67 8.46 16.96
C GLY D 66 21.57 9.24 17.64
N ARG D 67 20.49 8.56 18.06
CA ARG D 67 19.32 9.17 18.70
C ARG D 67 19.06 8.56 20.09
N VAL D 68 19.60 7.36 20.36
CA VAL D 68 19.38 6.66 21.63
C VAL D 68 20.71 6.48 22.38
N THR D 69 20.64 6.46 23.72
CA THR D 69 21.78 6.29 24.61
C THR D 69 21.32 5.43 25.78
N ILE D 70 22.03 4.31 26.01
CA ILE D 70 21.76 3.46 27.16
C ILE D 70 22.96 3.57 28.08
N THR D 71 22.74 3.93 29.35
CA THR D 71 23.83 4.02 30.33
C THR D 71 23.38 3.32 31.61
N ALA D 72 24.31 3.18 32.57
CA ALA D 72 24.00 2.55 33.84
C ALA D 72 24.84 3.14 34.96
N ASP D 73 24.31 3.14 36.20
CA ASP D 73 25.06 3.59 37.37
C ASP D 73 25.29 2.40 38.28
N GLU D 74 26.56 1.97 38.36
CA GLU D 74 27.13 0.84 39.12
C GLU D 74 26.73 0.72 40.59
N SER D 75 26.74 1.83 41.33
CA SER D 75 26.42 1.90 42.76
C SER D 75 24.92 1.77 43.07
N THR D 76 24.06 2.17 42.12
CA THR D 76 22.62 2.15 42.31
C THR D 76 21.91 0.96 41.61
N SER D 77 22.62 0.23 40.70
CA SER D 77 22.11 -0.86 39.87
C SER D 77 20.87 -0.40 39.06
N ILE D 78 20.98 0.82 38.47
CA ILE D 78 19.95 1.49 37.67
C ILE D 78 20.48 1.75 36.27
N ALA D 79 19.72 1.30 35.27
CA ALA D 79 20.00 1.52 33.86
C ALA D 79 19.12 2.69 33.41
N TYR D 80 19.60 3.42 32.41
CA TYR D 80 18.89 4.56 31.84
C TYR D 80 18.87 4.46 30.33
N MET D 81 17.79 4.95 29.72
CA MET D 81 17.69 5.01 28.29
C MET D 81 17.29 6.44 27.98
N GLU D 82 18.06 7.09 27.11
CA GLU D 82 17.73 8.44 26.66
C GLU D 82 17.42 8.39 25.16
N LEU D 83 16.24 8.87 24.77
CA LEU D 83 15.82 8.98 23.38
C LEU D 83 15.65 10.49 23.10
N THR D 84 16.43 11.02 22.16
CA THR D 84 16.40 12.44 21.80
C THR D 84 15.59 12.67 20.52
N ASN D 85 15.42 13.96 20.13
CA ASN D 85 14.75 14.40 18.90
C ASN D 85 13.43 13.65 18.73
N LEU D 86 12.56 13.74 19.76
CA LEU D 86 11.30 13.00 19.84
C LEU D 86 10.33 13.35 18.74
N ARG D 87 9.68 12.32 18.21
CA ARG D 87 8.69 12.45 17.16
C ARG D 87 7.42 11.71 17.58
N SER D 88 6.25 12.11 17.04
CA SER D 88 4.94 11.50 17.32
C SER D 88 5.05 9.99 17.42
N GLU D 89 5.62 9.37 16.38
CA GLU D 89 5.81 7.92 16.26
C GLU D 89 6.59 7.28 17.42
N ASP D 90 7.23 8.11 18.29
CA ASP D 90 7.95 7.65 19.48
C ASP D 90 7.00 7.39 20.65
N THR D 91 5.67 7.75 20.51
CA THR D 91 4.62 7.43 21.51
C THR D 91 4.55 5.91 21.66
N ALA D 92 4.93 5.41 22.83
CA ALA D 92 4.98 3.97 23.05
C ALA D 92 5.20 3.66 24.51
N VAL D 93 5.03 2.37 24.88
CA VAL D 93 5.40 1.81 26.17
C VAL D 93 6.89 1.37 26.03
N TYR D 94 7.77 1.88 26.88
CA TYR D 94 9.20 1.55 26.83
C TYR D 94 9.52 0.55 27.91
N TYR D 95 10.00 -0.63 27.53
CA TYR D 95 10.34 -1.71 28.46
C TYR D 95 11.84 -1.86 28.58
N CYS D 96 12.29 -2.13 29.80
CA CYS D 96 13.66 -2.53 29.99
C CYS D 96 13.59 -4.02 30.31
N ALA D 97 14.61 -4.77 29.88
CA ALA D 97 14.65 -6.19 30.14
C ALA D 97 16.11 -6.61 30.35
N ARG D 98 16.30 -7.63 31.17
CA ARG D 98 17.61 -8.18 31.47
C ARG D 98 17.70 -9.60 30.90
N GLY D 99 18.89 -9.96 30.44
CA GLY D 99 19.19 -11.26 29.88
C GLY D 99 20.64 -11.67 30.14
N PRO D 100 20.99 -12.96 29.95
CA PRO D 100 22.37 -13.39 30.20
C PRO D 100 23.34 -12.92 29.12
N LEU D 101 24.65 -12.87 29.45
CA LEU D 101 25.69 -12.51 28.47
C LEU D 101 25.80 -13.59 27.43
N SER D 102 26.09 -13.19 26.19
CA SER D 102 26.25 -14.08 25.04
C SER D 102 25.04 -15.02 24.76
N ARG D 103 23.82 -14.57 25.10
CA ARG D 103 22.60 -15.38 24.91
C ARG D 103 21.60 -14.86 23.89
N GLY D 104 21.08 -13.64 24.10
CA GLY D 104 20.17 -13.00 23.15
C GLY D 104 18.69 -13.04 23.46
N TYR D 105 18.30 -13.59 24.62
CA TYR D 105 16.95 -13.71 25.15
C TYR D 105 16.84 -12.90 26.45
N TYR D 106 15.60 -12.52 26.83
CA TYR D 106 15.31 -11.70 28.01
C TYR D 106 14.35 -12.36 28.98
N ASP D 107 14.88 -12.74 30.14
CA ASP D 107 14.13 -13.46 31.18
C ASP D 107 13.48 -12.60 32.23
N TYR D 108 13.88 -11.32 32.34
CA TYR D 108 13.26 -10.40 33.32
C TYR D 108 12.92 -9.08 32.65
N TRP D 109 11.67 -8.63 32.79
CA TRP D 109 11.15 -7.41 32.18
C TRP D 109 10.58 -6.49 33.21
N GLY D 110 10.71 -5.20 32.97
CA GLY D 110 10.10 -4.18 33.82
C GLY D 110 8.63 -4.07 33.47
N GLN D 111 7.92 -3.20 34.19
CA GLN D 111 6.49 -3.00 33.99
C GLN D 111 6.15 -2.12 32.76
N GLY D 112 7.15 -1.41 32.24
CA GLY D 112 6.98 -0.53 31.09
C GLY D 112 6.65 0.89 31.50
N THR D 113 6.99 1.84 30.66
CA THR D 113 6.77 3.29 30.85
C THR D 113 6.11 3.81 29.59
N LEU D 114 4.94 4.43 29.73
CA LEU D 114 4.26 5.01 28.59
C LEU D 114 4.79 6.47 28.42
N VAL D 115 5.43 6.74 27.27
CA VAL D 115 5.97 8.05 26.91
C VAL D 115 5.11 8.52 25.75
N THR D 116 4.34 9.59 25.98
CA THR D 116 3.53 10.22 24.95
C THR D 116 4.30 11.44 24.40
N VAL D 117 4.43 11.50 23.08
CA VAL D 117 5.09 12.63 22.43
C VAL D 117 3.99 13.45 21.78
N SER D 118 3.74 14.66 22.33
CA SER D 118 2.67 15.57 21.88
C SER D 118 2.91 17.04 22.21
N SER D 119 2.33 17.93 21.38
CA SER D 119 2.36 19.39 21.54
C SER D 119 1.14 19.78 22.36
N ALA D 120 0.13 18.87 22.43
CA ALA D 120 -1.13 19.12 23.15
C ALA D 120 -0.97 19.24 24.64
N SER D 121 -1.83 20.06 25.24
CA SER D 121 -1.85 20.35 26.67
C SER D 121 -2.38 19.21 27.50
N THR D 122 -1.81 19.02 28.72
CA THR D 122 -2.28 18.04 29.69
C THR D 122 -3.63 18.51 30.21
N LYS D 123 -4.58 17.57 30.36
CA LYS D 123 -5.92 17.86 30.82
C LYS D 123 -6.42 16.67 31.67
N GLY D 124 -6.89 17.00 32.86
CA GLY D 124 -7.45 16.06 33.83
C GLY D 124 -8.84 15.65 33.42
N PRO D 125 -9.26 14.41 33.76
CA PRO D 125 -10.59 13.98 33.33
C PRO D 125 -11.75 14.53 34.17
N SER D 126 -12.94 14.50 33.57
CA SER D 126 -14.16 14.80 34.29
C SER D 126 -14.73 13.38 34.56
N VAL D 127 -15.10 13.08 35.81
CA VAL D 127 -15.59 11.74 36.17
C VAL D 127 -17.09 11.75 36.43
N PHE D 128 -17.85 11.00 35.62
CA PHE D 128 -19.31 10.99 35.76
C PHE D 128 -19.82 9.60 36.10
N PRO D 129 -20.81 9.47 37.01
CA PRO D 129 -21.33 8.12 37.32
C PRO D 129 -22.23 7.56 36.20
N LEU D 130 -22.23 6.25 36.06
CA LEU D 130 -23.07 5.49 35.15
C LEU D 130 -23.90 4.67 36.14
N ALA D 131 -25.15 5.00 36.23
CA ALA D 131 -26.09 4.31 37.10
C ALA D 131 -27.31 3.89 36.26
N PRO D 132 -28.05 2.80 36.58
CA PRO D 132 -29.27 2.50 35.79
C PRO D 132 -30.35 3.62 35.92
N SER D 133 -31.23 3.73 34.91
CA SER D 133 -32.35 4.68 34.87
C SER D 133 -33.46 4.31 35.86
N GLY D 139 -33.20 -7.06 35.91
CA GLY D 139 -33.54 -8.32 36.54
C GLY D 139 -32.81 -8.49 37.84
N GLY D 140 -31.96 -9.53 37.91
CA GLY D 140 -31.17 -9.83 39.11
C GLY D 140 -29.79 -9.19 39.12
N THR D 141 -29.32 -8.74 37.94
CA THR D 141 -28.00 -8.10 37.83
C THR D 141 -28.12 -6.67 37.33
N ALA D 142 -27.36 -5.76 37.95
CA ALA D 142 -27.30 -4.37 37.52
C ALA D 142 -25.87 -4.05 37.23
N ALA D 143 -25.67 -3.03 36.39
CA ALA D 143 -24.37 -2.52 36.07
C ALA D 143 -24.28 -1.08 36.56
N LEU D 144 -23.14 -0.74 37.17
CA LEU D 144 -22.80 0.60 37.63
C LEU D 144 -21.47 0.90 36.98
N GLY D 145 -21.11 2.16 36.96
CA GLY D 145 -19.82 2.53 36.42
C GLY D 145 -19.51 4.00 36.52
N CYS D 146 -18.38 4.34 35.95
CA CYS D 146 -17.93 5.70 35.87
CA CYS D 146 -17.94 5.70 35.88
C CYS D 146 -17.43 5.98 34.47
N LEU D 147 -17.76 7.13 33.94
CA LEU D 147 -17.35 7.63 32.65
C LEU D 147 -16.24 8.66 32.92
N VAL D 148 -15.00 8.36 32.45
CA VAL D 148 -13.80 9.17 32.61
C VAL D 148 -13.59 9.89 31.26
N LYS D 149 -14.08 11.12 31.18
CA LYS D 149 -14.14 11.89 29.93
C LYS D 149 -13.15 13.05 29.80
N ASP D 150 -12.73 13.33 28.56
CA ASP D 150 -11.92 14.47 28.13
C ASP D 150 -10.61 14.68 28.90
N TYR D 151 -9.69 13.71 28.78
CA TYR D 151 -8.38 13.77 29.42
C TYR D 151 -7.28 13.57 28.39
N PHE D 152 -6.10 14.06 28.71
CA PHE D 152 -4.92 13.93 27.87
C PHE D 152 -3.67 14.12 28.72
N PRO D 153 -2.60 13.32 28.54
CA PRO D 153 -2.51 12.11 27.69
C PRO D 153 -3.00 10.87 28.45
N GLU D 154 -2.69 9.71 27.89
CA GLU D 154 -2.88 8.41 28.54
C GLU D 154 -1.64 8.25 29.47
N PRO D 155 -1.73 7.52 30.59
CA PRO D 155 -2.86 6.72 31.06
C PRO D 155 -3.65 7.32 32.21
N VAL D 156 -4.77 6.67 32.48
CA VAL D 156 -5.69 6.91 33.57
C VAL D 156 -5.84 5.53 34.25
N THR D 157 -5.76 5.48 35.60
CA THR D 157 -6.00 4.23 36.35
C THR D 157 -7.32 4.40 37.06
N VAL D 158 -8.15 3.34 37.04
CA VAL D 158 -9.46 3.31 37.69
C VAL D 158 -9.51 2.09 38.61
N SER D 159 -9.94 2.29 39.84
CA SER D 159 -10.13 1.19 40.78
C SER D 159 -11.47 1.38 41.41
N TRP D 160 -11.99 0.32 42.05
CA TRP D 160 -13.29 0.40 42.70
C TRP D 160 -13.09 0.07 44.17
N ASN D 161 -13.55 0.96 45.06
CA ASN D 161 -13.46 0.83 46.51
C ASN D 161 -12.01 0.65 46.98
N SER D 162 -11.10 1.51 46.44
CA SER D 162 -9.65 1.54 46.67
C SER D 162 -8.92 0.26 46.28
N GLY D 163 -9.49 -0.48 45.35
CA GLY D 163 -8.91 -1.74 44.89
C GLY D 163 -9.48 -2.98 45.56
N ALA D 164 -10.37 -2.82 46.57
CA ALA D 164 -11.00 -3.97 47.25
C ALA D 164 -11.97 -4.68 46.29
N LEU D 165 -12.63 -3.92 45.41
CA LEU D 165 -13.55 -4.48 44.42
C LEU D 165 -12.84 -4.70 43.09
N THR D 166 -12.66 -5.98 42.69
CA THR D 166 -11.98 -6.36 41.46
C THR D 166 -12.83 -7.29 40.60
N SER D 167 -13.65 -8.14 41.25
CA SER D 167 -14.50 -9.08 40.55
C SER D 167 -15.68 -8.40 39.84
N GLY D 168 -15.92 -8.75 38.58
CA GLY D 168 -16.98 -8.17 37.77
C GLY D 168 -16.62 -6.83 37.17
N VAL D 169 -15.36 -6.37 37.36
CA VAL D 169 -14.85 -5.08 36.85
C VAL D 169 -14.34 -5.19 35.41
N HIS D 170 -14.81 -4.25 34.55
CA HIS D 170 -14.32 -4.09 33.18
C HIS D 170 -13.95 -2.63 32.97
N THR D 171 -12.66 -2.36 32.78
CA THR D 171 -12.17 -1.02 32.44
C THR D 171 -11.83 -1.07 30.94
N PHE D 172 -12.61 -0.37 30.13
CA PHE D 172 -12.47 -0.38 28.67
C PHE D 172 -11.28 0.42 28.15
N PRO D 173 -10.65 -0.04 27.06
CA PRO D 173 -9.56 0.76 26.46
C PRO D 173 -10.07 2.18 26.11
N ALA D 174 -9.26 3.21 26.34
CA ALA D 174 -9.64 4.59 26.07
C ALA D 174 -9.88 4.79 24.60
N VAL D 175 -10.85 5.66 24.26
CA VAL D 175 -11.10 5.98 22.86
C VAL D 175 -10.66 7.42 22.62
N LEU D 176 -10.06 7.69 21.44
CA LEU D 176 -9.65 9.06 21.11
C LEU D 176 -10.82 9.79 20.46
N GLN D 177 -11.27 10.86 21.10
CA GLN D 177 -12.40 11.65 20.61
C GLN D 177 -11.94 12.56 19.45
N SER D 178 -12.90 13.09 18.68
CA SER D 178 -12.62 13.99 17.55
C SER D 178 -11.94 15.29 18.02
N SER D 179 -12.08 15.64 19.31
CA SER D 179 -11.47 16.80 19.97
C SER D 179 -9.99 16.57 20.26
N GLY D 180 -9.55 15.31 20.19
CA GLY D 180 -8.16 14.96 20.46
C GLY D 180 -7.92 14.57 21.91
N LEU D 181 -9.01 14.57 22.69
CA LEU D 181 -9.03 14.18 24.11
C LEU D 181 -9.45 12.71 24.26
N TYR D 182 -8.97 12.06 25.32
CA TYR D 182 -9.33 10.68 25.61
C TYR D 182 -10.56 10.55 26.45
N SER D 183 -11.17 9.35 26.45
CA SER D 183 -12.40 9.06 27.15
C SER D 183 -12.44 7.58 27.40
N LEU D 184 -12.81 7.18 28.62
CA LEU D 184 -12.80 5.80 29.05
C LEU D 184 -14.01 5.51 29.94
N SER D 185 -14.44 4.28 29.96
CA SER D 185 -15.50 3.87 30.88
C SER D 185 -15.05 2.67 31.68
N SER D 186 -15.49 2.61 32.93
CA SER D 186 -15.16 1.50 33.82
C SER D 186 -16.48 1.01 34.42
N VAL D 187 -16.80 -0.28 34.26
CA VAL D 187 -18.05 -0.82 34.74
C VAL D 187 -17.90 -1.99 35.71
N VAL D 188 -18.91 -2.22 36.50
CA VAL D 188 -18.95 -3.33 37.43
C VAL D 188 -20.38 -3.88 37.47
N THR D 189 -20.51 -5.19 37.37
CA THR D 189 -21.82 -5.82 37.46
C THR D 189 -21.98 -6.33 38.87
N VAL D 190 -23.12 -5.99 39.48
CA VAL D 190 -23.44 -6.32 40.86
C VAL D 190 -24.88 -6.84 40.97
N PRO D 191 -25.23 -7.53 42.07
CA PRO D 191 -26.64 -7.95 42.24
C PRO D 191 -27.52 -6.70 42.40
N SER D 192 -28.68 -6.67 41.72
CA SER D 192 -29.64 -5.56 41.79
C SER D 192 -30.02 -5.16 43.25
N SER D 193 -30.14 -6.16 44.15
CA SER D 193 -30.46 -5.98 45.57
C SER D 193 -29.40 -5.18 46.36
N SER D 194 -28.15 -5.23 45.91
CA SER D 194 -27.01 -4.54 46.51
C SER D 194 -27.07 -3.01 46.37
N LEU D 195 -27.91 -2.50 45.42
CA LEU D 195 -28.13 -1.07 45.16
C LEU D 195 -29.10 -0.54 46.21
N GLY D 196 -28.59 -0.42 47.42
CA GLY D 196 -29.37 0.02 48.57
C GLY D 196 -28.81 -0.51 49.87
N THR D 197 -27.85 -1.44 49.76
CA THR D 197 -27.17 -2.05 50.89
C THR D 197 -25.64 -1.88 50.80
N GLN D 198 -25.12 -1.58 49.58
CA GLN D 198 -23.68 -1.41 49.37
C GLN D 198 -23.23 -0.15 48.64
N THR D 199 -21.99 0.30 48.96
CA THR D 199 -21.38 1.49 48.36
C THR D 199 -20.34 1.14 47.31
N TYR D 200 -20.50 1.74 46.12
CA TYR D 200 -19.60 1.58 44.99
C TYR D 200 -18.99 2.93 44.63
N ILE D 201 -17.69 3.04 44.85
CA ILE D 201 -16.91 4.24 44.60
C ILE D 201 -15.81 3.96 43.60
N CYS D 202 -15.87 4.67 42.47
CA CYS D 202 -14.81 4.54 41.47
CA CYS D 202 -14.88 4.59 41.38
C CYS D 202 -13.72 5.57 41.76
N ASN D 203 -12.49 5.09 41.85
CA ASN D 203 -11.31 5.90 42.16
C ASN D 203 -10.57 6.12 40.85
N VAL D 204 -10.33 7.38 40.47
CA VAL D 204 -9.66 7.72 39.20
C VAL D 204 -8.42 8.53 39.48
N ASN D 205 -7.30 8.08 38.93
CA ASN D 205 -6.02 8.79 39.06
C ASN D 205 -5.40 9.03 37.70
N HIS D 206 -5.06 10.29 37.44
CA HIS D 206 -4.43 10.73 36.20
C HIS D 206 -3.14 11.44 36.58
N LYS D 207 -2.04 10.67 36.72
CA LYS D 207 -0.72 11.18 37.10
C LYS D 207 -0.20 12.36 36.25
N PRO D 208 -0.32 12.37 34.88
CA PRO D 208 0.17 13.53 34.12
C PRO D 208 -0.37 14.90 34.52
N SER D 209 -1.59 14.98 35.04
CA SER D 209 -2.20 16.23 35.51
C SER D 209 -2.31 16.24 37.04
N ASN D 210 -1.75 15.20 37.70
CA ASN D 210 -1.79 14.97 39.16
C ASN D 210 -3.22 15.11 39.75
N THR D 211 -4.20 14.51 39.03
CA THR D 211 -5.63 14.49 39.34
C THR D 211 -5.99 13.16 40.02
N LYS D 212 -6.80 13.23 41.08
CA LYS D 212 -7.31 12.09 41.86
C LYS D 212 -8.76 12.39 42.16
N VAL D 213 -9.70 11.57 41.63
CA VAL D 213 -11.15 11.77 41.81
C VAL D 213 -11.78 10.47 42.33
N ASP D 214 -12.60 10.55 43.36
CA ASP D 214 -13.37 9.41 43.88
C ASP D 214 -14.84 9.74 43.60
N LYS D 215 -15.56 8.86 42.91
CA LYS D 215 -16.96 9.15 42.57
C LYS D 215 -17.87 7.94 42.88
N LYS D 216 -18.97 8.21 43.62
CA LYS D 216 -19.98 7.21 43.97
C LYS D 216 -20.96 7.01 42.81
N ALA D 217 -21.21 5.75 42.42
CA ALA D 217 -22.19 5.48 41.36
C ALA D 217 -23.47 4.95 42.03
N GLU D 218 -24.49 5.81 42.18
CA GLU D 218 -25.76 5.43 42.83
C GLU D 218 -26.95 5.50 41.86
N PRO D 219 -27.97 4.62 42.02
CA PRO D 219 -29.11 4.65 41.11
C PRO D 219 -30.15 5.69 41.53
N SER E 3 15.51 -4.57 8.14
CA SER E 3 14.67 -5.03 7.04
C SER E 3 14.34 -6.55 7.03
N TYR E 4 14.92 -7.35 7.99
CA TYR E 4 14.66 -8.79 8.18
C TYR E 4 13.31 -8.92 8.88
N VAL E 5 12.36 -9.56 8.21
CA VAL E 5 11.00 -9.72 8.74
C VAL E 5 10.74 -11.16 9.19
N LEU E 6 10.18 -11.30 10.41
CA LEU E 6 9.74 -12.56 10.99
C LEU E 6 8.21 -12.51 10.94
N THR E 7 7.61 -13.27 10.01
CA THR E 7 6.16 -13.28 9.78
C THR E 7 5.46 -14.36 10.62
N GLN E 8 4.43 -13.96 11.34
CA GLN E 8 3.54 -14.77 12.16
C GLN E 8 2.12 -14.54 11.66
N PRO E 9 1.21 -15.54 11.79
CA PRO E 9 -0.20 -15.29 11.45
C PRO E 9 -0.83 -14.28 12.45
N PRO E 10 -1.64 -13.29 12.00
CA PRO E 10 -2.23 -12.30 12.96
C PRO E 10 -3.07 -12.92 14.09
N SER E 11 -3.80 -13.98 13.78
CA SER E 11 -4.63 -14.63 14.76
C SER E 11 -4.66 -16.13 14.60
N VAL E 12 -4.77 -16.82 15.74
CA VAL E 12 -4.86 -18.26 15.83
C VAL E 12 -5.94 -18.53 16.88
N SER E 13 -6.81 -19.50 16.60
CA SER E 13 -7.85 -19.93 17.48
C SER E 13 -7.59 -21.38 17.90
N VAL E 14 -7.97 -21.74 19.14
CA VAL E 14 -7.86 -23.10 19.68
C VAL E 14 -9.08 -23.41 20.49
N SER E 15 -9.60 -24.63 20.35
CA SER E 15 -10.66 -25.11 21.19
C SER E 15 -9.96 -25.54 22.49
N PRO E 16 -10.59 -25.41 23.67
CA PRO E 16 -9.93 -25.88 24.90
C PRO E 16 -9.53 -27.36 24.86
N GLY E 17 -8.33 -27.66 25.36
CA GLY E 17 -7.80 -29.02 25.39
C GLY E 17 -7.04 -29.40 24.14
N GLN E 18 -7.20 -28.63 23.05
CA GLN E 18 -6.55 -28.93 21.78
C GLN E 18 -5.16 -28.31 21.69
N THR E 19 -4.50 -28.46 20.54
CA THR E 19 -3.13 -28.02 20.34
C THR E 19 -3.03 -26.77 19.48
N ALA E 20 -2.40 -25.72 20.02
CA ALA E 20 -2.18 -24.50 19.25
C ALA E 20 -0.77 -24.53 18.74
N ARG E 21 -0.62 -24.22 17.44
CA ARG E 21 0.67 -24.12 16.76
C ARG E 21 0.80 -22.71 16.20
N ILE E 22 1.78 -21.94 16.68
CA ILE E 22 2.01 -20.58 16.23
C ILE E 22 3.31 -20.58 15.50
N THR E 23 3.28 -20.22 14.23
CA THR E 23 4.45 -20.20 13.37
C THR E 23 5.08 -18.84 13.27
N CYS E 24 6.34 -18.86 12.91
CA CYS E 24 7.13 -17.68 12.72
C CYS E 24 8.03 -17.96 11.52
N SER E 25 7.91 -17.17 10.45
CA SER E 25 8.63 -17.40 9.21
C SER E 25 9.63 -16.33 8.85
N GLY E 26 10.86 -16.77 8.64
CA GLY E 26 11.99 -15.93 8.25
C GLY E 26 13.02 -16.71 7.45
N ASP E 27 13.75 -16.01 6.57
CA ASP E 27 14.78 -16.58 5.71
C ASP E 27 15.97 -17.10 6.53
N LYS E 28 16.20 -18.43 6.48
CA LYS E 28 17.25 -19.13 7.21
C LYS E 28 17.09 -19.03 8.75
N LEU E 29 15.82 -19.03 9.24
CA LEU E 29 15.49 -18.99 10.67
C LEU E 29 16.10 -20.20 11.36
N GLY E 30 16.09 -21.36 10.69
CA GLY E 30 16.65 -22.61 11.19
C GLY E 30 18.09 -22.47 11.63
N ASP E 31 18.86 -21.51 11.05
CA ASP E 31 20.27 -21.22 11.36
C ASP E 31 20.44 -20.28 12.56
N LYS E 32 19.32 -19.76 13.09
CA LYS E 32 19.26 -18.84 14.23
C LYS E 32 18.60 -19.51 15.42
N TYR E 33 18.94 -19.05 16.62
CA TYR E 33 18.27 -19.48 17.85
C TYR E 33 17.03 -18.61 18.00
N ALA E 34 15.84 -19.23 18.02
CA ALA E 34 14.55 -18.56 18.19
C ALA E 34 14.10 -18.55 19.66
N SER E 35 13.44 -17.45 20.07
CA SER E 35 12.91 -17.22 21.40
C SER E 35 11.44 -16.90 21.25
N TRP E 36 10.65 -17.13 22.31
CA TRP E 36 9.23 -16.87 22.29
C TRP E 36 8.82 -16.17 23.54
N TYR E 37 7.97 -15.13 23.38
CA TYR E 37 7.44 -14.31 24.47
C TYR E 37 5.93 -14.31 24.47
N GLN E 38 5.34 -14.37 25.66
CA GLN E 38 3.89 -14.32 25.88
C GLN E 38 3.57 -12.98 26.52
N GLN E 39 2.60 -12.25 25.95
CA GLN E 39 2.18 -10.99 26.53
C GLN E 39 0.63 -10.93 26.67
N LYS E 40 0.16 -10.92 27.92
CA LYS E 40 -1.27 -10.83 28.23
C LYS E 40 -1.73 -9.36 28.19
N PRO E 41 -3.03 -9.08 27.89
CA PRO E 41 -3.47 -7.67 27.81
C PRO E 41 -3.06 -6.78 28.98
N GLY E 42 -2.38 -5.68 28.67
CA GLY E 42 -1.85 -4.72 29.63
C GLY E 42 -0.73 -5.19 30.54
N GLN E 43 -0.05 -6.30 30.20
CA GLN E 43 1.05 -6.86 30.99
C GLN E 43 2.36 -6.85 30.19
N SER E 44 3.50 -7.08 30.88
CA SER E 44 4.82 -7.13 30.28
C SER E 44 4.99 -8.50 29.60
N PRO E 45 5.91 -8.63 28.60
CA PRO E 45 6.17 -9.94 28.01
C PRO E 45 6.84 -10.90 29.00
N VAL E 46 6.62 -12.19 28.79
CA VAL E 46 7.13 -13.29 29.59
C VAL E 46 7.84 -14.24 28.60
N LEU E 47 9.11 -14.58 28.85
CA LEU E 47 9.88 -15.53 28.05
C LEU E 47 9.26 -16.91 28.30
N VAL E 48 8.78 -17.57 27.22
CA VAL E 48 8.19 -18.91 27.31
C VAL E 48 9.10 -19.98 26.71
N ILE E 49 9.95 -19.61 25.73
CA ILE E 49 10.90 -20.49 25.04
C ILE E 49 12.17 -19.72 24.68
N TYR E 50 13.33 -20.36 24.83
CA TYR E 50 14.62 -19.79 24.42
C TYR E 50 15.44 -20.88 23.75
N GLN E 51 16.42 -20.50 22.92
CA GLN E 51 17.29 -21.42 22.17
C GLN E 51 16.45 -22.51 21.44
N ASP E 52 15.46 -22.05 20.68
CA ASP E 52 14.47 -22.85 19.93
C ASP E 52 13.49 -23.73 20.70
N ASN E 53 13.94 -24.45 21.73
CA ASN E 53 13.08 -25.42 22.44
C ASN E 53 13.31 -25.53 23.94
N LYS E 54 14.14 -24.64 24.54
CA LYS E 54 14.37 -24.69 25.99
C LYS E 54 13.27 -23.94 26.68
N ARG E 55 12.86 -24.41 27.86
CA ARG E 55 11.77 -23.86 28.62
C ARG E 55 12.23 -23.21 29.94
N PRO E 56 11.93 -21.92 30.23
CA PRO E 56 12.19 -21.39 31.60
C PRO E 56 11.51 -22.25 32.71
N SER E 57 11.99 -22.12 33.96
CA SER E 57 11.51 -22.94 35.08
C SER E 57 10.03 -22.76 35.45
N GLU E 58 9.48 -21.56 35.26
CA GLU E 58 8.07 -21.32 35.59
C GLU E 58 7.12 -21.66 34.43
N ILE E 59 7.68 -22.17 33.29
CA ILE E 59 6.90 -22.47 32.09
C ILE E 59 6.35 -23.89 31.97
N PRO E 60 5.00 -24.08 32.01
CA PRO E 60 4.43 -25.43 31.90
C PRO E 60 4.95 -26.24 30.72
N ALA E 61 5.13 -27.57 30.92
CA ALA E 61 5.66 -28.48 29.90
C ALA E 61 4.78 -28.58 28.64
N ARG E 62 3.54 -28.07 28.70
CA ARG E 62 2.63 -28.02 27.56
C ARG E 62 3.10 -27.01 26.47
N PHE E 63 4.07 -26.14 26.81
CA PHE E 63 4.70 -25.20 25.88
C PHE E 63 5.95 -25.84 25.30
N SER E 64 6.03 -25.90 23.99
CA SER E 64 7.20 -26.47 23.32
C SER E 64 7.55 -25.70 22.08
N GLY E 65 8.81 -25.78 21.70
CA GLY E 65 9.30 -25.09 20.53
C GLY E 65 10.11 -25.99 19.63
N SER E 66 10.26 -25.56 18.39
CA SER E 66 11.01 -26.22 17.33
C SER E 66 11.34 -25.15 16.32
N ASN E 67 12.49 -25.31 15.66
CA ASN E 67 12.94 -24.40 14.63
C ASN E 67 13.70 -25.20 13.54
N SER E 68 13.18 -25.17 12.30
CA SER E 68 13.77 -25.88 11.14
C SER E 68 13.52 -25.13 9.86
N GLY E 69 14.56 -25.07 9.03
CA GLY E 69 14.52 -24.41 7.74
C GLY E 69 14.26 -22.93 7.86
N ASN E 70 13.04 -22.52 7.48
CA ASN E 70 12.63 -21.11 7.52
C ASN E 70 11.53 -20.85 8.56
N THR E 71 11.25 -21.81 9.43
CA THR E 71 10.12 -21.70 10.36
C THR E 71 10.40 -22.18 11.79
N ALA E 72 10.04 -21.35 12.77
CA ALA E 72 10.05 -21.70 14.19
C ALA E 72 8.57 -21.85 14.56
N THR E 73 8.26 -22.80 15.42
CA THR E 73 6.91 -23.07 15.86
C THR E 73 6.85 -23.12 17.37
N LEU E 74 5.83 -22.47 17.93
CA LEU E 74 5.51 -22.55 19.34
C LEU E 74 4.27 -23.42 19.41
N THR E 75 4.37 -24.51 20.18
CA THR E 75 3.30 -25.48 20.37
C THR E 75 2.77 -25.39 21.79
N ILE E 76 1.44 -25.25 21.92
CA ILE E 76 0.75 -25.21 23.20
C ILE E 76 -0.25 -26.36 23.20
N SER E 77 0.11 -27.46 23.84
CA SER E 77 -0.71 -28.66 24.00
C SER E 77 -1.72 -28.36 25.09
N GLY E 78 -2.90 -28.97 25.03
CA GLY E 78 -3.98 -28.76 25.99
C GLY E 78 -4.20 -27.31 26.30
N ALA E 79 -4.46 -26.51 25.25
CA ALA E 79 -4.67 -25.06 25.38
C ALA E 79 -5.78 -24.77 26.38
N GLN E 80 -5.60 -23.71 27.20
CA GLN E 80 -6.54 -23.26 28.25
C GLN E 80 -6.75 -21.74 28.13
N ALA E 81 -7.81 -21.24 28.78
CA ALA E 81 -8.15 -19.80 28.89
C ALA E 81 -6.92 -18.99 29.40
N MET E 82 -6.14 -19.56 30.34
CA MET E 82 -4.90 -18.90 30.83
C MET E 82 -3.84 -18.66 29.73
N ASP E 83 -4.01 -19.27 28.54
CA ASP E 83 -3.04 -19.10 27.44
C ASP E 83 -3.40 -17.98 26.48
N GLU E 84 -4.52 -17.26 26.73
CA GLU E 84 -4.98 -16.13 25.90
C GLU E 84 -3.97 -14.99 26.03
N ALA E 85 -3.35 -14.67 24.91
CA ALA E 85 -2.31 -13.65 24.91
C ALA E 85 -1.86 -13.39 23.47
N ASP E 86 -0.96 -12.42 23.34
CA ASP E 86 -0.22 -12.16 22.13
C ASP E 86 1.13 -12.92 22.33
N TYR E 87 1.63 -13.57 21.27
CA TYR E 87 2.87 -14.36 21.28
C TYR E 87 3.81 -13.80 20.25
N TYR E 88 5.05 -13.56 20.65
CA TYR E 88 6.06 -12.99 19.75
C TYR E 88 7.26 -13.90 19.67
N CYS E 89 7.71 -14.20 18.44
CA CYS E 89 8.95 -14.93 18.27
C CYS E 89 10.04 -13.87 18.17
N GLN E 90 11.28 -14.23 18.44
CA GLN E 90 12.40 -13.30 18.37
C GLN E 90 13.64 -14.11 17.90
N ALA E 91 14.49 -13.51 17.05
CA ALA E 91 15.78 -14.06 16.62
C ALA E 91 16.68 -12.88 16.22
N TRP E 92 18.00 -13.12 16.20
CA TRP E 92 19.00 -12.13 15.84
C TRP E 92 19.42 -12.23 14.38
N ASP E 93 19.56 -11.07 13.74
CA ASP E 93 19.99 -10.93 12.36
C ASP E 93 20.72 -9.60 12.24
N SER E 94 21.91 -9.64 11.59
CA SER E 94 22.79 -8.47 11.34
C SER E 94 23.02 -7.66 12.61
N ASN E 95 23.29 -8.38 13.72
CA ASN E 95 23.53 -7.81 15.05
C ASN E 95 22.33 -7.08 15.67
N THR E 96 21.10 -7.42 15.27
CA THR E 96 19.89 -6.79 15.82
C THR E 96 18.84 -7.80 16.27
N GLY E 97 18.32 -7.58 17.45
CA GLY E 97 17.21 -8.36 17.99
C GLY E 97 15.98 -8.04 17.14
N VAL E 98 15.34 -9.06 16.60
CA VAL E 98 14.18 -8.90 15.74
C VAL E 98 13.01 -9.66 16.35
N PHE E 99 11.93 -8.97 16.62
CA PHE E 99 10.71 -9.60 17.09
C PHE E 99 9.83 -9.88 15.89
N GLY E 100 9.06 -10.94 15.97
CA GLY E 100 8.14 -11.32 14.92
C GLY E 100 6.92 -10.41 14.95
N THR E 101 6.06 -10.61 13.95
CA THR E 101 4.80 -9.84 13.71
C THR E 101 3.78 -9.88 14.86
N GLY E 102 3.75 -10.98 15.60
CA GLY E 102 2.84 -11.17 16.71
C GLY E 102 1.55 -11.83 16.33
N THR E 103 1.14 -12.78 17.16
CA THR E 103 -0.09 -13.53 16.97
C THR E 103 -0.90 -13.38 18.24
N LYS E 104 -2.19 -13.11 18.08
CA LYS E 104 -3.16 -13.10 19.14
C LYS E 104 -3.79 -14.52 19.17
N LEU E 105 -3.71 -15.16 20.31
CA LEU E 105 -4.26 -16.49 20.45
C LEU E 105 -5.61 -16.37 21.11
N THR E 106 -6.68 -16.77 20.42
CA THR E 106 -8.04 -16.81 20.93
C THR E 106 -8.39 -18.24 21.37
N VAL E 107 -8.86 -18.44 22.62
CA VAL E 107 -9.27 -19.75 23.15
C VAL E 107 -10.80 -19.81 23.12
N LEU E 108 -11.37 -20.76 22.33
CA LEU E 108 -12.82 -20.88 22.12
C LEU E 108 -13.55 -21.29 23.36
N ARG E 109 -14.85 -21.02 23.37
CA ARG E 109 -15.79 -21.38 24.44
C ARG E 109 -17.18 -21.43 23.81
N THR E 110 -18.19 -21.75 24.61
CA THR E 110 -19.57 -21.78 24.10
C THR E 110 -20.09 -20.37 23.87
N VAL E 111 -20.99 -20.22 22.92
CA VAL E 111 -21.65 -18.94 22.62
C VAL E 111 -22.37 -18.43 23.88
N ALA E 112 -22.12 -17.15 24.23
CA ALA E 112 -22.76 -16.47 25.35
C ALA E 112 -23.34 -15.18 24.78
N ALA E 113 -24.66 -15.01 24.92
CA ALA E 113 -25.33 -13.78 24.48
C ALA E 113 -24.96 -12.64 25.46
N PRO E 114 -24.80 -11.36 25.00
CA PRO E 114 -24.47 -10.29 25.96
C PRO E 114 -25.64 -9.91 26.86
N SER E 115 -25.29 -9.42 28.05
CA SER E 115 -26.24 -8.80 28.97
C SER E 115 -26.15 -7.31 28.54
N VAL E 116 -27.31 -6.68 28.26
CA VAL E 116 -27.36 -5.30 27.75
C VAL E 116 -27.85 -4.32 28.80
N PHE E 117 -27.12 -3.19 28.94
CA PHE E 117 -27.45 -2.12 29.91
C PHE E 117 -27.33 -0.75 29.24
N ILE E 118 -28.26 0.15 29.53
CA ILE E 118 -28.22 1.50 29.01
C ILE E 118 -28.09 2.49 30.20
N PHE E 119 -27.21 3.49 30.08
CA PHE E 119 -26.97 4.49 31.12
C PHE E 119 -27.28 5.87 30.58
N PRO E 120 -28.25 6.57 31.19
CA PRO E 120 -28.52 7.95 30.78
C PRO E 120 -27.37 8.87 31.21
N PRO E 121 -27.21 10.08 30.60
CA PRO E 121 -26.16 11.00 31.08
C PRO E 121 -26.44 11.48 32.52
N SER E 122 -25.39 11.73 33.30
CA SER E 122 -25.53 12.24 34.66
C SER E 122 -25.99 13.72 34.61
N ASP E 123 -26.62 14.21 35.71
CA ASP E 123 -27.05 15.62 35.84
C ASP E 123 -25.82 16.53 35.78
N GLU E 124 -24.75 16.12 36.50
CA GLU E 124 -23.46 16.76 36.57
C GLU E 124 -22.90 17.03 35.17
N GLN E 125 -23.01 16.05 34.23
CA GLN E 125 -22.52 16.25 32.86
C GLN E 125 -23.40 17.23 32.05
N LEU E 126 -24.73 17.14 32.22
CA LEU E 126 -25.67 18.04 31.53
C LEU E 126 -25.41 19.52 31.84
N LYS E 127 -24.96 19.81 33.07
CA LYS E 127 -24.57 21.14 33.56
C LYS E 127 -23.35 21.68 32.79
N SER E 128 -22.61 20.83 32.06
CA SER E 128 -21.45 21.25 31.27
C SER E 128 -21.76 21.44 29.77
N GLY E 129 -23.00 21.21 29.36
CA GLY E 129 -23.42 21.39 27.97
C GLY E 129 -23.30 20.20 27.02
N THR E 130 -22.91 19.02 27.53
CA THR E 130 -22.83 17.79 26.73
C THR E 130 -23.60 16.65 27.39
N ALA E 131 -24.04 15.69 26.59
CA ALA E 131 -24.75 14.50 27.05
C ALA E 131 -24.12 13.26 26.45
N SER E 132 -23.65 12.35 27.29
CA SER E 132 -23.08 11.07 26.85
C SER E 132 -24.02 9.96 27.26
N VAL E 133 -24.55 9.20 26.31
CA VAL E 133 -25.42 8.07 26.62
C VAL E 133 -24.54 6.81 26.45
N VAL E 134 -24.55 5.92 27.41
CA VAL E 134 -23.67 4.74 27.40
C VAL E 134 -24.41 3.42 27.32
N CYS E 135 -23.99 2.57 26.38
CA CYS E 135 -24.52 1.23 26.22
CA CYS E 135 -24.50 1.23 26.29
C CYS E 135 -23.44 0.19 26.54
N LEU E 136 -23.73 -0.70 27.51
CA LEU E 136 -22.81 -1.77 27.89
C LEU E 136 -23.35 -3.12 27.43
N LEU E 137 -22.46 -3.91 26.77
CA LEU E 137 -22.71 -5.29 26.31
C LEU E 137 -21.74 -6.09 27.13
N ASN E 138 -22.23 -6.80 28.14
CA ASN E 138 -21.36 -7.52 29.05
C ASN E 138 -21.26 -9.02 28.81
N ASN E 139 -20.05 -9.59 28.96
CA ASN E 139 -19.75 -11.04 28.96
C ASN E 139 -20.34 -11.86 27.82
N PHE E 140 -19.92 -11.58 26.58
CA PHE E 140 -20.42 -12.35 25.45
C PHE E 140 -19.28 -13.04 24.71
N TYR E 141 -19.67 -14.00 23.87
CA TYR E 141 -18.77 -14.76 23.00
C TYR E 141 -19.60 -15.30 21.82
N PRO E 142 -19.09 -15.24 20.54
CA PRO E 142 -17.80 -14.62 20.10
C PRO E 142 -17.80 -13.09 20.13
N ARG E 143 -16.70 -12.47 19.74
CA ARG E 143 -16.46 -11.01 19.68
C ARG E 143 -17.43 -10.20 18.77
N GLU E 144 -17.95 -10.82 17.70
CA GLU E 144 -18.81 -10.16 16.71
C GLU E 144 -20.18 -9.77 17.30
N ALA E 145 -20.45 -8.47 17.34
CA ALA E 145 -21.69 -7.88 17.88
C ALA E 145 -21.89 -6.54 17.22
N LYS E 146 -23.16 -6.16 17.02
CA LYS E 146 -23.55 -4.89 16.41
C LYS E 146 -24.41 -4.11 17.41
N VAL E 147 -24.04 -2.87 17.65
CA VAL E 147 -24.73 -1.91 18.51
C VAL E 147 -25.26 -0.82 17.59
N GLN E 148 -26.57 -0.59 17.63
CA GLN E 148 -27.23 0.41 16.80
C GLN E 148 -27.94 1.40 17.74
N TRP E 149 -27.56 2.69 17.71
CA TRP E 149 -28.21 3.71 18.51
C TRP E 149 -29.44 4.26 17.78
N LYS E 150 -30.54 4.44 18.52
CA LYS E 150 -31.77 5.01 17.97
C LYS E 150 -32.28 6.06 18.94
N VAL E 151 -32.48 7.28 18.43
CA VAL E 151 -33.00 8.43 19.19
C VAL E 151 -34.35 8.79 18.54
N ASP E 152 -35.48 8.57 19.28
CA ASP E 152 -36.85 8.77 18.80
C ASP E 152 -37.09 7.96 17.50
N ASN E 153 -36.67 6.66 17.52
CA ASN E 153 -36.73 5.68 16.43
C ASN E 153 -35.89 6.09 15.20
N ALA E 154 -34.97 7.08 15.36
CA ALA E 154 -34.09 7.52 14.27
C ALA E 154 -32.66 6.97 14.44
N LEU E 155 -32.20 6.18 13.45
CA LEU E 155 -30.89 5.54 13.36
C LEU E 155 -29.78 6.59 13.46
N GLN E 156 -28.92 6.49 14.49
CA GLN E 156 -27.82 7.45 14.68
C GLN E 156 -26.60 7.00 13.91
N SER E 157 -25.78 7.97 13.48
CA SER E 157 -24.55 7.74 12.72
C SER E 157 -23.57 8.91 12.91
N GLY E 158 -22.30 8.57 13.15
CA GLY E 158 -21.23 9.54 13.33
C GLY E 158 -21.08 10.15 14.71
N ASN E 159 -22.02 9.85 15.63
CA ASN E 159 -22.01 10.45 16.97
C ASN E 159 -21.71 9.45 18.09
N SER E 160 -21.18 8.26 17.73
CA SER E 160 -20.84 7.23 18.72
C SER E 160 -19.44 6.62 18.52
N GLN E 161 -18.87 6.15 19.62
CA GLN E 161 -17.59 5.45 19.63
C GLN E 161 -17.75 4.21 20.50
N GLU E 162 -17.05 3.13 20.14
CA GLU E 162 -17.08 1.91 20.93
C GLU E 162 -15.69 1.40 21.26
N SER E 163 -15.63 0.56 22.27
CA SER E 163 -14.42 -0.01 22.83
C SER E 163 -14.74 -1.44 23.30
N VAL E 164 -13.85 -2.41 22.97
CA VAL E 164 -14.00 -3.83 23.30
C VAL E 164 -12.82 -4.27 24.15
N THR E 165 -13.08 -5.02 25.23
CA THR E 165 -12.04 -5.58 26.08
C THR E 165 -11.44 -6.77 25.34
N GLU E 166 -10.27 -7.26 25.79
CA GLU E 166 -9.72 -8.51 25.25
C GLU E 166 -10.49 -9.65 25.99
N GLN E 167 -10.27 -10.88 25.66
CA GLN E 167 -10.93 -12.01 26.31
C GLN E 167 -10.65 -12.12 27.84
N ASP E 168 -11.70 -12.31 28.64
CA ASP E 168 -11.55 -12.53 30.08
C ASP E 168 -10.77 -13.88 30.34
N SER E 169 -9.63 -13.77 31.04
CA SER E 169 -8.69 -14.89 31.28
C SER E 169 -9.27 -16.10 32.02
N LYS E 170 -10.49 -15.96 32.57
CA LYS E 170 -11.22 -16.95 33.35
C LYS E 170 -12.42 -17.50 32.62
N ASP E 171 -13.24 -16.62 31.99
CA ASP E 171 -14.41 -17.13 31.28
C ASP E 171 -14.37 -16.99 29.78
N SER E 172 -13.27 -16.40 29.24
CA SER E 172 -13.00 -16.26 27.80
C SER E 172 -14.04 -15.40 27.04
N THR E 173 -14.69 -14.50 27.77
CA THR E 173 -15.70 -13.62 27.17
C THR E 173 -15.13 -12.20 26.86
N TYR E 174 -15.88 -11.42 26.09
CA TYR E 174 -15.59 -10.03 25.77
C TYR E 174 -16.70 -9.18 26.38
N SER E 175 -16.43 -7.88 26.55
CA SER E 175 -17.39 -6.88 26.95
C SER E 175 -17.18 -5.71 26.01
N LEU E 176 -18.24 -4.99 25.73
CA LEU E 176 -18.18 -3.86 24.83
C LEU E 176 -18.90 -2.65 25.48
N SER E 177 -18.34 -1.45 25.25
CA SER E 177 -18.92 -0.20 25.69
C SER E 177 -19.12 0.71 24.49
N SER E 178 -20.28 1.34 24.37
CA SER E 178 -20.57 2.27 23.30
C SER E 178 -21.10 3.55 23.89
N THR E 179 -20.56 4.69 23.46
CA THR E 179 -20.98 5.99 23.95
C THR E 179 -21.50 6.83 22.82
N LEU E 180 -22.73 7.29 22.96
CA LEU E 180 -23.39 8.24 22.06
C LEU E 180 -23.23 9.61 22.72
N THR E 181 -22.57 10.58 22.02
CA THR E 181 -22.35 11.95 22.52
C THR E 181 -23.16 12.95 21.69
N LEU E 182 -23.89 13.80 22.39
CA LEU E 182 -24.82 14.79 21.88
C LEU E 182 -24.65 16.06 22.71
N SER E 183 -25.00 17.24 22.15
CA SER E 183 -24.99 18.49 22.89
C SER E 183 -26.21 18.45 23.81
N LYS E 184 -26.17 19.17 24.95
CA LYS E 184 -27.30 19.25 25.86
C LYS E 184 -28.58 19.68 25.11
N ALA E 185 -28.44 20.65 24.18
CA ALA E 185 -29.53 21.18 23.35
C ALA E 185 -30.19 20.10 22.46
N ASP E 186 -29.38 19.26 21.78
CA ASP E 186 -29.91 18.19 20.92
C ASP E 186 -30.49 17.11 21.77
N TYR E 187 -29.91 16.89 22.96
CA TYR E 187 -30.37 15.87 23.89
C TYR E 187 -31.77 16.15 24.43
N GLU E 188 -32.07 17.43 24.70
CA GLU E 188 -33.35 17.89 25.26
C GLU E 188 -34.45 18.02 24.24
N LYS E 189 -34.13 17.90 22.93
CA LYS E 189 -35.09 17.94 21.84
C LYS E 189 -35.73 16.55 21.62
N HIS E 190 -35.28 15.52 22.36
CA HIS E 190 -35.76 14.15 22.14
C HIS E 190 -36.19 13.40 23.38
N LYS E 191 -37.07 12.41 23.22
CA LYS E 191 -37.59 11.60 24.33
C LYS E 191 -36.90 10.20 24.50
N VAL E 192 -37.07 9.27 23.53
CA VAL E 192 -36.61 7.88 23.59
C VAL E 192 -35.18 7.69 23.08
N TYR E 193 -34.33 7.19 23.96
CA TYR E 193 -32.93 6.88 23.72
C TYR E 193 -32.78 5.38 23.82
N ALA E 194 -32.38 4.74 22.72
CA ALA E 194 -32.31 3.30 22.68
C ALA E 194 -31.07 2.72 22.03
N CYS E 195 -30.60 1.60 22.62
CA CYS E 195 -29.44 0.84 22.16
CA CYS E 195 -29.51 0.86 22.00
C CYS E 195 -29.99 -0.52 21.66
N GLU E 196 -29.85 -0.82 20.36
CA GLU E 196 -30.33 -2.06 19.73
C GLU E 196 -29.14 -2.98 19.46
N VAL E 197 -29.16 -4.18 20.06
CA VAL E 197 -28.07 -5.14 20.04
C VAL E 197 -28.35 -6.44 19.29
N THR E 198 -27.43 -6.76 18.38
CA THR E 198 -27.41 -7.97 17.54
C THR E 198 -26.13 -8.76 17.86
N HIS E 199 -26.26 -10.09 17.97
CA HIS E 199 -25.19 -11.04 18.30
C HIS E 199 -25.75 -12.39 17.95
N GLN E 200 -24.86 -13.34 17.66
CA GLN E 200 -25.10 -14.74 17.31
C GLN E 200 -26.01 -15.45 18.32
N GLY E 201 -25.82 -15.16 19.62
CA GLY E 201 -26.57 -15.75 20.72
C GLY E 201 -27.96 -15.15 20.93
N LEU E 202 -28.36 -14.17 20.10
CA LEU E 202 -29.66 -13.50 20.21
C LEU E 202 -30.56 -13.87 19.03
N SER E 203 -31.68 -14.54 19.31
CA SER E 203 -32.70 -14.97 18.35
C SER E 203 -33.35 -13.74 17.67
N SER E 204 -33.52 -12.66 18.45
CA SER E 204 -34.06 -11.37 17.99
C SER E 204 -33.17 -10.24 18.54
N PRO E 205 -33.16 -9.03 17.91
CA PRO E 205 -32.36 -7.91 18.49
C PRO E 205 -32.86 -7.49 19.87
N VAL E 206 -31.93 -7.19 20.79
CA VAL E 206 -32.24 -6.77 22.15
C VAL E 206 -32.17 -5.25 22.20
N THR E 207 -33.30 -4.59 22.55
CA THR E 207 -33.34 -3.14 22.68
C THR E 207 -33.45 -2.75 24.15
N LYS E 208 -32.55 -1.88 24.61
CA LYS E 208 -32.62 -1.28 25.94
C LYS E 208 -32.82 0.21 25.72
N SER E 209 -33.82 0.77 26.37
CA SER E 209 -34.14 2.19 26.23
C SER E 209 -34.54 2.89 27.53
N PHE E 210 -34.61 4.21 27.46
CA PHE E 210 -35.10 5.06 28.53
C PHE E 210 -35.69 6.30 27.88
N ASN E 211 -36.59 6.96 28.60
CA ASN E 211 -37.23 8.22 28.19
C ASN E 211 -36.57 9.31 29.04
N ARG E 212 -36.03 10.35 28.39
CA ARG E 212 -35.38 11.51 29.00
C ARG E 212 -36.37 12.18 29.97
N GLY E 213 -35.93 12.38 31.22
CA GLY E 213 -36.74 12.94 32.30
C GLY E 213 -37.33 11.87 33.21
N TYR F 4 -23.50 1.65 -8.58
CA TYR F 4 -24.31 1.19 -7.44
C TYR F 4 -23.78 -0.12 -6.86
N VAL F 5 -23.15 0.00 -5.68
CA VAL F 5 -22.53 -1.12 -4.99
C VAL F 5 -23.37 -1.55 -3.78
N LEU F 6 -23.62 -2.87 -3.68
CA LEU F 6 -24.30 -3.48 -2.55
C LEU F 6 -23.21 -4.24 -1.80
N THR F 7 -22.79 -3.70 -0.65
CA THR F 7 -21.69 -4.28 0.15
C THR F 7 -22.19 -5.31 1.16
N GLN F 8 -21.55 -6.47 1.20
CA GLN F 8 -21.83 -7.57 2.11
C GLN F 8 -20.52 -7.93 2.82
N PRO F 9 -20.50 -8.45 4.05
CA PRO F 9 -19.22 -8.92 4.64
C PRO F 9 -18.70 -10.18 3.90
N PRO F 10 -17.40 -10.29 3.57
CA PRO F 10 -16.95 -11.46 2.80
C PRO F 10 -17.19 -12.83 3.49
N SER F 11 -17.11 -12.87 4.82
CA SER F 11 -17.34 -14.11 5.56
C SER F 11 -18.06 -13.89 6.87
N VAL F 12 -18.91 -14.87 7.23
CA VAL F 12 -19.70 -14.90 8.46
C VAL F 12 -19.62 -16.32 8.98
N SER F 13 -19.44 -16.46 10.29
CA SER F 13 -19.39 -17.73 11.00
C SER F 13 -20.56 -17.84 11.95
N VAL F 14 -21.06 -19.05 12.17
CA VAL F 14 -22.14 -19.35 13.13
C VAL F 14 -21.85 -20.66 13.82
N SER F 15 -22.12 -20.72 15.12
CA SER F 15 -22.09 -21.98 15.85
C SER F 15 -23.44 -22.66 15.53
N PRO F 16 -23.51 -24.00 15.43
CA PRO F 16 -24.82 -24.64 15.12
C PRO F 16 -25.91 -24.29 16.14
N GLY F 17 -27.12 -24.08 15.64
CA GLY F 17 -28.25 -23.69 16.47
C GLY F 17 -28.38 -22.21 16.72
N GLN F 18 -27.33 -21.44 16.43
CA GLN F 18 -27.33 -20.00 16.66
C GLN F 18 -27.89 -19.22 15.48
N THR F 19 -27.91 -17.90 15.58
CA THR F 19 -28.48 -17.03 14.57
C THR F 19 -27.43 -16.32 13.70
N ALA F 20 -27.49 -16.57 12.38
CA ALA F 20 -26.61 -15.90 11.44
C ALA F 20 -27.34 -14.70 10.86
N ARG F 21 -26.67 -13.54 10.87
CA ARG F 21 -27.17 -12.30 10.31
C ARG F 21 -26.21 -11.86 9.21
N ILE F 22 -26.70 -11.81 7.96
CA ILE F 22 -25.88 -11.41 6.82
C ILE F 22 -26.44 -10.11 6.33
N THR F 23 -25.61 -9.07 6.37
CA THR F 23 -26.02 -7.74 5.96
C THR F 23 -25.66 -7.43 4.52
N CYS F 24 -26.44 -6.49 3.95
CA CYS F 24 -26.25 -5.99 2.61
CA CYS F 24 -26.36 -6.02 2.56
C CYS F 24 -26.42 -4.50 2.69
N SER F 25 -25.37 -3.78 2.30
CA SER F 25 -25.36 -2.33 2.43
C SER F 25 -25.28 -1.52 1.13
N GLY F 26 -26.29 -0.68 0.94
CA GLY F 26 -26.42 0.17 -0.23
C GLY F 26 -27.14 1.48 0.03
N ASP F 27 -26.73 2.53 -0.67
CA ASP F 27 -27.30 3.85 -0.52
C ASP F 27 -28.79 3.84 -0.86
N LYS F 28 -29.65 4.10 0.16
CA LYS F 28 -31.12 4.10 0.05
C LYS F 28 -31.69 2.73 -0.33
N LEU F 29 -31.05 1.64 0.17
CA LEU F 29 -31.48 0.25 -0.02
C LEU F 29 -32.88 0.02 0.54
N GLY F 30 -33.20 0.71 1.66
CA GLY F 30 -34.51 0.68 2.29
C GLY F 30 -35.67 1.06 1.37
N ASP F 31 -35.41 1.91 0.36
CA ASP F 31 -36.37 2.37 -0.66
C ASP F 31 -36.58 1.35 -1.79
N LYS F 32 -35.78 0.26 -1.80
CA LYS F 32 -35.79 -0.82 -2.80
C LYS F 32 -36.25 -2.12 -2.18
N TYR F 33 -36.83 -3.00 -3.00
CA TYR F 33 -37.19 -4.35 -2.56
C TYR F 33 -35.91 -5.19 -2.71
N ALA F 34 -35.46 -5.83 -1.61
CA ALA F 34 -34.28 -6.69 -1.60
C ALA F 34 -34.66 -8.17 -1.76
N SER F 35 -33.79 -8.95 -2.42
CA SER F 35 -33.93 -10.39 -2.68
C SER F 35 -32.67 -11.06 -2.17
N TRP F 36 -32.74 -12.35 -1.84
CA TRP F 36 -31.60 -13.08 -1.34
C TRP F 36 -31.52 -14.42 -2.00
N TYR F 37 -30.30 -14.81 -2.41
CA TYR F 37 -30.00 -16.07 -3.10
C TYR F 37 -28.96 -16.84 -2.37
N GLN F 38 -29.14 -18.18 -2.32
CA GLN F 38 -28.22 -19.10 -1.68
C GLN F 38 -27.54 -19.90 -2.77
N GLN F 39 -26.21 -19.96 -2.75
CA GLN F 39 -25.46 -20.74 -3.71
C GLN F 39 -24.43 -21.66 -3.05
N LYS F 40 -24.69 -22.97 -3.12
CA LYS F 40 -23.82 -24.00 -2.55
C LYS F 40 -22.66 -24.29 -3.53
N PRO F 41 -21.47 -24.76 -3.04
CA PRO F 41 -20.34 -25.00 -3.97
C PRO F 41 -20.67 -25.84 -5.21
N GLY F 42 -20.39 -25.28 -6.40
CA GLY F 42 -20.67 -25.92 -7.68
C GLY F 42 -22.14 -26.09 -8.07
N GLN F 43 -23.07 -25.35 -7.39
CA GLN F 43 -24.49 -25.42 -7.66
C GLN F 43 -25.04 -24.08 -8.15
N SER F 44 -26.27 -24.07 -8.67
CA SER F 44 -26.96 -22.85 -9.13
C SER F 44 -27.50 -22.08 -7.93
N PRO F 45 -27.74 -20.75 -8.04
CA PRO F 45 -28.37 -20.01 -6.94
C PRO F 45 -29.81 -20.45 -6.71
N VAL F 46 -30.27 -20.33 -5.46
CA VAL F 46 -31.61 -20.66 -4.98
C VAL F 46 -32.19 -19.40 -4.28
N LEU F 47 -33.43 -19.01 -4.63
CA LEU F 47 -34.13 -17.91 -4.00
C LEU F 47 -34.60 -18.35 -2.61
N VAL F 48 -34.24 -17.56 -1.56
CA VAL F 48 -34.61 -17.84 -0.16
C VAL F 48 -35.52 -16.75 0.44
N ILE F 49 -35.45 -15.51 -0.07
CA ILE F 49 -36.21 -14.31 0.37
C ILE F 49 -36.39 -13.40 -0.86
N TYR F 50 -37.58 -12.84 -1.06
CA TYR F 50 -37.94 -11.86 -2.09
C TYR F 50 -38.81 -10.78 -1.45
N GLN F 51 -38.88 -9.58 -2.07
CA GLN F 51 -39.63 -8.44 -1.54
C GLN F 51 -39.32 -8.15 -0.04
N ASP F 52 -38.03 -8.04 0.30
CA ASP F 52 -37.51 -7.77 1.65
C ASP F 52 -37.64 -8.89 2.68
N ASN F 53 -38.81 -9.56 2.76
CA ASN F 53 -39.09 -10.55 3.82
C ASN F 53 -39.99 -11.69 3.44
N LYS F 54 -40.34 -11.82 2.15
CA LYS F 54 -41.21 -12.93 1.73
C LYS F 54 -40.38 -14.15 1.51
N ARG F 55 -40.91 -15.31 1.82
CA ARG F 55 -40.23 -16.57 1.70
C ARG F 55 -40.90 -17.48 0.69
N PRO F 56 -40.16 -18.09 -0.28
CA PRO F 56 -40.80 -19.08 -1.16
C PRO F 56 -41.25 -20.32 -0.37
N SER F 57 -42.34 -20.97 -0.84
CA SER F 57 -42.97 -22.14 -0.21
C SER F 57 -41.96 -23.20 0.27
N GLU F 58 -40.99 -23.54 -0.60
CA GLU F 58 -39.97 -24.56 -0.37
C GLU F 58 -38.89 -24.17 0.65
N ILE F 59 -38.86 -22.91 1.12
CA ILE F 59 -37.83 -22.42 2.04
C ILE F 59 -38.19 -22.48 3.55
N PRO F 60 -37.33 -23.12 4.39
CA PRO F 60 -37.61 -23.19 5.84
C PRO F 60 -37.87 -21.85 6.52
N ALA F 61 -38.83 -21.84 7.47
CA ALA F 61 -39.23 -20.62 8.20
C ALA F 61 -38.10 -19.97 9.01
N ARG F 62 -36.99 -20.69 9.22
CA ARG F 62 -35.82 -20.18 9.92
C ARG F 62 -35.05 -19.08 9.11
N PHE F 63 -35.39 -18.93 7.82
CA PHE F 63 -34.86 -17.90 6.94
C PHE F 63 -35.78 -16.71 6.99
N SER F 64 -35.25 -15.54 7.31
CA SER F 64 -36.04 -14.32 7.38
C SER F 64 -35.28 -13.14 6.86
N GLY F 65 -36.00 -12.13 6.40
CA GLY F 65 -35.41 -10.91 5.88
C GLY F 65 -36.03 -9.66 6.45
N SER F 66 -35.32 -8.55 6.33
CA SER F 66 -35.71 -7.22 6.75
C SER F 66 -34.87 -6.23 5.95
N ASN F 67 -35.41 -5.02 5.71
CA ASN F 67 -34.71 -3.98 4.95
C ASN F 67 -35.13 -2.59 5.45
N SER F 68 -34.18 -1.79 5.94
CA SER F 68 -34.41 -0.42 6.43
C SER F 68 -33.21 0.47 6.25
N GLY F 69 -33.46 1.72 5.86
CA GLY F 69 -32.43 2.74 5.65
C GLY F 69 -31.48 2.36 4.54
N ASN F 70 -30.24 2.01 4.90
CA ASN F 70 -29.22 1.60 3.95
C ASN F 70 -28.84 0.12 4.07
N THR F 71 -29.62 -0.67 4.82
CA THR F 71 -29.26 -2.07 5.09
C THR F 71 -30.40 -3.10 5.01
N ALA F 72 -30.14 -4.21 4.26
CA ALA F 72 -31.00 -5.39 4.21
C ALA F 72 -30.29 -6.48 5.05
N THR F 73 -31.07 -7.30 5.70
CA THR F 73 -30.50 -8.35 6.52
C THR F 73 -31.16 -9.66 6.22
N LEU F 74 -30.37 -10.70 6.06
CA LEU F 74 -30.86 -12.06 5.95
C LEU F 74 -30.53 -12.70 7.29
N THR F 75 -31.54 -13.25 7.92
CA THR F 75 -31.43 -13.91 9.22
C THR F 75 -31.68 -15.40 9.06
N ILE F 76 -30.77 -16.20 9.60
CA ILE F 76 -30.91 -17.64 9.59
C ILE F 76 -30.87 -18.06 11.06
N SER F 77 -32.04 -18.34 11.63
CA SER F 77 -32.21 -18.82 13.00
C SER F 77 -31.87 -20.29 12.99
N GLY F 78 -31.34 -20.81 14.09
CA GLY F 78 -30.95 -22.21 14.21
C GLY F 78 -30.15 -22.71 13.02
N ALA F 79 -29.04 -22.04 12.71
CA ALA F 79 -28.15 -22.40 11.60
C ALA F 79 -27.64 -23.84 11.72
N GLN F 80 -27.65 -24.55 10.59
CA GLN F 80 -27.24 -25.95 10.43
C GLN F 80 -26.19 -26.04 9.34
N ALA F 81 -25.51 -27.19 9.26
CA ALA F 81 -24.51 -27.51 8.24
C ALA F 81 -25.12 -27.32 6.83
N MET F 82 -26.41 -27.68 6.65
CA MET F 82 -27.11 -27.52 5.38
C MET F 82 -27.24 -26.04 4.92
N ASP F 83 -26.90 -25.08 5.79
CA ASP F 83 -26.96 -23.65 5.45
C ASP F 83 -25.62 -23.09 4.97
N GLU F 84 -24.56 -23.91 4.95
CA GLU F 84 -23.24 -23.50 4.42
C GLU F 84 -23.38 -23.26 2.92
N ALA F 85 -23.03 -22.04 2.52
CA ALA F 85 -23.16 -21.55 1.15
C ALA F 85 -22.68 -20.12 1.08
N ASP F 86 -22.71 -19.57 -0.14
CA ASP F 86 -22.48 -18.18 -0.41
C ASP F 86 -23.93 -17.59 -0.54
N TYR F 87 -24.13 -16.39 0.00
CA TYR F 87 -25.42 -15.70 0.00
C TYR F 87 -25.25 -14.37 -0.69
N TYR F 88 -26.15 -14.09 -1.63
CA TYR F 88 -26.10 -12.86 -2.37
C TYR F 88 -27.39 -12.10 -2.21
N CYS F 89 -27.27 -10.80 -1.86
CA CYS F 89 -28.41 -9.89 -1.80
CA CYS F 89 -28.35 -9.84 -1.77
C CYS F 89 -28.58 -9.34 -3.23
N GLN F 90 -29.75 -8.83 -3.54
CA GLN F 90 -30.02 -8.29 -4.86
C GLN F 90 -31.14 -7.20 -4.79
N ALA F 91 -30.93 -6.11 -5.50
CA ALA F 91 -31.92 -5.05 -5.62
C ALA F 91 -31.73 -4.33 -6.95
N TRP F 92 -32.76 -3.63 -7.39
CA TRP F 92 -32.74 -2.87 -8.64
C TRP F 92 -32.38 -1.40 -8.46
N ASP F 93 -31.57 -0.89 -9.35
CA ASP F 93 -31.13 0.51 -9.39
C ASP F 93 -30.89 0.90 -10.84
N SER F 94 -31.45 2.06 -11.26
CA SER F 94 -31.37 2.64 -12.61
C SER F 94 -31.72 1.62 -13.68
N ASN F 95 -32.81 0.85 -13.44
CA ASN F 95 -33.29 -0.20 -14.35
C ASN F 95 -32.33 -1.40 -14.52
N THR F 96 -31.46 -1.67 -13.52
CA THR F 96 -30.52 -2.80 -13.58
C THR F 96 -30.53 -3.64 -12.30
N GLY F 97 -30.60 -4.96 -12.48
CA GLY F 97 -30.50 -5.93 -11.39
C GLY F 97 -29.09 -5.85 -10.88
N VAL F 98 -28.93 -5.65 -9.58
CA VAL F 98 -27.59 -5.53 -8.96
C VAL F 98 -27.49 -6.59 -7.87
N PHE F 99 -26.47 -7.45 -7.97
CA PHE F 99 -26.21 -8.41 -6.92
C PHE F 99 -25.19 -7.82 -5.97
N GLY F 100 -25.31 -8.19 -4.69
CA GLY F 100 -24.38 -7.78 -3.66
C GLY F 100 -23.06 -8.50 -3.79
N THR F 101 -22.05 -8.05 -3.00
CA THR F 101 -20.68 -8.60 -2.99
C THR F 101 -20.56 -10.12 -2.65
N GLY F 102 -21.57 -10.65 -1.93
CA GLY F 102 -21.56 -12.06 -1.55
C GLY F 102 -20.88 -12.36 -0.23
N THR F 103 -21.47 -13.30 0.51
CA THR F 103 -20.96 -13.70 1.81
C THR F 103 -20.93 -15.17 1.86
N LYS F 104 -19.78 -15.74 2.27
CA LYS F 104 -19.62 -17.15 2.55
C LYS F 104 -19.98 -17.40 4.01
N LEU F 105 -20.94 -18.29 4.24
CA LEU F 105 -21.36 -18.63 5.61
C LEU F 105 -20.66 -19.93 6.02
N THR F 106 -19.84 -19.87 7.09
CA THR F 106 -19.16 -21.00 7.69
C THR F 106 -19.95 -21.42 8.95
N VAL F 107 -20.28 -22.71 9.09
CA VAL F 107 -21.01 -23.24 10.24
C VAL F 107 -19.97 -24.04 11.07
N LEU F 108 -19.74 -23.63 12.34
CA LEU F 108 -18.77 -24.28 13.23
C LEU F 108 -19.17 -25.68 13.62
N ARG F 109 -18.23 -26.45 14.14
CA ARG F 109 -18.45 -27.80 14.64
C ARG F 109 -17.30 -28.14 15.56
N THR F 110 -17.32 -29.35 16.15
CA THR F 110 -16.24 -29.81 17.01
C THR F 110 -14.99 -30.10 16.18
N VAL F 111 -13.83 -29.91 16.78
CA VAL F 111 -12.56 -30.23 16.15
C VAL F 111 -12.51 -31.72 15.75
N ALA F 112 -12.12 -31.99 14.50
CA ALA F 112 -11.96 -33.33 13.94
C ALA F 112 -10.58 -33.38 13.31
N ALA F 113 -9.72 -34.28 13.82
CA ALA F 113 -8.37 -34.46 13.27
C ALA F 113 -8.50 -35.13 11.87
N PRO F 114 -7.61 -34.82 10.89
CA PRO F 114 -7.74 -35.48 9.57
C PRO F 114 -7.28 -36.93 9.60
N SER F 115 -7.86 -37.74 8.70
CA SER F 115 -7.39 -39.07 8.40
C SER F 115 -6.38 -38.81 7.24
N VAL F 116 -5.14 -39.31 7.39
CA VAL F 116 -4.05 -39.08 6.44
C VAL F 116 -3.75 -40.33 5.58
N PHE F 117 -3.65 -40.14 4.26
CA PHE F 117 -3.38 -41.20 3.29
C PHE F 117 -2.32 -40.71 2.29
N ILE F 118 -1.36 -41.59 1.95
CA ILE F 118 -0.31 -41.28 0.99
C ILE F 118 -0.45 -42.23 -0.19
N PHE F 119 -0.34 -41.70 -1.41
CA PHE F 119 -0.48 -42.50 -2.65
C PHE F 119 0.78 -42.40 -3.48
N PRO F 120 1.49 -43.53 -3.70
CA PRO F 120 2.66 -43.47 -4.58
C PRO F 120 2.23 -43.24 -6.04
N PRO F 121 3.11 -42.77 -6.93
CA PRO F 121 2.70 -42.61 -8.35
C PRO F 121 2.38 -43.95 -9.01
N SER F 122 1.40 -43.96 -9.92
CA SER F 122 1.01 -45.15 -10.68
C SER F 122 2.14 -45.52 -11.68
N ASP F 123 2.20 -46.79 -12.10
CA ASP F 123 3.17 -47.27 -13.09
C ASP F 123 2.94 -46.55 -14.42
N GLU F 124 1.65 -46.42 -14.80
CA GLU F 124 1.15 -45.75 -16.00
C GLU F 124 1.71 -44.33 -16.08
N GLN F 125 1.76 -43.60 -14.94
CA GLN F 125 2.32 -42.24 -14.95
C GLN F 125 3.84 -42.23 -15.14
N LEU F 126 4.55 -43.16 -14.46
CA LEU F 126 6.00 -43.26 -14.51
C LEU F 126 6.52 -43.50 -15.93
N LYS F 127 5.72 -44.23 -16.77
CA LYS F 127 5.96 -44.49 -18.18
C LYS F 127 5.95 -43.19 -19.00
N SER F 128 5.38 -42.09 -18.48
CA SER F 128 5.36 -40.79 -19.18
C SER F 128 6.49 -39.81 -18.73
N GLY F 129 7.32 -40.25 -17.79
CA GLY F 129 8.44 -39.43 -17.33
C GLY F 129 8.19 -38.48 -16.18
N THR F 130 7.00 -38.55 -15.55
CA THR F 130 6.68 -37.73 -14.35
C THR F 130 6.17 -38.62 -13.23
N ALA F 131 6.33 -38.15 -11.99
CA ALA F 131 5.88 -38.86 -10.80
C ALA F 131 5.13 -37.89 -9.90
N SER F 132 3.86 -38.20 -9.63
CA SER F 132 3.04 -37.38 -8.74
C SER F 132 2.75 -38.17 -7.48
N VAL F 133 3.15 -37.66 -6.34
CA VAL F 133 2.92 -38.34 -5.07
C VAL F 133 1.77 -37.55 -4.43
N VAL F 134 0.73 -38.25 -3.99
CA VAL F 134 -0.45 -37.59 -3.46
C VAL F 134 -0.68 -37.83 -1.97
N CYS F 135 -0.91 -36.76 -1.22
CA CYS F 135 -1.25 -36.82 0.21
CA CYS F 135 -1.27 -36.87 0.20
C CYS F 135 -2.70 -36.33 0.39
N LEU F 136 -3.56 -37.16 0.98
CA LEU F 136 -4.95 -36.80 1.24
C LEU F 136 -5.15 -36.64 2.74
N LEU F 137 -5.80 -35.52 3.14
CA LEU F 137 -6.17 -35.17 4.50
C LEU F 137 -7.68 -35.16 4.43
N ASN F 138 -8.33 -36.19 4.97
CA ASN F 138 -9.77 -36.31 4.87
C ASN F 138 -10.56 -35.93 6.14
N ASN F 139 -11.70 -35.27 5.95
CA ASN F 139 -12.72 -34.92 6.95
C ASN F 139 -12.21 -34.28 8.23
N PHE F 140 -11.58 -33.10 8.11
CA PHE F 140 -11.03 -32.38 9.26
C PHE F 140 -11.72 -31.02 9.52
N TYR F 141 -11.66 -30.54 10.76
CA TYR F 141 -12.16 -29.26 11.18
C TYR F 141 -11.29 -28.73 12.36
N PRO F 142 -10.86 -27.43 12.38
CA PRO F 142 -11.07 -26.38 11.35
C PRO F 142 -10.23 -26.59 10.09
N ARG F 143 -10.40 -25.72 9.09
CA ARG F 143 -9.70 -25.71 7.79
C ARG F 143 -8.17 -25.60 7.86
N GLU F 144 -7.64 -24.96 8.88
CA GLU F 144 -6.19 -24.74 9.06
C GLU F 144 -5.42 -26.03 9.32
N ALA F 145 -4.52 -26.35 8.40
CA ALA F 145 -3.71 -27.55 8.44
C ALA F 145 -2.44 -27.28 7.68
N LYS F 146 -1.33 -27.94 8.12
CA LYS F 146 -0.05 -27.79 7.47
C LYS F 146 0.40 -29.16 6.98
N VAL F 147 0.73 -29.23 5.70
CA VAL F 147 1.23 -30.43 5.00
C VAL F 147 2.67 -30.10 4.63
N GLN F 148 3.59 -30.92 5.09
CA GLN F 148 5.01 -30.76 4.83
C GLN F 148 5.51 -32.03 4.12
N TRP F 149 6.03 -31.88 2.89
CA TRP F 149 6.58 -33.01 2.14
C TRP F 149 8.05 -33.21 2.51
N LYS F 150 8.46 -34.47 2.68
CA LYS F 150 9.85 -34.81 2.98
C LYS F 150 10.28 -35.98 2.11
N VAL F 151 11.38 -35.77 1.36
CA VAL F 151 11.96 -36.77 0.46
C VAL F 151 13.36 -37.07 1.02
N ASP F 152 13.56 -38.33 1.54
CA ASP F 152 14.79 -38.77 2.20
C ASP F 152 15.16 -37.82 3.38
N ASN F 153 14.14 -37.49 4.23
CA ASN F 153 14.21 -36.58 5.38
C ASN F 153 14.54 -35.13 5.00
N ALA F 154 14.45 -34.78 3.70
CA ALA F 154 14.69 -33.41 3.23
C ALA F 154 13.37 -32.67 2.90
N LEU F 155 13.16 -31.55 3.62
CA LEU F 155 12.01 -30.63 3.51
C LEU F 155 11.85 -30.11 2.09
N GLN F 156 10.73 -30.41 1.43
CA GLN F 156 10.49 -29.99 0.04
C GLN F 156 9.85 -28.62 0.00
N SER F 157 10.08 -27.87 -1.09
CA SER F 157 9.53 -26.53 -1.32
C SER F 157 9.46 -26.21 -2.80
N GLY F 158 8.33 -25.66 -3.23
CA GLY F 158 8.09 -25.26 -4.61
C GLY F 158 7.67 -26.35 -5.58
N ASN F 159 7.64 -27.62 -5.14
CA ASN F 159 7.29 -28.76 -6.00
C ASN F 159 5.96 -29.42 -5.64
N SER F 160 5.12 -28.72 -4.86
CA SER F 160 3.81 -29.24 -4.50
C SER F 160 2.71 -28.22 -4.68
N GLN F 161 1.51 -28.72 -4.93
CA GLN F 161 0.32 -27.91 -5.03
C GLN F 161 -0.76 -28.54 -4.16
N GLU F 162 -1.58 -27.72 -3.54
CA GLU F 162 -2.69 -28.20 -2.74
C GLU F 162 -4.03 -27.63 -3.15
N SER F 163 -5.08 -28.28 -2.72
CA SER F 163 -6.46 -27.96 -3.03
C SER F 163 -7.29 -28.35 -1.81
N VAL F 164 -8.26 -27.50 -1.42
CA VAL F 164 -9.13 -27.73 -0.28
C VAL F 164 -10.56 -27.65 -0.77
N THR F 165 -11.41 -28.59 -0.32
CA THR F 165 -12.84 -28.58 -0.62
C THR F 165 -13.50 -27.45 0.22
N GLU F 166 -14.75 -27.10 -0.11
CA GLU F 166 -15.52 -26.16 0.74
C GLU F 166 -16.03 -27.02 1.90
N GLN F 167 -16.67 -26.40 2.92
CA GLN F 167 -17.22 -27.19 4.01
C GLN F 167 -18.21 -28.16 3.46
N ASP F 168 -18.11 -29.40 3.91
CA ASP F 168 -19.05 -30.43 3.58
C ASP F 168 -20.41 -30.00 4.17
N SER F 169 -21.45 -30.00 3.33
CA SER F 169 -22.84 -29.61 3.61
C SER F 169 -23.58 -30.61 4.52
N LYS F 170 -22.93 -31.72 4.92
CA LYS F 170 -23.51 -32.76 5.76
C LYS F 170 -22.87 -32.80 7.15
N ASP F 171 -21.53 -32.62 7.25
CA ASP F 171 -20.81 -32.72 8.52
C ASP F 171 -19.95 -31.51 8.86
N SER F 172 -19.91 -30.47 7.99
CA SER F 172 -19.15 -29.24 8.23
C SER F 172 -17.61 -29.40 8.19
N THR F 173 -17.11 -30.51 7.63
CA THR F 173 -15.66 -30.76 7.53
C THR F 173 -15.10 -30.32 6.15
N TYR F 174 -13.75 -30.26 6.08
CA TYR F 174 -12.93 -30.01 4.91
C TYR F 174 -12.10 -31.24 4.63
N SER F 175 -11.61 -31.32 3.38
CA SER F 175 -10.69 -32.32 2.92
C SER F 175 -9.66 -31.58 2.10
N LEU F 176 -8.43 -32.04 2.15
CA LEU F 176 -7.34 -31.39 1.47
C LEU F 176 -6.53 -32.43 0.69
N SER F 177 -6.06 -32.05 -0.48
CA SER F 177 -5.22 -32.87 -1.37
C SER F 177 -3.93 -32.11 -1.63
N SER F 178 -2.78 -32.75 -1.46
CA SER F 178 -1.46 -32.21 -1.73
C SER F 178 -0.75 -33.16 -2.71
N THR F 179 -0.29 -32.60 -3.85
CA THR F 179 0.40 -33.36 -4.87
C THR F 179 1.85 -32.87 -4.99
N LEU F 180 2.80 -33.76 -4.79
CA LEU F 180 4.23 -33.51 -4.98
C LEU F 180 4.60 -34.05 -6.36
N THR F 181 5.00 -33.16 -7.26
CA THR F 181 5.39 -33.55 -8.62
C THR F 181 6.89 -33.47 -8.85
N LEU F 182 7.45 -34.60 -9.27
CA LEU F 182 8.87 -34.81 -9.58
C LEU F 182 9.00 -35.40 -10.97
N SER F 183 10.19 -35.30 -11.59
CA SER F 183 10.48 -36.00 -12.84
C SER F 183 10.73 -37.45 -12.43
N LYS F 184 10.50 -38.42 -13.34
CA LYS F 184 10.77 -39.84 -13.09
C LYS F 184 12.24 -40.03 -12.62
N ALA F 185 13.19 -39.30 -13.24
CA ALA F 185 14.61 -39.32 -12.92
C ALA F 185 14.91 -38.89 -11.48
N ASP F 186 14.30 -37.78 -11.01
CA ASP F 186 14.49 -37.31 -9.63
C ASP F 186 13.80 -38.24 -8.67
N TYR F 187 12.68 -38.82 -9.08
CA TYR F 187 11.91 -39.74 -8.26
C TYR F 187 12.67 -41.03 -7.93
N GLU F 188 13.42 -41.54 -8.90
CA GLU F 188 14.20 -42.77 -8.80
C GLU F 188 15.55 -42.61 -8.09
N LYS F 189 15.95 -41.36 -7.81
CA LYS F 189 17.17 -41.05 -7.07
C LYS F 189 16.91 -41.09 -5.55
N HIS F 190 15.66 -41.33 -5.11
CA HIS F 190 15.31 -41.30 -3.68
C HIS F 190 14.52 -42.47 -3.19
N LYS F 191 14.62 -42.74 -1.89
CA LYS F 191 13.90 -43.87 -1.26
C LYS F 191 12.61 -43.48 -0.50
N VAL F 192 12.74 -42.66 0.59
CA VAL F 192 11.66 -42.28 1.50
C VAL F 192 10.85 -41.07 1.06
N TYR F 193 9.56 -41.30 0.84
CA TYR F 193 8.60 -40.24 0.45
C TYR F 193 7.62 -40.09 1.59
N ALA F 194 7.58 -38.91 2.20
CA ALA F 194 6.73 -38.71 3.36
C ALA F 194 5.95 -37.42 3.39
N CYS F 195 4.70 -37.52 3.90
CA CYS F 195 3.78 -36.40 4.08
CA CYS F 195 3.93 -36.31 4.13
C CYS F 195 3.64 -36.20 5.60
N GLU F 196 4.08 -35.05 6.15
CA GLU F 196 3.99 -34.73 7.58
C GLU F 196 2.87 -33.72 7.81
N VAL F 197 1.89 -34.11 8.64
CA VAL F 197 0.67 -33.34 8.89
C VAL F 197 0.55 -32.77 10.31
N THR F 198 0.26 -31.48 10.39
CA THR F 198 -0.04 -30.70 11.59
C THR F 198 -1.47 -30.10 11.48
N HIS F 199 -2.23 -30.17 12.57
CA HIS F 199 -3.60 -29.67 12.69
C HIS F 199 -3.86 -29.58 14.18
N GLN F 200 -4.84 -28.74 14.58
CA GLN F 200 -5.27 -28.49 15.95
C GLN F 200 -5.64 -29.78 16.72
N GLY F 201 -6.25 -30.73 16.01
CA GLY F 201 -6.70 -32.01 16.55
C GLY F 201 -5.62 -33.07 16.70
N LEU F 202 -4.38 -32.73 16.32
CA LEU F 202 -3.23 -33.62 16.43
C LEU F 202 -2.25 -33.14 17.51
N SER F 203 -2.08 -33.96 18.57
CA SER F 203 -1.15 -33.67 19.69
C SER F 203 0.30 -33.66 19.18
N SER F 204 0.59 -34.49 18.18
CA SER F 204 1.90 -34.61 17.54
C SER F 204 1.70 -34.63 16.01
N PRO F 205 2.73 -34.24 15.20
CA PRO F 205 2.60 -34.39 13.74
C PRO F 205 2.41 -35.83 13.28
N VAL F 206 1.50 -36.04 12.30
CA VAL F 206 1.22 -37.37 11.74
C VAL F 206 2.02 -37.51 10.44
N THR F 207 2.88 -38.54 10.35
CA THR F 207 3.69 -38.79 9.15
C THR F 207 3.18 -40.06 8.45
N LYS F 208 2.90 -39.95 7.16
CA LYS F 208 2.55 -41.08 6.32
C LYS F 208 3.66 -41.16 5.28
N SER F 209 4.30 -42.32 5.18
CA SER F 209 5.40 -42.51 4.24
C SER F 209 5.39 -43.85 3.52
N PHE F 210 6.23 -43.96 2.50
CA PHE F 210 6.44 -45.19 1.76
C PHE F 210 7.85 -45.13 1.22
N ASN F 211 8.41 -46.31 0.94
CA ASN F 211 9.72 -46.46 0.33
C ASN F 211 9.46 -46.84 -1.12
N ARG F 212 10.07 -46.10 -2.06
CA ARG F 212 9.97 -46.35 -3.50
C ARG F 212 10.47 -47.78 -3.78
N GLY F 213 9.66 -48.57 -4.50
CA GLY F 213 9.96 -49.96 -4.81
C GLY F 213 9.27 -50.93 -3.89
N VAL G 2 37.35 21.94 19.98
CA VAL G 2 37.63 22.79 18.81
C VAL G 2 36.32 23.30 18.17
N THR G 3 36.15 24.65 18.19
CA THR G 3 35.00 25.39 17.63
C THR G 3 35.54 26.53 16.77
N LEU G 4 35.02 26.61 15.54
CA LEU G 4 35.38 27.66 14.57
C LEU G 4 34.30 28.73 14.53
N LYS G 5 34.67 29.97 14.93
CA LYS G 5 33.71 31.07 14.96
C LYS G 5 34.06 32.11 13.90
N GLU G 6 33.09 32.43 13.04
CA GLU G 6 33.27 33.40 11.96
C GLU G 6 32.59 34.72 12.27
N SER G 7 33.11 35.81 11.68
CA SER G 7 32.52 37.17 11.86
C SER G 7 31.10 37.26 11.27
N GLY G 8 30.35 38.28 11.68
CA GLY G 8 28.96 38.46 11.29
C GLY G 8 28.71 38.78 9.83
N ALA G 9 27.49 38.44 9.35
CA ALA G 9 27.00 38.66 7.99
C ALA G 9 27.19 40.14 7.58
N GLU G 10 27.57 40.39 6.33
CA GLU G 10 27.78 41.77 5.87
C GLU G 10 27.29 42.09 4.47
N VAL G 11 26.91 43.36 4.27
CA VAL G 11 26.55 43.90 2.97
C VAL G 11 27.74 44.73 2.50
N LYS G 12 28.18 44.50 1.25
CA LYS G 12 29.32 45.20 0.67
C LYS G 12 28.98 45.69 -0.71
N LYS G 13 29.53 46.85 -1.07
CA LYS G 13 29.31 47.50 -2.35
C LYS G 13 30.14 46.85 -3.45
N PRO G 14 29.67 46.81 -4.70
CA PRO G 14 30.51 46.25 -5.77
C PRO G 14 31.80 47.07 -5.94
N GLY G 15 32.93 46.37 -6.15
CA GLY G 15 34.25 46.97 -6.31
C GLY G 15 34.98 47.09 -4.99
N SER G 16 34.29 46.91 -3.86
CA SER G 16 34.94 47.00 -2.55
C SER G 16 35.63 45.67 -2.12
N SER G 17 36.03 45.59 -0.85
CA SER G 17 36.73 44.42 -0.32
C SER G 17 36.05 43.93 0.96
N VAL G 18 36.06 42.62 1.18
CA VAL G 18 35.50 42.04 2.40
C VAL G 18 36.58 41.25 3.15
N LYS G 19 36.58 41.30 4.47
CA LYS G 19 37.53 40.52 5.28
C LYS G 19 36.75 39.72 6.30
N VAL G 20 36.83 38.39 6.20
CA VAL G 20 36.11 37.49 7.13
C VAL G 20 37.12 36.87 8.11
N SER G 21 36.82 36.93 9.40
CA SER G 21 37.70 36.31 10.40
C SER G 21 37.15 34.90 10.77
N CYS G 22 38.06 34.00 11.19
CA CYS G 22 37.78 32.63 11.59
C CYS G 22 38.58 32.31 12.87
N GLU G 23 37.92 32.45 14.02
CA GLU G 23 38.48 32.24 15.34
C GLU G 23 38.34 30.78 15.81
N ALA G 24 39.47 30.11 16.07
CA ALA G 24 39.47 28.73 16.58
C ALA G 24 39.49 28.76 18.11
N SER G 25 38.31 28.56 18.73
CA SER G 25 38.15 28.56 20.18
C SER G 25 38.25 27.12 20.70
N GLY G 26 39.34 26.88 21.44
CA GLY G 26 39.69 25.60 22.02
C GLY G 26 40.49 24.73 21.06
N GLY G 27 41.14 25.38 20.09
CA GLY G 27 41.93 24.71 19.05
C GLY G 27 43.13 25.51 18.60
N THR G 28 44.20 24.80 18.24
CA THR G 28 45.49 25.42 17.89
C THR G 28 45.65 26.11 16.53
N LEU G 29 44.99 25.64 15.44
CA LEU G 29 45.15 26.21 14.07
C LEU G 29 46.56 25.96 13.48
N SER G 30 47.58 26.02 14.35
CA SER G 30 48.99 25.74 14.12
C SER G 30 49.12 24.22 13.97
N ASN G 31 49.94 23.79 12.99
CA ASN G 31 50.19 22.40 12.57
C ASN G 31 48.96 21.82 11.86
N TYR G 32 48.11 22.72 11.28
CA TYR G 32 46.88 22.36 10.56
C TYR G 32 46.71 23.16 9.28
N VAL G 33 45.80 22.70 8.41
CA VAL G 33 45.49 23.41 7.16
C VAL G 33 44.20 24.21 7.38
N ILE G 34 44.19 25.54 7.02
CA ILE G 34 42.99 26.38 7.11
C ILE G 34 42.44 26.68 5.69
N THR G 35 41.17 26.35 5.44
CA THR G 35 40.60 26.56 4.10
C THR G 35 39.35 27.40 4.08
N TRP G 36 39.11 28.04 2.94
CA TRP G 36 37.94 28.86 2.75
C TRP G 36 37.12 28.27 1.61
N VAL G 37 35.83 28.08 1.86
CA VAL G 37 34.90 27.47 0.92
C VAL G 37 33.67 28.40 0.87
N ARG G 38 33.11 28.64 -0.30
CA ARG G 38 31.92 29.49 -0.36
C ARG G 38 30.72 28.79 -0.98
N GLN G 39 29.53 29.30 -0.68
CA GLN G 39 28.29 28.74 -1.20
C GLN G 39 27.30 29.84 -1.51
N ALA G 40 27.02 30.04 -2.82
CA ALA G 40 26.03 31.01 -3.28
C ALA G 40 24.63 30.43 -2.95
N PRO G 41 23.63 31.29 -2.61
CA PRO G 41 22.29 30.78 -2.22
C PRO G 41 21.71 29.73 -3.17
N GLY G 42 21.27 28.60 -2.58
CA GLY G 42 20.73 27.46 -3.31
C GLY G 42 21.72 26.79 -4.26
N GLN G 43 23.03 27.11 -4.13
CA GLN G 43 24.05 26.52 -4.99
C GLN G 43 25.00 25.59 -4.21
N GLY G 44 26.03 25.08 -4.90
CA GLY G 44 26.98 24.16 -4.31
C GLY G 44 28.19 24.81 -3.67
N LEU G 45 29.04 23.97 -3.08
CA LEU G 45 30.28 24.33 -2.40
C LEU G 45 31.39 24.59 -3.42
N GLU G 46 32.16 25.65 -3.21
CA GLU G 46 33.26 26.04 -4.10
C GLU G 46 34.49 26.34 -3.22
N TRP G 47 35.57 25.59 -3.44
CA TRP G 47 36.85 25.70 -2.74
C TRP G 47 37.58 26.94 -3.26
N MET G 48 37.98 27.81 -2.34
CA MET G 48 38.66 29.06 -2.70
C MET G 48 40.16 28.94 -2.59
N GLY G 49 40.62 28.33 -1.52
CA GLY G 49 42.03 28.15 -1.26
C GLY G 49 42.28 27.64 0.14
N GLY G 50 43.56 27.48 0.44
CA GLY G 50 44.02 26.98 1.73
C GLY G 50 45.34 27.56 2.14
N PHE G 51 45.59 27.54 3.45
CA PHE G 51 46.78 28.12 4.02
C PHE G 51 47.21 27.32 5.24
N ILE G 52 48.53 27.06 5.37
CA ILE G 52 49.11 26.39 6.55
C ILE G 52 49.90 27.44 7.33
N PRO G 53 49.39 27.88 8.51
CA PRO G 53 50.07 28.93 9.27
C PRO G 53 51.52 28.64 9.64
N THR G 54 51.80 27.45 10.21
CA THR G 54 53.14 27.02 10.61
C THR G 54 54.20 27.01 9.51
N PHE G 55 53.83 26.58 8.30
CA PHE G 55 54.75 26.54 7.15
C PHE G 55 54.65 27.82 6.27
N ARG G 56 53.85 28.83 6.71
CA ARG G 56 53.63 30.11 6.01
C ARG G 56 53.37 29.97 4.47
N THR G 57 52.61 28.90 4.08
CA THR G 57 52.29 28.57 2.69
C THR G 57 50.78 28.63 2.45
N ALA G 58 50.41 29.14 1.27
CA ALA G 58 49.05 29.26 0.79
C ALA G 58 48.94 28.61 -0.58
N MET G 59 47.70 28.19 -0.97
CA MET G 59 47.38 27.60 -2.27
C MET G 59 45.95 28.00 -2.64
N TYR G 60 45.81 28.80 -3.68
CA TYR G 60 44.53 29.36 -4.07
C TYR G 60 44.02 28.76 -5.35
N ALA G 61 42.67 28.62 -5.46
CA ALA G 61 42.04 28.15 -6.69
C ALA G 61 42.42 29.14 -7.79
N GLN G 62 42.89 28.60 -8.94
CA GLN G 62 43.34 29.35 -10.12
C GLN G 62 42.43 30.51 -10.48
N GLY G 63 41.13 30.33 -10.25
CA GLY G 63 40.09 31.33 -10.53
C GLY G 63 39.97 32.45 -9.51
N PHE G 64 40.57 32.31 -8.31
CA PHE G 64 40.52 33.33 -7.25
C PHE G 64 41.88 33.99 -7.05
N GLN G 65 42.96 33.37 -7.62
CA GLN G 65 44.37 33.80 -7.54
C GLN G 65 44.53 35.28 -7.87
N GLY G 66 45.13 36.03 -6.95
CA GLY G 66 45.33 37.47 -7.06
C GLY G 66 44.24 38.31 -6.43
N ARG G 67 43.01 37.77 -6.29
CA ARG G 67 41.85 38.46 -5.73
C ARG G 67 41.53 38.05 -4.28
N VAL G 68 42.04 36.89 -3.85
CA VAL G 68 41.83 36.37 -2.50
C VAL G 68 43.17 36.27 -1.71
N THR G 69 43.09 36.46 -0.40
CA THR G 69 44.24 36.43 0.50
C THR G 69 43.81 35.75 1.79
N ILE G 70 44.53 34.71 2.18
CA ILE G 70 44.30 34.02 3.45
C ILE G 70 45.57 34.18 4.25
N THR G 71 45.40 34.71 5.48
CA THR G 71 46.47 34.95 6.46
C THR G 71 46.01 34.38 7.82
N ALA G 72 46.85 34.48 8.86
CA ALA G 72 46.56 33.98 10.20
C ALA G 72 47.37 34.63 11.29
N ASP G 73 46.87 34.53 12.54
CA ASP G 73 47.52 34.94 13.78
C ASP G 73 47.39 33.79 14.79
N GLU G 74 48.48 33.00 14.94
CA GLU G 74 48.61 31.84 15.84
C GLU G 74 48.47 32.19 17.35
N SER G 75 48.66 33.48 17.69
CA SER G 75 48.59 34.01 19.04
C SER G 75 47.18 34.44 19.41
N SER G 77 44.40 32.04 17.93
CA SER G 77 44.36 31.31 16.66
C SER G 77 43.21 31.84 15.79
N ILE G 78 43.50 32.91 15.01
CA ILE G 78 42.53 33.58 14.15
C ILE G 78 42.99 33.64 12.68
N ALA G 79 42.24 32.98 11.80
CA ALA G 79 42.52 32.99 10.36
C ALA G 79 41.65 34.07 9.72
N TYR G 80 42.13 34.63 8.61
CA TYR G 80 41.40 35.68 7.89
C TYR G 80 41.37 35.40 6.42
N MET G 81 40.30 35.80 5.75
CA MET G 81 40.20 35.66 4.32
C MET G 81 39.76 37.01 3.79
N GLU G 82 40.50 37.54 2.85
CA GLU G 82 40.15 38.81 2.22
C GLU G 82 39.85 38.57 0.74
N LEU G 83 38.68 39.01 0.28
CA LEU G 83 38.28 38.93 -1.12
C LEU G 83 38.09 40.38 -1.59
N THR G 84 38.87 40.79 -2.58
CA THR G 84 38.84 42.17 -3.11
C THR G 84 38.03 42.25 -4.41
N ASN G 85 37.84 43.49 -4.94
CA ASN G 85 37.16 43.80 -6.21
C ASN G 85 35.86 43.00 -6.31
N LEU G 86 34.98 43.17 -5.30
CA LEU G 86 33.72 42.46 -5.18
C LEU G 86 32.74 42.69 -6.35
N ARG G 87 32.13 41.59 -6.80
CA ARG G 87 31.12 41.58 -7.85
C ARG G 87 29.85 40.94 -7.28
N SER G 88 28.66 41.20 -7.88
CA SER G 88 27.35 40.63 -7.46
C SER G 88 27.36 39.10 -7.28
N GLU G 89 28.19 38.41 -8.09
CA GLU G 89 28.42 36.97 -8.09
C GLU G 89 29.16 36.47 -6.83
N ASP G 90 29.69 37.41 -6.03
CA ASP G 90 30.39 37.07 -4.80
C ASP G 90 29.42 36.96 -3.61
N THR G 91 28.12 37.20 -3.85
CA THR G 91 27.09 37.00 -2.84
C THR G 91 27.10 35.51 -2.51
N ALA G 92 27.42 35.17 -1.26
CA ALA G 92 27.57 33.77 -0.83
C ALA G 92 27.80 33.65 0.64
N VAL G 93 27.64 32.42 1.17
CA VAL G 93 28.00 32.05 2.54
C VAL G 93 29.50 31.63 2.48
N TYR G 94 30.37 32.28 3.26
CA TYR G 94 31.80 31.97 3.27
C TYR G 94 32.12 31.14 4.49
N TYR G 95 32.62 29.93 4.27
CA TYR G 95 32.97 29.01 5.36
C TYR G 95 34.47 28.90 5.51
N CYS G 96 34.92 28.80 6.76
CA CYS G 96 36.30 28.44 7.02
C CYS G 96 36.26 27.00 7.54
N ALA G 97 37.28 26.23 7.25
CA ALA G 97 37.34 24.87 7.70
C ALA G 97 38.79 24.50 7.99
N ARG G 98 38.99 23.61 8.97
CA ARG G 98 40.29 23.12 9.37
C ARG G 98 40.41 21.64 9.03
N GLY G 99 41.59 21.27 8.54
CA GLY G 99 41.96 19.91 8.17
C GLY G 99 43.43 19.61 8.44
N PRO G 100 43.84 18.33 8.54
CA PRO G 100 45.26 18.02 8.81
C PRO G 100 46.16 18.17 7.58
N LEU G 101 47.51 18.09 7.78
CA LEU G 101 48.54 18.17 6.72
C LEU G 101 48.55 16.92 5.88
N SER G 102 48.89 17.07 4.58
CA SER G 102 48.97 16.02 3.57
C SER G 102 47.69 15.21 3.29
N ARG G 103 46.57 15.60 3.93
CA ARG G 103 45.24 15.03 3.75
C ARG G 103 44.29 16.17 3.40
N GLY G 104 43.62 16.04 2.26
CA GLY G 104 42.76 17.07 1.69
C GLY G 104 41.29 17.05 2.09
N TYR G 105 41.00 16.73 3.35
CA TYR G 105 39.67 16.69 3.94
C TYR G 105 39.57 17.67 5.10
N TYR G 106 38.36 18.11 5.44
CA TYR G 106 38.08 19.10 6.48
C TYR G 106 37.11 18.59 7.52
N ASP G 107 37.63 18.38 8.74
CA ASP G 107 36.87 17.83 9.86
C ASP G 107 36.18 18.84 10.76
N TYR G 108 36.57 20.12 10.68
CA TYR G 108 35.95 21.18 11.49
C TYR G 108 35.60 22.37 10.61
N TRP G 109 34.35 22.83 10.70
CA TRP G 109 33.83 23.93 9.90
C TRP G 109 33.26 25.02 10.75
N GLY G 110 33.40 26.26 10.27
CA GLY G 110 32.79 27.43 10.90
C GLY G 110 31.32 27.50 10.51
N GLN G 111 30.50 28.31 11.26
CA GLN G 111 29.05 28.45 11.03
C GLN G 111 28.67 29.13 9.67
N GLY G 112 29.65 29.75 9.01
CA GLY G 112 29.46 30.49 7.76
C GLY G 112 29.07 31.93 7.98
N THR G 113 29.51 32.82 7.04
CA THR G 113 29.21 34.26 7.04
C THR G 113 28.57 34.57 5.72
N LEU G 114 27.34 35.06 5.73
CA LEU G 114 26.71 35.48 4.50
C LEU G 114 27.18 36.92 4.14
N VAL G 115 27.87 37.05 2.98
CA VAL G 115 28.38 38.31 2.46
C VAL G 115 27.51 38.61 1.23
N THR G 116 26.75 39.71 1.29
CA THR G 116 25.92 40.15 0.18
C THR G 116 26.64 41.30 -0.52
N VAL G 117 26.70 41.20 -1.86
CA VAL G 117 27.28 42.24 -2.70
C VAL G 117 26.16 42.98 -3.39
N SER G 118 25.97 44.25 -2.96
CA SER G 118 24.89 45.10 -3.47
C SER G 118 25.19 46.59 -3.30
N SER G 119 24.55 47.41 -4.15
CA SER G 119 24.58 48.86 -4.13
C SER G 119 23.43 49.35 -3.28
N ALA G 120 22.46 48.46 -2.98
CA ALA G 120 21.30 48.86 -2.16
C ALA G 120 21.64 49.04 -0.69
N SER G 121 20.92 49.94 -0.05
CA SER G 121 21.06 50.24 1.36
C SER G 121 20.33 49.18 2.23
N THR G 122 20.92 48.98 3.38
CA THR G 122 20.45 48.08 4.41
C THR G 122 19.14 48.61 4.98
N LYS G 123 18.22 47.68 5.27
CA LYS G 123 16.92 47.98 5.83
C LYS G 123 16.54 46.87 6.85
N GLY G 124 16.27 47.32 8.07
CA GLY G 124 15.87 46.49 9.19
C GLY G 124 14.43 46.06 9.01
N PRO G 125 14.06 44.86 9.54
CA PRO G 125 12.68 44.39 9.33
C PRO G 125 11.62 45.06 10.21
N SER G 126 10.36 44.96 9.79
CA SER G 126 9.23 45.35 10.60
C SER G 126 8.72 44.01 11.15
N VAL G 127 8.53 43.89 12.46
CA VAL G 127 8.13 42.60 13.06
C VAL G 127 6.67 42.66 13.53
N PHE G 128 5.80 41.81 12.97
CA PHE G 128 4.38 41.82 13.36
C PHE G 128 3.97 40.47 13.98
N PRO G 129 3.14 40.47 15.03
CA PRO G 129 2.72 39.18 15.61
C PRO G 129 1.68 38.44 14.77
N LEU G 130 1.69 37.09 14.84
CA LEU G 130 0.70 36.18 14.21
C LEU G 130 0.08 35.57 15.43
N ALA G 131 -1.10 36.04 15.77
CA ALA G 131 -1.72 35.69 17.05
C ALA G 131 -2.64 34.54 17.08
N PRO G 132 -2.51 33.75 18.17
CA PRO G 132 -3.40 32.58 18.34
C PRO G 132 -4.81 32.98 18.71
N SER G 133 -5.75 32.21 18.20
CA SER G 133 -7.16 32.47 18.27
C SER G 133 -7.86 31.14 18.09
N SER G 134 -9.18 31.16 18.03
CA SER G 134 -9.96 29.97 17.74
C SER G 134 -9.62 29.44 16.37
N LYS G 135 -9.13 30.32 15.50
CA LYS G 135 -8.72 29.94 14.16
C LYS G 135 -7.30 29.36 14.08
N SER G 136 -6.56 29.40 15.17
CA SER G 136 -5.20 28.84 15.19
C SER G 136 -4.99 27.67 16.18
N THR G 137 -6.09 27.01 16.56
CA THR G 137 -6.09 25.93 17.56
C THR G 137 -6.60 24.64 16.97
N SER G 138 -5.79 23.58 17.06
CA SER G 138 -6.15 22.23 16.61
C SER G 138 -6.08 21.30 17.82
N GLY G 139 -7.24 21.01 18.40
CA GLY G 139 -7.39 20.19 19.60
C GLY G 139 -6.86 20.93 20.83
N GLY G 140 -5.77 20.40 21.38
CA GLY G 140 -5.09 20.98 22.53
C GLY G 140 -3.81 21.71 22.16
N THR G 141 -3.63 21.99 20.88
CA THR G 141 -2.49 22.70 20.33
C THR G 141 -2.93 24.00 19.68
N ALA G 142 -2.19 25.09 19.91
CA ALA G 142 -2.39 26.38 19.26
C ALA G 142 -1.11 26.76 18.51
N ALA G 143 -1.20 27.59 17.47
CA ALA G 143 -0.06 28.14 16.74
C ALA G 143 0.00 29.66 16.91
N LEU G 144 1.21 30.21 17.12
CA LEU G 144 1.51 31.65 17.26
C LEU G 144 2.73 31.87 16.35
N GLY G 145 3.03 33.13 16.10
CA GLY G 145 4.15 33.44 15.25
C GLY G 145 4.51 34.90 15.14
N CYS G 146 5.43 35.16 14.22
CA CYS G 146 5.93 36.49 13.93
CA CYS G 146 5.88 36.51 13.92
C CYS G 146 6.21 36.62 12.46
N LEU G 147 5.71 37.68 11.86
CA LEU G 147 5.90 38.02 10.48
C LEU G 147 7.03 39.08 10.44
N VAL G 148 8.17 38.74 9.84
CA VAL G 148 9.40 39.56 9.71
C VAL G 148 9.41 40.09 8.27
N LYS G 149 8.92 41.32 8.08
CA LYS G 149 8.71 41.89 6.76
C LYS G 149 9.67 42.99 6.32
N ASP G 150 9.92 43.06 4.98
CA ASP G 150 10.66 44.13 4.29
C ASP G 150 12.07 44.46 4.84
N TYR G 151 13.00 43.51 4.71
CA TYR G 151 14.37 43.68 5.16
C TYR G 151 15.32 43.43 4.01
N PHE G 152 16.52 44.01 4.09
CA PHE G 152 17.60 43.87 3.12
C PHE G 152 18.93 44.11 3.81
N PRO G 153 19.95 43.29 3.56
CA PRO G 153 19.95 42.03 2.81
C PRO G 153 19.56 40.83 3.72
N GLU G 154 19.70 39.61 3.23
CA GLU G 154 19.56 38.39 4.03
C GLU G 154 20.86 38.32 4.85
N PRO G 155 20.92 37.69 6.05
CA PRO G 155 19.88 36.92 6.72
C PRO G 155 19.26 37.62 7.91
N VAL G 156 18.21 37.02 8.41
CA VAL G 156 17.50 37.36 9.63
C VAL G 156 17.51 36.06 10.50
N THR G 157 17.87 36.16 11.79
CA THR G 157 17.78 35.02 12.71
C THR G 157 16.61 35.28 13.64
N VAL G 158 15.86 34.23 13.96
CA VAL G 158 14.70 34.32 14.83
C VAL G 158 14.87 33.28 15.95
N SER G 159 14.65 33.68 17.20
CA SER G 159 14.64 32.74 18.33
C SER G 159 13.37 33.02 19.09
N TRP G 160 12.96 32.11 19.97
CA TRP G 160 11.75 32.29 20.76
C TRP G 160 12.14 32.21 22.20
N ASN G 161 11.72 33.21 23.00
CA ASN G 161 12.00 33.30 24.43
C ASN G 161 13.49 33.21 24.75
N SER G 162 14.31 33.99 23.99
CA SER G 162 15.77 34.06 24.07
C SER G 162 16.47 32.71 23.90
N GLY G 163 15.85 31.82 23.13
CA GLY G 163 16.37 30.49 22.85
C GLY G 163 15.88 29.38 23.76
N ALA G 164 15.06 29.72 24.80
CA ALA G 164 14.49 28.71 25.72
C ALA G 164 13.45 27.85 24.98
N LEU G 165 12.71 28.46 24.03
CA LEU G 165 11.72 27.75 23.24
C LEU G 165 12.30 27.35 21.87
N THR G 166 12.43 26.04 21.63
CA THR G 166 13.00 25.49 20.41
C THR G 166 12.07 24.43 19.79
N SER G 167 11.35 23.67 20.64
CA SER G 167 10.43 22.62 20.23
C SER G 167 9.20 23.18 19.53
N GLY G 168 8.91 22.63 18.35
CA GLY G 168 7.76 23.03 17.54
C GLY G 168 7.94 24.30 16.74
N VAL G 169 9.19 24.82 16.69
CA VAL G 169 9.55 26.03 15.97
C VAL G 169 9.83 25.73 14.49
N HIS G 170 9.21 26.54 13.59
CA HIS G 170 9.45 26.51 12.15
C HIS G 170 9.71 27.94 11.70
N THR G 171 10.91 28.19 11.26
CA THR G 171 11.30 29.46 10.67
C THR G 171 11.40 29.19 9.16
N PHE G 172 10.48 29.76 8.40
CA PHE G 172 10.39 29.53 6.96
C PHE G 172 11.49 30.19 6.16
N PRO G 173 11.94 29.58 5.03
CA PRO G 173 12.94 30.26 4.18
C PRO G 173 12.41 31.64 3.76
N ALA G 174 13.24 32.71 3.77
CA ALA G 174 12.75 34.03 3.34
C ALA G 174 12.25 34.05 1.91
N VAL G 175 11.24 34.86 1.63
CA VAL G 175 10.75 35.01 0.26
C VAL G 175 11.17 36.39 -0.29
N LEU G 176 11.57 36.47 -1.58
CA LEU G 176 11.94 37.73 -2.19
C LEU G 176 10.69 38.41 -2.74
N GLN G 177 10.39 39.60 -2.24
CA GLN G 177 9.23 40.38 -2.70
C GLN G 177 9.57 41.08 -4.01
N SER G 178 8.53 41.52 -4.74
CA SER G 178 8.70 42.21 -6.02
C SER G 178 9.47 43.53 -5.87
N SER G 179 9.53 44.09 -4.66
CA SER G 179 10.27 45.31 -4.33
C SER G 179 11.79 45.02 -4.17
N GLY G 180 12.15 43.75 -4.03
CA GLY G 180 13.54 43.36 -3.83
C GLY G 180 13.92 43.20 -2.38
N LEU G 181 12.94 43.41 -1.50
CA LEU G 181 13.06 43.25 -0.05
C LEU G 181 12.64 41.83 0.35
N TYR G 182 13.12 41.34 1.46
CA TYR G 182 12.79 40.01 1.98
C TYR G 182 11.76 40.03 3.07
N SER G 183 10.98 38.94 3.17
CA SER G 183 10.00 38.67 4.21
C SER G 183 10.14 37.24 4.61
N LEU G 184 9.90 36.97 5.90
CA LEU G 184 10.06 35.68 6.51
C LEU G 184 9.02 35.60 7.62
N SER G 185 8.55 34.36 7.93
CA SER G 185 7.66 34.09 9.03
C SER G 185 8.26 32.97 9.89
N SER G 186 7.98 33.01 11.17
CA SER G 186 8.43 32.00 12.12
C SER G 186 7.23 31.65 12.95
N VAL G 187 6.95 30.38 13.06
CA VAL G 187 5.81 29.88 13.82
C VAL G 187 6.20 28.89 14.89
N VAL G 188 5.34 28.75 15.88
CA VAL G 188 5.56 27.80 16.94
C VAL G 188 4.22 27.26 17.37
N THR G 189 4.15 25.93 17.51
CA THR G 189 2.96 25.25 18.01
C THR G 189 3.18 24.97 19.48
N VAL G 190 2.23 25.41 20.31
CA VAL G 190 2.31 25.30 21.76
C VAL G 190 1.03 24.69 22.33
N PRO G 191 1.06 24.19 23.59
CA PRO G 191 -0.20 23.71 24.21
C PRO G 191 -1.16 24.89 24.39
N SER G 192 -2.43 24.71 24.00
CA SER G 192 -3.48 25.75 24.14
C SER G 192 -3.56 26.33 25.57
N SER G 193 -3.38 25.48 26.60
CA SER G 193 -3.41 25.84 28.03
C SER G 193 -2.34 26.85 28.43
N SER G 194 -1.19 26.87 27.73
CA SER G 194 -0.08 27.79 28.00
C SER G 194 -0.41 29.27 27.63
N LEU G 195 -1.46 29.49 26.81
CA LEU G 195 -1.89 30.83 26.43
C LEU G 195 -2.75 31.39 27.58
N GLY G 196 -2.07 31.68 28.69
CA GLY G 196 -2.67 32.16 29.93
C GLY G 196 -1.75 31.90 31.10
N THR G 197 -0.72 31.08 30.89
CA THR G 197 0.32 30.73 31.86
C THR G 197 1.74 31.01 31.30
N GLN G 198 1.84 31.24 29.95
CA GLN G 198 3.11 31.50 29.27
C GLN G 198 3.07 32.64 28.25
N THR G 199 4.17 33.39 28.18
CA THR G 199 4.43 34.49 27.26
C THR G 199 5.36 33.99 26.15
N TYR G 200 5.00 34.35 24.91
CA TYR G 200 5.76 33.98 23.72
C TYR G 200 6.33 35.20 23.06
N ILE G 201 7.65 35.31 23.06
CA ILE G 201 8.37 36.45 22.49
C ILE G 201 9.33 35.97 21.42
N CYS G 202 9.13 36.46 20.20
CA CYS G 202 9.99 36.17 19.07
CA CYS G 202 9.89 36.23 18.99
C CYS G 202 11.09 37.23 19.04
N ASN G 203 12.33 36.74 18.99
CA ASN G 203 13.52 37.59 19.05
C ASN G 203 14.18 37.62 17.68
N VAL G 204 14.03 38.74 17.00
CA VAL G 204 14.54 38.90 15.65
C VAL G 204 15.82 39.69 15.64
N ASN G 205 16.86 39.12 15.01
CA ASN G 205 18.13 39.81 14.89
C ASN G 205 18.53 39.90 13.42
N HIS G 206 18.82 41.12 12.98
CA HIS G 206 19.25 41.40 11.62
C HIS G 206 20.61 42.08 11.71
N LYS G 207 21.69 41.28 11.73
CA LYS G 207 23.07 41.76 11.86
C LYS G 207 23.46 42.84 10.83
N PRO G 208 23.13 42.73 9.51
CA PRO G 208 23.52 43.79 8.56
C PRO G 208 23.10 45.21 8.92
N SER G 209 21.97 45.39 9.62
CA SER G 209 21.47 46.71 10.03
C SER G 209 21.63 46.88 11.53
N ASN G 210 22.26 45.88 12.20
CA ASN G 210 22.43 45.80 13.65
C ASN G 210 21.12 46.06 14.43
N THR G 211 20.01 45.47 13.92
CA THR G 211 18.64 45.54 14.45
C THR G 211 18.37 44.29 15.32
N LYS G 212 17.72 44.48 16.46
CA LYS G 212 17.31 43.44 17.42
C LYS G 212 15.91 43.83 17.88
N VAL G 213 14.90 43.02 17.52
CA VAL G 213 13.48 43.28 17.85
C VAL G 213 12.92 42.09 18.63
N ASP G 214 12.24 42.37 19.74
CA ASP G 214 11.58 41.38 20.57
C ASP G 214 10.10 41.66 20.43
N LYS G 215 9.30 40.69 19.97
CA LYS G 215 7.86 40.90 19.78
C LYS G 215 7.03 39.78 20.40
N LYS G 216 6.06 40.16 21.23
CA LYS G 216 5.14 39.27 21.93
C LYS G 216 3.96 38.90 21.02
N ALA G 217 3.66 37.60 20.89
CA ALA G 217 2.52 37.14 20.09
C ALA G 217 1.46 36.66 21.11
N GLU G 218 0.41 37.46 21.32
CA GLU G 218 -0.62 37.14 22.34
C GLU G 218 -1.98 36.81 21.79
N PRO G 219 -2.81 35.94 22.44
CA PRO G 219 -4.15 35.66 21.89
C PRO G 219 -5.17 36.74 22.18
N TYR H 4 37.26 20.52 -14.34
CA TYR H 4 37.01 19.20 -13.76
C TYR H 4 35.68 19.18 -13.00
N VAL H 5 34.69 18.46 -13.55
CA VAL H 5 33.34 18.36 -13.03
C VAL H 5 33.09 17.02 -12.34
N LEU H 6 32.54 17.08 -11.12
CA LEU H 6 32.13 15.90 -10.36
C LEU H 6 30.59 15.94 -10.37
N THR H 7 29.96 15.05 -11.17
CA THR H 7 28.50 15.01 -11.37
C THR H 7 27.81 14.09 -10.34
N GLN H 8 26.71 14.57 -9.75
CA GLN H 8 25.89 13.88 -8.74
C GLN H 8 24.41 13.98 -9.18
N PRO H 9 23.56 12.98 -8.87
CA PRO H 9 22.12 13.16 -9.18
C PRO H 9 21.52 14.27 -8.27
N PRO H 10 20.67 15.19 -8.79
CA PRO H 10 20.17 16.28 -7.94
C PRO H 10 19.38 15.81 -6.71
N SER H 11 18.61 14.72 -6.85
CA SER H 11 17.80 14.20 -5.78
C SER H 11 17.78 12.70 -5.72
N VAL H 12 17.65 12.17 -4.49
CA VAL H 12 17.61 10.74 -4.19
C VAL H 12 16.58 10.60 -3.08
N SER H 13 15.70 9.62 -3.20
CA SER H 13 14.69 9.29 -2.21
C SER H 13 14.98 7.92 -1.65
N VAL H 14 14.60 7.69 -0.36
CA VAL H 14 14.76 6.40 0.33
C VAL H 14 13.60 6.20 1.25
N SER H 15 13.10 4.96 1.32
CA SER H 15 12.10 4.57 2.32
C SER H 15 12.89 4.35 3.60
N PRO H 16 12.35 4.66 4.80
CA PRO H 16 13.15 4.45 6.04
C PRO H 16 13.59 3.00 6.22
N GLY H 17 14.82 2.84 6.68
CA GLY H 17 15.41 1.52 6.89
C GLY H 17 16.10 0.95 5.67
N GLN H 18 15.84 1.53 4.49
CA GLN H 18 16.43 1.04 3.24
C GLN H 18 17.79 1.65 2.98
N THR H 19 18.39 1.31 1.85
CA THR H 19 19.73 1.74 1.49
C THR H 19 19.77 2.87 0.46
N ALA H 20 20.39 4.00 0.84
CA ALA H 20 20.56 5.11 -0.09
C ALA H 20 21.96 5.04 -0.67
N ARG H 21 22.08 5.16 -1.99
CA ARG H 21 23.32 5.16 -2.73
C ARG H 21 23.39 6.49 -3.49
N ILE H 22 24.39 7.30 -3.18
CA ILE H 22 24.58 8.60 -3.83
C ILE H 22 25.87 8.50 -4.60
N THR H 23 25.77 8.66 -5.90
CA THR H 23 26.93 8.57 -6.78
C THR H 23 27.55 9.95 -7.11
N CYS H 24 28.81 9.94 -7.49
CA CYS H 24 29.60 11.11 -7.81
C CYS H 24 30.49 10.73 -8.99
N SER H 25 30.23 11.25 -10.16
CA SER H 25 30.94 10.86 -11.38
C SER H 25 31.94 11.88 -11.92
N GLY H 26 33.18 11.44 -12.05
CA GLY H 26 34.30 12.21 -12.56
C GLY H 26 35.29 11.35 -13.32
N ASP H 27 35.96 11.93 -14.33
CA ASP H 27 36.96 11.27 -15.15
C ASP H 27 38.18 10.86 -14.33
N LYS H 28 38.40 9.54 -14.21
CA LYS H 28 39.51 8.93 -13.44
C LYS H 28 39.42 9.23 -11.94
N LEU H 29 38.18 9.30 -11.40
CA LEU H 29 37.92 9.57 -10.00
C LEU H 29 38.46 8.43 -9.13
N GLY H 30 38.49 7.21 -9.69
CA GLY H 30 39.07 6.03 -9.03
C GLY H 30 40.53 6.22 -8.65
N ASP H 31 41.27 7.06 -9.40
CA ASP H 31 42.70 7.39 -9.18
C ASP H 31 42.93 8.45 -8.11
N LYS H 32 41.84 9.07 -7.61
CA LYS H 32 41.82 10.12 -6.60
C LYS H 32 41.16 9.64 -5.31
N TYR H 33 41.55 10.25 -4.19
CA TYR H 33 40.90 9.99 -2.91
C TYR H 33 39.64 10.86 -2.87
N ALA H 34 38.46 10.24 -2.68
CA ALA H 34 37.18 10.95 -2.57
C ALA H 34 36.78 11.19 -1.11
N SER H 35 36.11 12.33 -0.86
CA SER H 35 35.62 12.74 0.47
C SER H 35 34.13 13.01 0.34
N TRP H 36 33.38 12.92 1.45
CA TRP H 36 31.96 13.18 1.43
C TRP H 36 31.57 14.03 2.59
N TYR H 37 30.74 15.06 2.31
CA TYR H 37 30.25 16.01 3.31
C TYR H 37 28.74 16.01 3.36
N GLN H 38 28.19 16.12 4.56
CA GLN H 38 26.76 16.21 4.80
C GLN H 38 26.43 17.63 5.23
N GLN H 39 25.44 18.25 4.57
CA GLN H 39 25.01 19.58 4.95
C GLN H 39 23.50 19.64 5.15
N LYS H 40 23.09 19.84 6.41
CA LYS H 40 21.67 19.95 6.77
C LYS H 40 21.18 21.40 6.51
N PRO H 41 19.87 21.62 6.20
CA PRO H 41 19.39 22.99 5.92
C PRO H 41 19.83 24.07 6.93
N GLY H 42 20.47 25.12 6.43
CA GLY H 42 21.01 26.22 7.22
C GLY H 42 22.19 25.90 8.13
N GLN H 43 22.86 24.74 7.93
CA GLN H 43 23.99 24.33 8.77
C GLN H 43 25.30 24.25 7.98
N SER H 44 26.44 24.09 8.66
CA SER H 44 27.76 23.94 8.05
C SER H 44 27.90 22.51 7.56
N PRO H 45 28.78 22.24 6.56
CA PRO H 45 29.05 20.85 6.17
C PRO H 45 29.72 20.03 7.29
N VAL H 46 29.49 18.70 7.28
CA VAL H 46 30.04 17.73 8.24
C VAL H 46 30.73 16.62 7.41
N LEU H 47 32.00 16.27 7.74
CA LEU H 47 32.75 15.24 7.05
C LEU H 47 32.16 13.88 7.41
N VAL H 48 31.77 13.08 6.41
CA VAL H 48 31.15 11.79 6.70
C VAL H 48 32.02 10.61 6.22
N ILE H 49 32.80 10.83 5.16
CA ILE H 49 33.69 9.84 4.56
C ILE H 49 34.92 10.62 4.05
N TYR H 50 36.12 10.05 4.23
CA TYR H 50 37.38 10.58 3.73
C TYR H 50 38.23 9.41 3.21
N GLN H 51 39.19 9.70 2.30
CA GLN H 51 40.06 8.70 1.68
C GLN H 51 39.25 7.50 1.12
N ASP H 52 38.20 7.81 0.33
CA ASP H 52 37.28 6.85 -0.32
C ASP H 52 36.32 6.12 0.61
N ASN H 53 36.80 5.55 1.73
CA ASN H 53 35.98 4.71 2.60
C ASN H 53 36.23 4.81 4.08
N LYS H 54 37.03 5.78 4.53
CA LYS H 54 37.30 5.94 5.97
C LYS H 54 36.21 6.77 6.58
N ARG H 55 35.87 6.47 7.81
CA ARG H 55 34.80 7.13 8.54
C ARG H 55 35.31 7.87 9.79
N PRO H 56 34.94 9.16 9.99
CA PRO H 56 35.32 9.84 11.24
C PRO H 56 34.62 9.22 12.46
N SER H 57 35.29 9.25 13.63
CA SER H 57 34.85 8.66 14.90
C SER H 57 33.36 8.93 15.22
N GLU H 58 32.96 10.19 15.14
CA GLU H 58 31.61 10.68 15.40
C GLU H 58 30.52 10.16 14.44
N ILE H 59 30.89 9.74 13.20
CA ILE H 59 29.92 9.28 12.20
C ILE H 59 29.46 7.81 12.34
N PRO H 60 28.12 7.55 12.33
CA PRO H 60 27.63 6.16 12.41
C PRO H 60 28.19 5.24 11.33
N ALA H 61 28.32 3.93 11.65
CA ALA H 61 28.85 2.86 10.78
C ALA H 61 27.99 2.55 9.55
N ARG H 62 26.72 2.99 9.55
CA ARG H 62 25.80 2.82 8.43
C ARG H 62 26.19 3.66 7.19
N PHE H 63 27.15 4.59 7.35
CA PHE H 63 27.73 5.40 6.29
C PHE H 63 28.94 4.71 5.76
N SER H 64 28.97 4.48 4.45
CA SER H 64 30.11 3.82 3.83
C SER H 64 30.41 4.40 2.49
N GLY H 65 31.66 4.27 2.08
CA GLY H 65 32.12 4.81 0.82
C GLY H 65 32.88 3.79 0.02
N SER H 66 32.95 4.02 -1.28
CA SER H 66 33.68 3.23 -2.25
C SER H 66 33.97 4.14 -3.43
N ASN H 67 35.10 3.91 -4.11
CA ASN H 67 35.51 4.67 -5.28
C ASN H 67 36.25 3.75 -6.26
N SER H 68 35.72 3.60 -7.49
CA SER H 68 36.32 2.78 -8.55
C SER H 68 35.99 3.34 -9.92
N GLY H 69 36.98 3.29 -10.81
CA GLY H 69 36.85 3.76 -12.19
C GLY H 69 36.58 5.25 -12.25
N ASN H 70 35.36 5.60 -12.63
CA ASN H 70 34.92 6.99 -12.74
C ASN H 70 33.84 7.36 -11.70
N THR H 71 33.62 6.52 -10.68
CA THR H 71 32.52 6.74 -9.74
C THR H 71 32.84 6.45 -8.29
N ALA H 72 32.48 7.41 -7.42
CA ALA H 72 32.54 7.27 -5.96
C ALA H 72 31.09 7.13 -5.52
N THR H 73 30.85 6.33 -4.50
CA THR H 73 29.50 6.10 -3.99
C THR H 73 29.50 6.28 -2.50
N LEU H 74 28.49 6.98 -2.02
CA LEU H 74 28.24 7.10 -0.61
C LEU H 74 27.02 6.23 -0.36
N THR H 75 27.15 5.28 0.57
CA THR H 75 26.10 4.36 0.93
C THR H 75 25.62 4.65 2.33
N ILE H 76 24.31 4.77 2.49
CA ILE H 76 23.68 4.98 3.78
C ILE H 76 22.70 3.81 3.97
N SER H 77 23.13 2.81 4.74
CA SER H 77 22.34 1.63 5.09
C SER H 77 21.37 2.07 6.19
N GLY H 78 20.20 1.48 6.24
CA GLY H 78 19.20 1.83 7.24
C GLY H 78 18.97 3.33 7.39
N ALA H 79 18.63 4.00 6.26
CA ALA H 79 18.39 5.45 6.21
C ALA H 79 17.26 5.89 7.14
N GLN H 80 17.53 6.93 7.93
CA GLN H 80 16.64 7.53 8.91
C GLN H 80 16.38 8.97 8.54
N ALA H 81 15.36 9.58 9.17
CA ALA H 81 15.01 10.99 9.03
C ALA H 81 16.22 11.87 9.35
N MET H 82 17.06 11.47 10.34
CA MET H 82 18.30 12.21 10.67
C MET H 82 19.33 12.29 9.51
N ASP H 83 19.13 11.50 8.45
CA ASP H 83 20.02 11.52 7.29
C ASP H 83 19.61 12.47 6.15
N GLU H 84 18.46 13.13 6.29
CA GLU H 84 18.04 14.11 5.26
C GLU H 84 19.02 15.23 5.33
N ALA H 85 19.52 15.59 4.16
CA ALA H 85 20.52 16.62 3.98
C ALA H 85 20.91 16.67 2.50
N ASP H 86 21.81 17.59 2.19
CA ASP H 86 22.48 17.67 0.90
C ASP H 86 23.85 17.00 1.17
N TYR H 87 24.34 16.22 0.22
CA TYR H 87 25.60 15.49 0.32
C TYR H 87 26.49 15.92 -0.83
N TYR H 88 27.74 16.25 -0.50
CA TYR H 88 28.71 16.67 -1.50
C TYR H 88 29.91 15.76 -1.50
N CYS H 89 30.28 15.28 -2.69
CA CYS H 89 31.54 14.54 -2.80
C CYS H 89 32.63 15.60 -3.07
N GLN H 90 33.89 15.25 -2.83
CA GLN H 90 35.01 16.17 -2.99
C GLN H 90 36.30 15.37 -3.34
N ALA H 91 37.04 15.79 -4.36
CA ALA H 91 38.33 15.21 -4.76
C ALA H 91 39.22 16.31 -5.31
N TRP H 92 40.53 16.08 -5.32
CA TRP H 92 41.53 17.00 -5.83
C TRP H 92 41.93 16.73 -7.25
N ASP H 93 42.04 17.79 -8.03
CA ASP H 93 42.46 17.76 -9.42
C ASP H 93 43.25 19.04 -9.72
N SER H 94 44.44 18.90 -10.33
CA SER H 94 45.34 20.00 -10.72
C SER H 94 45.60 20.97 -9.56
N ASN H 95 45.86 20.41 -8.38
CA ASN H 95 46.11 21.12 -7.11
C ASN H 95 44.90 21.96 -6.60
N THR H 96 43.67 21.58 -6.97
CA THR H 96 42.46 22.30 -6.51
C THR H 96 41.39 21.36 -5.96
N GLY H 97 40.86 21.73 -4.80
CA GLY H 97 39.76 21.04 -4.15
C GLY H 97 38.54 21.24 -5.04
N VAL H 98 37.88 20.15 -5.42
CA VAL H 98 36.71 20.20 -6.29
C VAL H 98 35.55 19.52 -5.55
N PHE H 99 34.45 20.25 -5.37
CA PHE H 99 33.28 19.65 -4.77
C PHE H 99 32.36 19.21 -5.89
N GLY H 100 31.62 18.14 -5.64
CA GLY H 100 30.63 17.63 -6.57
C GLY H 100 29.39 18.50 -6.63
N THR H 101 28.50 18.21 -7.57
CA THR H 101 27.25 18.93 -7.84
C THR H 101 26.25 19.00 -6.65
N GLY H 102 26.30 18.00 -5.76
CA GLY H 102 25.40 17.94 -4.60
C GLY H 102 24.11 17.18 -4.86
N THR H 103 23.69 16.45 -3.87
CA THR H 103 22.47 15.64 -3.92
C THR H 103 21.66 15.94 -2.71
N LYS H 104 20.36 16.15 -2.89
CA LYS H 104 19.45 16.30 -1.77
C LYS H 104 18.88 14.90 -1.44
N LEU H 105 19.00 14.45 -0.21
CA LEU H 105 18.43 13.14 0.14
C LEU H 105 17.10 13.36 0.86
N THR H 106 16.02 12.79 0.30
CA THR H 106 14.67 12.81 0.87
C THR H 106 14.40 11.43 1.47
N VAL H 107 13.96 11.38 2.73
CA VAL H 107 13.61 10.14 3.42
C VAL H 107 12.07 10.06 3.50
N LEU H 108 11.49 8.96 2.95
CA LEU H 108 10.03 8.75 2.92
C LEU H 108 9.44 8.52 4.31
N ARG H 109 8.13 8.68 4.40
CA ARG H 109 7.39 8.37 5.60
C ARG H 109 5.94 8.16 5.22
N THR H 110 5.08 7.86 6.19
CA THR H 110 3.65 7.68 5.94
C THR H 110 3.02 9.06 5.67
N VAL H 111 1.95 9.07 4.90
CA VAL H 111 1.20 10.27 4.61
C VAL H 111 0.68 10.91 5.94
N ALA H 112 0.88 12.23 6.09
CA ALA H 112 0.41 13.03 7.21
C ALA H 112 -0.29 14.23 6.63
N ALA H 113 -1.59 14.40 6.94
CA ALA H 113 -2.38 15.54 6.46
C ALA H 113 -1.91 16.79 7.25
N PRO H 114 -1.93 18.01 6.64
CA PRO H 114 -1.49 19.19 7.40
C PRO H 114 -2.53 19.64 8.42
N SER H 115 -2.05 20.27 9.49
CA SER H 115 -2.88 21.01 10.42
C SER H 115 -2.92 22.43 9.78
N VAL H 116 -4.15 22.95 9.55
CA VAL H 116 -4.36 24.25 8.92
C VAL H 116 -4.73 25.36 9.95
N PHE H 117 -4.01 26.52 9.89
CA PHE H 117 -4.19 27.66 10.78
C PHE H 117 -4.22 28.94 9.96
N ILE H 118 -5.16 29.85 10.27
CA ILE H 118 -5.28 31.12 9.58
C ILE H 118 -5.07 32.26 10.57
N PHE H 119 -4.32 33.27 10.17
CA PHE H 119 -3.98 34.38 11.04
C PHE H 119 -4.41 35.69 10.39
N PRO H 120 -5.35 36.42 11.03
CA PRO H 120 -5.70 37.75 10.50
C PRO H 120 -4.53 38.73 10.68
N PRO H 121 -4.49 39.85 9.92
CA PRO H 121 -3.39 40.82 10.13
C PRO H 121 -3.46 41.49 11.51
N SER H 122 -2.32 41.81 12.09
CA SER H 122 -2.24 42.50 13.38
C SER H 122 -2.70 43.97 13.21
N ASP H 123 -3.14 44.62 14.32
CA ASP H 123 -3.56 46.01 14.36
C ASP H 123 -2.37 46.90 14.00
N GLU H 124 -1.20 46.57 14.58
CA GLU H 124 0.09 47.23 14.36
C GLU H 124 0.41 47.32 12.87
N GLN H 125 0.17 46.23 12.10
CA GLN H 125 0.41 46.26 10.66
C GLN H 125 -0.59 47.15 9.90
N LEU H 126 -1.89 47.07 10.27
CA LEU H 126 -2.94 47.86 9.64
C LEU H 126 -2.70 49.37 9.74
N LYS H 127 -2.06 49.82 10.83
CA LYS H 127 -1.64 51.20 11.10
C LYS H 127 -0.60 51.66 10.07
N SER H 128 0.08 50.74 9.36
CA SER H 128 1.08 51.08 8.34
C SER H 128 0.51 51.09 6.88
N GLY H 129 -0.78 50.78 6.73
CA GLY H 129 -1.42 50.77 5.43
C GLY H 129 -1.38 49.48 4.63
N THR H 130 -0.89 48.36 5.23
CA THR H 130 -0.88 47.05 4.56
C THR H 130 -1.52 46.00 5.46
N ALA H 131 -2.03 44.93 4.85
CA ALA H 131 -2.64 43.81 5.56
C ALA H 131 -2.09 42.50 5.00
N SER H 132 -1.44 41.72 5.87
CA SER H 132 -0.93 40.41 5.49
C SER H 132 -1.75 39.33 6.20
N VAL H 133 -2.40 38.46 5.41
CA VAL H 133 -3.19 37.38 5.98
C VAL H 133 -2.31 36.13 5.82
N VAL H 134 -2.13 35.37 6.88
CA VAL H 134 -1.24 34.22 6.87
C VAL H 134 -1.96 32.90 7.05
N CYS H 135 -1.68 31.95 6.16
CA CYS H 135 -2.17 30.60 6.28
C CYS H 135 -0.99 29.64 6.50
N LEU H 136 -1.05 28.87 7.60
CA LEU H 136 -0.02 27.91 7.95
C LEU H 136 -0.53 26.48 7.77
N LEU H 137 0.28 25.65 7.09
CA LEU H 137 0.05 24.23 6.85
C LEU H 137 1.19 23.57 7.58
N ASN H 138 0.89 22.99 8.74
CA ASN H 138 1.91 22.43 9.59
C ASN H 138 2.04 20.91 9.55
N ASN H 139 3.29 20.41 9.53
CA ASN H 139 3.72 18.99 9.64
C ASN H 139 3.00 18.01 8.70
N PHE H 140 3.18 18.14 7.38
CA PHE H 140 2.52 17.26 6.43
C PHE H 140 3.53 16.49 5.57
N TYR H 141 3.08 15.40 4.96
CA TYR H 141 3.84 14.58 4.05
C TYR H 141 2.87 13.88 3.06
N PRO H 142 3.15 13.84 1.73
CA PRO H 142 4.31 14.43 1.03
C PRO H 142 4.25 15.97 0.91
N ARG H 143 5.27 16.57 0.29
CA ARG H 143 5.43 18.01 0.04
C ARG H 143 4.32 18.66 -0.79
N GLU H 144 3.70 17.92 -1.70
CA GLU H 144 2.65 18.41 -2.60
C GLU H 144 1.37 18.82 -1.88
N ALA H 145 1.05 20.11 -1.95
CA ALA H 145 -0.12 20.69 -1.32
C ALA H 145 -0.50 21.92 -2.10
N LYS H 146 -1.81 22.22 -2.14
CA LYS H 146 -2.36 23.37 -2.83
C LYS H 146 -3.08 24.23 -1.82
N VAL H 147 -2.71 25.52 -1.79
CA VAL H 147 -3.32 26.55 -0.95
C VAL H 147 -4.02 27.49 -1.90
N GLN H 148 -5.31 27.66 -1.73
CA GLN H 148 -6.11 28.55 -2.56
C GLN H 148 -6.74 29.63 -1.64
N TRP H 149 -6.41 30.91 -1.91
CA TRP H 149 -6.99 32.02 -1.14
C TRP H 149 -8.32 32.44 -1.75
N LYS H 150 -9.30 32.69 -0.89
CA LYS H 150 -10.62 33.18 -1.30
C LYS H 150 -11.01 34.37 -0.42
N VAL H 151 -11.32 35.50 -1.06
CA VAL H 151 -11.74 36.73 -0.41
C VAL H 151 -13.17 37.00 -0.90
N ASP H 152 -14.16 36.90 0.01
CA ASP H 152 -15.60 37.03 -0.30
C ASP H 152 -16.02 36.03 -1.39
N ASN H 153 -15.56 34.75 -1.25
CA ASN H 153 -15.78 33.62 -2.17
C ASN H 153 -15.14 33.83 -3.55
N ALA H 154 -14.23 34.80 -3.68
CA ALA H 154 -13.53 35.09 -4.93
C ALA H 154 -12.06 34.59 -4.89
N LEU H 155 -11.75 33.68 -5.82
CA LEU H 155 -10.43 33.05 -6.04
C LEU H 155 -9.34 34.11 -6.27
N GLN H 156 -8.35 34.19 -5.37
CA GLN H 156 -7.27 35.17 -5.48
C GLN H 156 -6.15 34.64 -6.34
N SER H 157 -5.41 35.55 -6.99
CA SER H 157 -4.27 35.22 -7.86
C SER H 157 -3.33 36.42 -7.96
N GLY H 158 -2.04 36.15 -7.81
CA GLY H 158 -0.98 37.14 -7.91
C GLY H 158 -0.71 38.00 -6.69
N ASN H 159 -1.52 37.83 -5.62
CA ASN H 159 -1.37 38.61 -4.38
C ASN H 159 -0.91 37.78 -3.17
N SER H 160 -0.34 36.60 -3.44
CA SER H 160 0.17 35.75 -2.38
C SER H 160 1.54 35.17 -2.69
N GLN H 161 2.30 34.89 -1.65
CA GLN H 161 3.59 34.22 -1.77
C GLN H 161 3.63 33.05 -0.79
N GLU H 162 4.30 31.97 -1.19
CA GLU H 162 4.48 30.85 -0.30
C GLU H 162 5.91 30.44 -0.07
N SER H 163 6.14 29.73 1.00
CA SER H 163 7.44 29.28 1.43
C SER H 163 7.24 27.91 2.07
N VAL H 164 8.13 26.94 1.73
CA VAL H 164 8.09 25.59 2.26
C VAL H 164 9.42 25.31 2.94
N THR H 165 9.38 24.74 4.15
CA THR H 165 10.58 24.32 4.87
C THR H 165 11.12 23.04 4.17
N GLU H 166 12.37 22.68 4.50
CA GLU H 166 12.94 21.42 4.04
C GLU H 166 12.34 20.35 4.94
N GLN H 167 12.56 19.07 4.65
CA GLN H 167 12.11 17.98 5.50
C GLN H 167 12.62 18.14 6.92
N ASP H 168 11.72 18.02 7.90
CA ASP H 168 12.09 18.05 9.31
C ASP H 168 12.98 16.84 9.62
N SER H 169 14.15 17.08 10.21
CA SER H 169 15.17 16.09 10.58
C SER H 169 14.70 15.11 11.69
N LYS H 170 13.48 15.30 12.25
CA LYS H 170 12.94 14.45 13.30
C LYS H 170 11.77 13.60 12.80
N ASP H 171 10.88 14.18 11.98
CA ASP H 171 9.70 13.43 11.53
C ASP H 171 9.53 13.32 10.03
N SER H 172 10.41 13.93 9.20
CA SER H 172 10.41 13.88 7.73
C SER H 172 9.24 14.64 7.09
N THR H 173 8.57 15.49 7.88
CA THR H 173 7.43 16.29 7.38
C THR H 173 7.90 17.69 6.88
N TYR H 174 7.00 18.41 6.20
CA TYR H 174 7.20 19.77 5.71
C TYR H 174 6.16 20.62 6.34
N SER H 175 6.42 21.94 6.35
CA SER H 175 5.48 22.96 6.79
C SER H 175 5.49 24.03 5.69
N LEU H 176 4.35 24.65 5.50
CA LEU H 176 4.17 25.63 4.45
C LEU H 176 3.51 26.87 5.02
N SER H 177 3.98 28.03 4.52
CA SER H 177 3.45 29.34 4.88
C SER H 177 3.00 30.03 3.62
N SER H 178 1.75 30.54 3.61
CA SER H 178 1.13 31.29 2.53
C SER H 178 0.70 32.66 3.08
N THR H 179 1.20 33.73 2.47
CA THR H 179 0.87 35.08 2.90
C THR H 179 0.12 35.79 1.79
N LEU H 180 -1.08 36.25 2.08
CA LEU H 180 -1.90 37.06 1.16
C LEU H 180 -1.71 38.53 1.59
N THR H 181 -1.12 39.35 0.71
CA THR H 181 -0.87 40.77 1.02
C THR H 181 -1.78 41.68 0.22
N LEU H 182 -2.50 42.52 0.95
CA LEU H 182 -3.47 43.50 0.44
C LEU H 182 -3.15 44.86 1.05
N SER H 183 -3.65 45.95 0.42
CA SER H 183 -3.54 47.29 1.00
C SER H 183 -4.62 47.33 2.09
N LYS H 184 -4.45 48.17 3.14
CA LYS H 184 -5.45 48.33 4.20
C LYS H 184 -6.82 48.67 3.59
N ALA H 185 -6.83 49.53 2.54
CA ALA H 185 -8.04 49.96 1.83
C ALA H 185 -8.77 48.79 1.15
N ASP H 186 -8.04 47.90 0.46
CA ASP H 186 -8.65 46.74 -0.21
C ASP H 186 -9.09 45.74 0.84
N TYR H 187 -8.34 45.64 1.94
CA TYR H 187 -8.64 44.72 3.04
C TYR H 187 -9.96 45.03 3.73
N GLU H 188 -10.25 46.33 3.91
CA GLU H 188 -11.46 46.83 4.58
C GLU H 188 -12.71 46.86 3.70
N LYS H 189 -12.56 46.58 2.40
CA LYS H 189 -13.66 46.49 1.44
C LYS H 189 -14.27 45.08 1.45
N HIS H 190 -13.70 44.13 2.23
CA HIS H 190 -14.16 42.75 2.22
C HIS H 190 -14.41 42.16 3.59
N LYS H 191 -15.28 41.14 3.64
CA LYS H 191 -15.64 40.47 4.89
C LYS H 191 -14.91 39.11 5.11
N VAL H 192 -15.18 38.11 4.24
CA VAL H 192 -14.70 36.72 4.36
C VAL H 192 -13.32 36.48 3.77
N TYR H 193 -12.39 36.06 4.63
CA TYR H 193 -11.01 35.73 4.26
C TYR H 193 -10.84 34.26 4.50
N ALA H 194 -10.56 33.49 3.43
CA ALA H 194 -10.45 32.04 3.55
C ALA H 194 -9.29 31.40 2.84
N CYS H 195 -8.72 30.40 3.48
CA CYS H 195 -7.58 29.61 3.05
C CYS H 195 -8.12 28.18 2.76
N GLU H 196 -8.13 27.72 1.49
CA GLU H 196 -8.65 26.39 1.11
C GLU H 196 -7.47 25.47 0.76
N VAL H 197 -7.35 24.36 1.52
CA VAL H 197 -6.23 23.44 1.45
C VAL H 197 -6.58 22.05 0.88
N THR H 198 -5.82 21.63 -0.12
CA THR H 198 -5.85 20.34 -0.77
C THR H 198 -4.48 19.63 -0.56
N HIS H 199 -4.51 18.34 -0.24
CA HIS H 199 -3.34 17.49 0.02
C HIS H 199 -3.86 16.07 -0.07
N GLN H 200 -2.94 15.10 -0.33
CA GLN H 200 -3.18 13.67 -0.49
C GLN H 200 -3.92 13.08 0.72
N GLY H 201 -3.56 13.54 1.93
CA GLY H 201 -4.12 13.09 3.20
C GLY H 201 -5.47 13.65 3.56
N LEU H 202 -6.03 14.51 2.70
CA LEU H 202 -7.33 15.14 2.88
C LEU H 202 -8.36 14.59 1.87
N SER H 203 -9.41 13.91 2.41
CA SER H 203 -10.51 13.33 1.61
C SER H 203 -11.32 14.44 0.92
N SER H 204 -11.40 15.60 1.58
CA SER H 204 -12.09 16.80 1.10
C SER H 204 -11.20 18.01 1.35
N PRO H 205 -11.34 19.13 0.58
CA PRO H 205 -10.57 20.36 0.90
C PRO H 205 -10.86 20.92 2.29
N VAL H 206 -9.81 21.36 3.01
CA VAL H 206 -9.96 21.95 4.35
C VAL H 206 -9.96 23.47 4.20
N THR H 207 -11.05 24.13 4.65
CA THR H 207 -11.14 25.59 4.60
C THR H 207 -11.04 26.18 6.00
N LYS H 208 -10.15 27.14 6.18
CA LYS H 208 -10.01 27.91 7.41
C LYS H 208 -10.31 29.36 7.03
N SER H 209 -11.31 29.97 7.71
CA SER H 209 -11.72 31.34 7.42
C SER H 209 -12.00 32.18 8.63
N PHE H 210 -12.15 33.50 8.42
CA PHE H 210 -12.51 34.46 9.46
C PHE H 210 -13.19 35.60 8.75
N ASN H 211 -14.01 36.33 9.49
CA ASN H 211 -14.70 37.52 9.02
C ASN H 211 -13.96 38.69 9.64
N ARG H 212 -13.54 39.66 8.80
CA ARG H 212 -12.85 40.90 9.22
C ARG H 212 -13.76 41.66 10.25
N GLY H 213 -13.19 42.00 11.40
CA GLY H 213 -13.91 42.64 12.48
C GLY H 213 -14.30 41.66 13.58
N GLY I 3 33.54 -5.39 15.87
CA GLY I 3 32.60 -6.41 15.42
C GLY I 3 32.43 -7.64 16.30
N TRP I 4 33.53 -8.11 16.91
CA TRP I 4 33.62 -9.29 17.80
C TRP I 4 32.81 -9.12 19.10
N LEU I 5 32.52 -7.85 19.49
CA LEU I 5 31.75 -7.47 20.68
C LEU I 5 30.31 -7.98 20.57
N ALA I 6 29.82 -8.14 19.31
CA ALA I 6 28.51 -8.65 18.95
C ALA I 6 28.24 -9.97 19.65
N GLY I 7 29.31 -10.77 19.84
CA GLY I 7 29.29 -12.08 20.48
C GLY I 7 28.79 -12.06 21.91
N LEU I 8 28.96 -10.93 22.57
CA LEU I 8 28.52 -10.75 23.95
C LEU I 8 27.01 -10.47 24.08
N PHE I 9 26.33 -10.17 22.95
CA PHE I 9 24.90 -9.85 22.89
C PHE I 9 23.97 -11.03 22.52
N TYR I 10 24.53 -12.05 21.84
CA TYR I 10 23.78 -13.23 21.40
C TYR I 10 24.71 -14.42 20.97
N GLN I 11 24.10 -15.60 20.86
CA GLN I 11 24.66 -16.88 20.50
C GLN I 11 24.43 -17.15 19.02
N HIS I 12 25.53 -17.53 18.33
CA HIS I 12 25.51 -17.92 16.93
C HIS I 12 25.24 -19.42 16.95
N LYS I 13 24.32 -19.87 16.11
CA LYS I 13 23.97 -21.29 16.00
C LYS I 13 24.80 -22.00 14.89
N GLY J 3 -19.40 27.38 -37.92
CA GLY J 3 -20.74 27.96 -37.80
C GLY J 3 -21.60 27.24 -36.78
N TRP J 4 -22.92 27.17 -37.05
CA TRP J 4 -23.92 26.51 -36.20
C TRP J 4 -23.78 24.99 -36.11
N LEU J 5 -23.02 24.39 -37.07
CA LEU J 5 -22.70 22.97 -37.18
C LEU J 5 -21.76 22.52 -36.06
N ALA J 6 -20.84 23.42 -35.64
CA ALA J 6 -19.85 23.20 -34.58
C ALA J 6 -20.51 22.76 -33.28
N GLY J 7 -21.76 23.21 -33.09
CA GLY J 7 -22.60 22.89 -31.94
C GLY J 7 -22.98 21.42 -31.83
N LEU J 8 -22.97 20.68 -32.96
CA LEU J 8 -23.25 19.23 -33.00
C LEU J 8 -22.06 18.40 -32.52
N PHE J 9 -20.88 19.05 -32.37
CA PHE J 9 -19.63 18.40 -31.96
C PHE J 9 -19.28 18.53 -30.46
N TYR J 10 -19.85 19.55 -29.78
CA TYR J 10 -19.63 19.82 -28.36
C TYR J 10 -20.66 20.77 -27.78
N GLN J 11 -20.72 20.80 -26.44
CA GLN J 11 -21.63 21.61 -25.63
C GLN J 11 -20.97 22.92 -25.20
N HIS J 12 -21.68 24.03 -25.40
CA HIS J 12 -21.28 25.36 -24.99
C HIS J 12 -21.78 25.50 -23.56
N LYS J 13 -20.90 25.93 -22.64
CA LYS J 13 -21.22 26.10 -21.23
C LYS J 13 -21.54 27.57 -20.97
N GLY K 3 -38.85 3.46 -19.83
CA GLY K 3 -40.23 3.94 -19.75
C GLY K 3 -41.08 3.05 -18.87
N TRP K 4 -42.38 2.93 -19.21
CA TRP K 4 -43.36 2.10 -18.50
C TRP K 4 -43.05 0.60 -18.58
N LEU K 5 -42.26 0.18 -19.62
CA LEU K 5 -41.79 -1.18 -19.88
C LEU K 5 -40.93 -1.74 -18.74
N ALA K 6 -40.01 -0.93 -18.16
CA ALA K 6 -39.10 -1.34 -17.08
C ALA K 6 -39.87 -1.90 -15.89
N GLY K 7 -41.09 -1.42 -15.71
CA GLY K 7 -42.02 -1.87 -14.69
C GLY K 7 -42.39 -3.33 -14.80
N LEU K 8 -42.32 -3.94 -16.02
CA LEU K 8 -42.58 -5.38 -16.25
C LEU K 8 -41.40 -6.25 -15.81
N PHE K 9 -40.24 -5.62 -15.51
CA PHE K 9 -39.00 -6.30 -15.12
C PHE K 9 -38.75 -6.37 -13.61
N TYR K 10 -39.36 -5.46 -12.83
CA TYR K 10 -39.23 -5.36 -11.39
C TYR K 10 -40.31 -4.47 -10.74
N GLN K 11 -40.45 -4.59 -9.40
CA GLN K 11 -41.38 -3.86 -8.56
C GLN K 11 -40.71 -2.65 -7.93
N HIS K 12 -41.38 -1.49 -8.04
CA HIS K 12 -40.96 -0.22 -7.45
C HIS K 12 -41.60 -0.20 -6.06
N LYS K 13 -40.87 0.25 -5.02
CA LYS K 13 -41.44 0.33 -3.67
C LYS K 13 -42.49 1.46 -3.56
N GLY L 3 56.73 22.57 -6.95
CA GLY L 3 55.37 22.12 -6.72
C GLY L 3 55.23 21.10 -5.62
N TRP L 4 56.34 20.83 -4.88
CA TRP L 4 56.43 19.88 -3.77
C TRP L 4 55.57 20.27 -2.56
N LEU L 5 55.25 21.57 -2.47
CA LEU L 5 54.44 22.17 -1.40
C LEU L 5 52.98 21.72 -1.45
N ALA L 6 52.45 21.50 -2.69
CA ALA L 6 51.08 21.05 -2.95
C ALA L 6 50.72 19.78 -2.22
N GLY L 7 51.72 18.92 -2.00
CA GLY L 7 51.62 17.66 -1.27
C GLY L 7 51.25 17.83 0.18
N LEU L 8 51.59 18.99 0.79
CA LEU L 8 51.23 19.30 2.20
C LEU L 8 49.73 19.63 2.35
N PHE L 9 49.04 19.83 1.22
CA PHE L 9 47.61 20.16 1.16
C PHE L 9 46.67 18.97 0.92
N TYR L 10 47.20 17.88 0.31
CA TYR L 10 46.43 16.68 -0.01
C TYR L 10 47.32 15.46 -0.36
N GLN L 11 46.70 14.28 -0.35
CA GLN L 11 47.27 12.96 -0.64
C GLN L 11 47.01 12.58 -2.07
N HIS L 12 48.05 12.12 -2.78
CA HIS L 12 47.96 11.73 -4.19
C HIS L 12 47.22 10.43 -4.63
N LYS L 13 47.38 9.29 -3.91
CA LYS L 13 46.81 7.95 -4.22
C LYS L 13 47.61 7.17 -5.29
#